data_7FV0
# 
_entry.id   7FV0 
# 
_audit_conform.dict_name       mmcif_pdbx.dic 
_audit_conform.dict_version    5.392 
_audit_conform.dict_location   http://mmcif.pdb.org/dictionaries/ascii/mmcif_pdbx.dic 
# 
loop_
_database_2.database_id 
_database_2.database_code 
_database_2.pdbx_database_accession 
_database_2.pdbx_DOI 
PDB   7FV0         pdb_00007fv0 10.2210/pdb7fv0/pdb 
WWPDB D_1001405381 ?            ?                   
# 
loop_
_pdbx_audit_revision_history.ordinal 
_pdbx_audit_revision_history.data_content_type 
_pdbx_audit_revision_history.major_revision 
_pdbx_audit_revision_history.minor_revision 
_pdbx_audit_revision_history.revision_date 
1 'Structure model' 1 0 2023-03-29 
2 'Structure model' 1 1 2024-05-22 
# 
_pdbx_audit_revision_details.ordinal             1 
_pdbx_audit_revision_details.revision_ordinal    1 
_pdbx_audit_revision_details.data_content_type   'Structure model' 
_pdbx_audit_revision_details.provider            repository 
_pdbx_audit_revision_details.type                'Initial release' 
_pdbx_audit_revision_details.description         ? 
_pdbx_audit_revision_details.details             ? 
# 
_pdbx_audit_revision_group.ordinal             1 
_pdbx_audit_revision_group.revision_ordinal    2 
_pdbx_audit_revision_group.data_content_type   'Structure model' 
_pdbx_audit_revision_group.group               'Data collection' 
# 
loop_
_pdbx_audit_revision_category.ordinal 
_pdbx_audit_revision_category.revision_ordinal 
_pdbx_audit_revision_category.data_content_type 
_pdbx_audit_revision_category.category 
1 2 'Structure model' chem_comp_atom 
2 2 'Structure model' chem_comp_bond 
# 
_pdbx_database_status.entry_id                        7FV0 
_pdbx_database_status.status_code                     REL 
_pdbx_database_status.status_code_sf                  REL 
_pdbx_database_status.status_code_mr                  ? 
_pdbx_database_status.status_code_cs                  ? 
_pdbx_database_status.recvd_initial_deposition_date   2023-03-09 
_pdbx_database_status.status_code_nmr_data            ? 
_pdbx_database_status.deposit_site                    RCSB 
_pdbx_database_status.process_site                    RCSB 
_pdbx_database_status.SG_entry                        ? 
_pdbx_database_status.pdb_format_compatible           Y 
_pdbx_database_status.methods_development_category    ? 
# 
_pdbx_contact_author.id                 1 
_pdbx_contact_author.email              frank.von-delft@diamond.ac.uk 
_pdbx_contact_author.name_first         Frank 
_pdbx_contact_author.name_last          'von Delft' 
_pdbx_contact_author.role               'principal investigator/group leader' 
_pdbx_contact_author.identifier_ORCID   0000-0003-0378-0017 
_pdbx_contact_author.name_mi            ? 
# 
loop_
_audit_author.name 
_audit_author.pdbx_ordinal 
'Grosjean, H.'   1 
'Tomlinson, C.'  2 
'Bradshaw, W.J.' 3 
'Koekemoer, L.'  4 
'Krojer, T.'     5 
'Fearon, D.'     6 
'Biggin, P.C.'   7 
'von Delft, F.'  8 
# 
_citation.id                        primary 
_citation.title                     'PanDDA analysis group deposition' 
_citation.journal_abbrev            'To Be Published' 
_citation.journal_volume            ? 
_citation.page_first                ? 
_citation.page_last                 ? 
_citation.year                      ? 
_citation.journal_id_ASTM           ? 
_citation.country                   ? 
_citation.journal_id_ISSN           ? 
_citation.journal_id_CSD            0353 
_citation.book_publisher            ? 
_citation.pdbx_database_id_PubMed   ? 
_citation.pdbx_database_id_DOI      ? 
# 
loop_
_citation_author.citation_id 
_citation_author.name 
_citation_author.identifier_ORCID 
_citation_author.ordinal 
primary 'Grosjean, H.'   ? 1 
primary 'Tomlinson, C.'  ? 2 
primary 'Bradshaw, W.J.' ? 3 
primary 'Koekemoer, L.'  ? 4 
primary 'Krojer, T.'     ? 5 
primary 'Fearon, D.'     ? 6 
primary 'Biggin, P.C.'   ? 7 
primary 'von Delft, F.'  ? 8 
# 
loop_
_entity.id 
_entity.type 
_entity.src_method 
_entity.pdbx_description 
_entity.formula_weight 
_entity.pdbx_number_of_molecules 
_entity.pdbx_ec 
_entity.pdbx_mutation 
_entity.pdbx_fragment 
_entity.details 
1 polymer     man 'PH-interacting protein'                                17627.859 1   ? ? ? ? 
2 non-polymer syn '4-(furan-2-carbonyl)-N-phenylpiperazine-1-carboxamide' 299.324   1   ? ? ? ? 
3 water       nat water                                                   18.015    198 ? ? ? ? 
# 
_entity_name_com.entity_id   1 
_entity_name_com.name        
'PHIP,DDB1- and CUL4-associated factor 14,IRS-1 PH domain-binding protein,WD repeat-containing protein 11' 
# 
_entity_poly.entity_id                      1 
_entity_poly.type                           'polypeptide(L)' 
_entity_poly.nstd_linkage                   no 
_entity_poly.nstd_monomer                   no 
_entity_poly.pdbx_seq_one_letter_code       
;MHHHHHHSSGVDLGTENLYFQSMSYDIQAWKKQCEELLNLIFQCEDSEPFRQPVDLLEYPDYRDIIDTPMDFATVRETLE
AGNYESPMELCKDVRLIFSNSKAYTPSKRSRIYSMSLRLSAFFEEHISSVLSDYKSALRFHKRNTITKR
;
_entity_poly.pdbx_seq_one_letter_code_can   
;MHHHHHHSSGVDLGTENLYFQSMSYDIQAWKKQCEELLNLIFQCEDSEPFRQPVDLLEYPDYRDIIDTPMDFATVRETLE
AGNYESPMELCKDVRLIFSNSKAYTPSKRSRIYSMSLRLSAFFEEHISSVLSDYKSALRFHKRNTITKR
;
_entity_poly.pdbx_strand_id                 A 
_entity_poly.pdbx_target_identifier         ? 
# 
loop_
_pdbx_entity_nonpoly.entity_id 
_pdbx_entity_nonpoly.name 
_pdbx_entity_nonpoly.comp_id 
2 '4-(furan-2-carbonyl)-N-phenylpiperazine-1-carboxamide' ZK6 
3 water                                                   HOH 
# 
loop_
_entity_poly_seq.entity_id 
_entity_poly_seq.num 
_entity_poly_seq.mon_id 
_entity_poly_seq.hetero 
1 1   MET n 
1 2   HIS n 
1 3   HIS n 
1 4   HIS n 
1 5   HIS n 
1 6   HIS n 
1 7   HIS n 
1 8   SER n 
1 9   SER n 
1 10  GLY n 
1 11  VAL n 
1 12  ASP n 
1 13  LEU n 
1 14  GLY n 
1 15  THR n 
1 16  GLU n 
1 17  ASN n 
1 18  LEU n 
1 19  TYR n 
1 20  PHE n 
1 21  GLN n 
1 22  SER n 
1 23  MET n 
1 24  SER n 
1 25  TYR n 
1 26  ASP n 
1 27  ILE n 
1 28  GLN n 
1 29  ALA n 
1 30  TRP n 
1 31  LYS n 
1 32  LYS n 
1 33  GLN n 
1 34  CYS n 
1 35  GLU n 
1 36  GLU n 
1 37  LEU n 
1 38  LEU n 
1 39  ASN n 
1 40  LEU n 
1 41  ILE n 
1 42  PHE n 
1 43  GLN n 
1 44  CYS n 
1 45  GLU n 
1 46  ASP n 
1 47  SER n 
1 48  GLU n 
1 49  PRO n 
1 50  PHE n 
1 51  ARG n 
1 52  GLN n 
1 53  PRO n 
1 54  VAL n 
1 55  ASP n 
1 56  LEU n 
1 57  LEU n 
1 58  GLU n 
1 59  TYR n 
1 60  PRO n 
1 61  ASP n 
1 62  TYR n 
1 63  ARG n 
1 64  ASP n 
1 65  ILE n 
1 66  ILE n 
1 67  ASP n 
1 68  THR n 
1 69  PRO n 
1 70  MET n 
1 71  ASP n 
1 72  PHE n 
1 73  ALA n 
1 74  THR n 
1 75  VAL n 
1 76  ARG n 
1 77  GLU n 
1 78  THR n 
1 79  LEU n 
1 80  GLU n 
1 81  ALA n 
1 82  GLY n 
1 83  ASN n 
1 84  TYR n 
1 85  GLU n 
1 86  SER n 
1 87  PRO n 
1 88  MET n 
1 89  GLU n 
1 90  LEU n 
1 91  CYS n 
1 92  LYS n 
1 93  ASP n 
1 94  VAL n 
1 95  ARG n 
1 96  LEU n 
1 97  ILE n 
1 98  PHE n 
1 99  SER n 
1 100 ASN n 
1 101 SER n 
1 102 LYS n 
1 103 ALA n 
1 104 TYR n 
1 105 THR n 
1 106 PRO n 
1 107 SER n 
1 108 LYS n 
1 109 ARG n 
1 110 SER n 
1 111 ARG n 
1 112 ILE n 
1 113 TYR n 
1 114 SER n 
1 115 MET n 
1 116 SER n 
1 117 LEU n 
1 118 ARG n 
1 119 LEU n 
1 120 SER n 
1 121 ALA n 
1 122 PHE n 
1 123 PHE n 
1 124 GLU n 
1 125 GLU n 
1 126 HIS n 
1 127 ILE n 
1 128 SER n 
1 129 SER n 
1 130 VAL n 
1 131 LEU n 
1 132 SER n 
1 133 ASP n 
1 134 TYR n 
1 135 LYS n 
1 136 SER n 
1 137 ALA n 
1 138 LEU n 
1 139 ARG n 
1 140 PHE n 
1 141 HIS n 
1 142 LYS n 
1 143 ARG n 
1 144 ASN n 
1 145 THR n 
1 146 ILE n 
1 147 THR n 
1 148 LYS n 
1 149 ARG n 
# 
_entity_src_gen.entity_id                          1 
_entity_src_gen.pdbx_src_id                        1 
_entity_src_gen.pdbx_alt_source_flag               sample 
_entity_src_gen.pdbx_seq_type                      'Biological sequence' 
_entity_src_gen.pdbx_beg_seq_num                   1 
_entity_src_gen.pdbx_end_seq_num                   149 
_entity_src_gen.gene_src_common_name               human 
_entity_src_gen.gene_src_genus                     ? 
_entity_src_gen.pdbx_gene_src_gene                 'PHIP, DCAF14, WDR11' 
_entity_src_gen.gene_src_species                   ? 
_entity_src_gen.gene_src_strain                    ? 
_entity_src_gen.gene_src_tissue                    ? 
_entity_src_gen.gene_src_tissue_fraction           ? 
_entity_src_gen.gene_src_details                   ? 
_entity_src_gen.pdbx_gene_src_fragment             ? 
_entity_src_gen.pdbx_gene_src_scientific_name      'Homo sapiens' 
_entity_src_gen.pdbx_gene_src_ncbi_taxonomy_id     9606 
_entity_src_gen.pdbx_gene_src_variant              ? 
_entity_src_gen.pdbx_gene_src_cell_line            ? 
_entity_src_gen.pdbx_gene_src_atcc                 ? 
_entity_src_gen.pdbx_gene_src_organ                ? 
_entity_src_gen.pdbx_gene_src_organelle            ? 
_entity_src_gen.pdbx_gene_src_cell                 ? 
_entity_src_gen.pdbx_gene_src_cellular_location    ? 
_entity_src_gen.host_org_common_name               ? 
_entity_src_gen.pdbx_host_org_scientific_name      'Escherichia coli' 
_entity_src_gen.pdbx_host_org_ncbi_taxonomy_id     562 
_entity_src_gen.host_org_genus                     ? 
_entity_src_gen.pdbx_host_org_gene                 ? 
_entity_src_gen.pdbx_host_org_organ                ? 
_entity_src_gen.host_org_species                   ? 
_entity_src_gen.pdbx_host_org_tissue               ? 
_entity_src_gen.pdbx_host_org_tissue_fraction      ? 
_entity_src_gen.pdbx_host_org_strain               ? 
_entity_src_gen.pdbx_host_org_variant              ? 
_entity_src_gen.pdbx_host_org_cell_line            ? 
_entity_src_gen.pdbx_host_org_atcc                 ? 
_entity_src_gen.pdbx_host_org_culture_collection   ? 
_entity_src_gen.pdbx_host_org_cell                 ? 
_entity_src_gen.pdbx_host_org_organelle            ? 
_entity_src_gen.pdbx_host_org_cellular_location    ? 
_entity_src_gen.pdbx_host_org_vector_type          ? 
_entity_src_gen.pdbx_host_org_vector               ? 
_entity_src_gen.host_org_details                   ? 
_entity_src_gen.expression_system_id               ? 
_entity_src_gen.plasmid_name                       ? 
_entity_src_gen.plasmid_details                    ? 
_entity_src_gen.pdbx_description                   ? 
# 
loop_
_chem_comp.id 
_chem_comp.type 
_chem_comp.mon_nstd_flag 
_chem_comp.name 
_chem_comp.pdbx_synonyms 
_chem_comp.formula 
_chem_comp.formula_weight 
ALA 'L-peptide linking' y ALANINE                                                 ? 'C3 H7 N O2'     89.093  
ARG 'L-peptide linking' y ARGININE                                                ? 'C6 H15 N4 O2 1' 175.209 
ASN 'L-peptide linking' y ASPARAGINE                                              ? 'C4 H8 N2 O3'    132.118 
ASP 'L-peptide linking' y 'ASPARTIC ACID'                                         ? 'C4 H7 N O4'     133.103 
CYS 'L-peptide linking' y CYSTEINE                                                ? 'C3 H7 N O2 S'   121.158 
GLN 'L-peptide linking' y GLUTAMINE                                               ? 'C5 H10 N2 O3'   146.144 
GLU 'L-peptide linking' y 'GLUTAMIC ACID'                                         ? 'C5 H9 N O4'     147.129 
GLY 'peptide linking'   y GLYCINE                                                 ? 'C2 H5 N O2'     75.067  
HIS 'L-peptide linking' y HISTIDINE                                               ? 'C6 H10 N3 O2 1' 156.162 
HOH non-polymer         . WATER                                                   ? 'H2 O'           18.015  
ILE 'L-peptide linking' y ISOLEUCINE                                              ? 'C6 H13 N O2'    131.173 
LEU 'L-peptide linking' y LEUCINE                                                 ? 'C6 H13 N O2'    131.173 
LYS 'L-peptide linking' y LYSINE                                                  ? 'C6 H15 N2 O2 1' 147.195 
MET 'L-peptide linking' y METHIONINE                                              ? 'C5 H11 N O2 S'  149.211 
PHE 'L-peptide linking' y PHENYLALANINE                                           ? 'C9 H11 N O2'    165.189 
PRO 'L-peptide linking' y PROLINE                                                 ? 'C5 H9 N O2'     115.130 
SER 'L-peptide linking' y SERINE                                                  ? 'C3 H7 N O3'     105.093 
THR 'L-peptide linking' y THREONINE                                               ? 'C4 H9 N O3'     119.119 
TRP 'L-peptide linking' y TRYPTOPHAN                                              ? 'C11 H12 N2 O2'  204.225 
TYR 'L-peptide linking' y TYROSINE                                                ? 'C9 H11 N O3'    181.189 
VAL 'L-peptide linking' y VALINE                                                  ? 'C5 H11 N O2'    117.146 
ZK6 non-polymer         . '4-(furan-2-carbonyl)-N-phenylpiperazine-1-carboxamide' ? 'C16 H17 N3 O3'  299.324 
# 
loop_
_pdbx_poly_seq_scheme.asym_id 
_pdbx_poly_seq_scheme.entity_id 
_pdbx_poly_seq_scheme.seq_id 
_pdbx_poly_seq_scheme.mon_id 
_pdbx_poly_seq_scheme.ndb_seq_num 
_pdbx_poly_seq_scheme.pdb_seq_num 
_pdbx_poly_seq_scheme.auth_seq_num 
_pdbx_poly_seq_scheme.pdb_mon_id 
_pdbx_poly_seq_scheme.auth_mon_id 
_pdbx_poly_seq_scheme.pdb_strand_id 
_pdbx_poly_seq_scheme.pdb_ins_code 
_pdbx_poly_seq_scheme.hetero 
A 1 1   MET 1   1292 ?    ?   ?   A . n 
A 1 2   HIS 2   1293 ?    ?   ?   A . n 
A 1 3   HIS 3   1294 ?    ?   ?   A . n 
A 1 4   HIS 4   1295 ?    ?   ?   A . n 
A 1 5   HIS 5   1296 ?    ?   ?   A . n 
A 1 6   HIS 6   1297 ?    ?   ?   A . n 
A 1 7   HIS 7   1298 ?    ?   ?   A . n 
A 1 8   SER 8   1299 ?    ?   ?   A . n 
A 1 9   SER 9   1300 ?    ?   ?   A . n 
A 1 10  GLY 10  1301 ?    ?   ?   A . n 
A 1 11  VAL 11  1302 ?    ?   ?   A . n 
A 1 12  ASP 12  1303 ?    ?   ?   A . n 
A 1 13  LEU 13  1304 ?    ?   ?   A . n 
A 1 14  GLY 14  1305 ?    ?   ?   A . n 
A 1 15  THR 15  1306 ?    ?   ?   A . n 
A 1 16  GLU 16  1307 ?    ?   ?   A . n 
A 1 17  ASN 17  1308 ?    ?   ?   A . n 
A 1 18  LEU 18  1309 ?    ?   ?   A . n 
A 1 19  TYR 19  1310 ?    ?   ?   A . n 
A 1 20  PHE 20  1311 ?    ?   ?   A . n 
A 1 21  GLN 21  1312 ?    ?   ?   A . n 
A 1 22  SER 22  1313 ?    ?   ?   A . n 
A 1 23  MET 23  1314 ?    ?   ?   A . n 
A 1 24  SER 24  1315 1315 SER SER A . n 
A 1 25  TYR 25  1316 1316 TYR TYR A . n 
A 1 26  ASP 26  1317 1317 ASP ASP A . n 
A 1 27  ILE 27  1318 1318 ILE ILE A . n 
A 1 28  GLN 28  1319 1319 GLN GLN A . n 
A 1 29  ALA 29  1320 1320 ALA ALA A . n 
A 1 30  TRP 30  1321 1321 TRP TRP A . n 
A 1 31  LYS 31  1322 1322 LYS LYS A . n 
A 1 32  LYS 32  1323 1323 LYS LYS A . n 
A 1 33  GLN 33  1324 1324 GLN GLN A . n 
A 1 34  CYS 34  1325 1325 CYS CYS A . n 
A 1 35  GLU 35  1326 1326 GLU GLU A . n 
A 1 36  GLU 36  1327 1327 GLU GLU A . n 
A 1 37  LEU 37  1328 1328 LEU LEU A . n 
A 1 38  LEU 38  1329 1329 LEU LEU A . n 
A 1 39  ASN 39  1330 1330 ASN ASN A . n 
A 1 40  LEU 40  1331 1331 LEU LEU A . n 
A 1 41  ILE 41  1332 1332 ILE ILE A . n 
A 1 42  PHE 42  1333 1333 PHE PHE A . n 
A 1 43  GLN 43  1334 1334 GLN GLN A . n 
A 1 44  CYS 44  1335 1335 CYS CYS A . n 
A 1 45  GLU 45  1336 1336 GLU GLU A . n 
A 1 46  ASP 46  1337 1337 ASP ASP A . n 
A 1 47  SER 47  1338 1338 SER SER A . n 
A 1 48  GLU 48  1339 1339 GLU GLU A . n 
A 1 49  PRO 49  1340 1340 PRO PRO A . n 
A 1 50  PHE 50  1341 1341 PHE PHE A . n 
A 1 51  ARG 51  1342 1342 ARG ARG A . n 
A 1 52  GLN 52  1343 1343 GLN GLN A . n 
A 1 53  PRO 53  1344 1344 PRO PRO A . n 
A 1 54  VAL 54  1345 1345 VAL VAL A . n 
A 1 55  ASP 55  1346 1346 ASP ASP A . n 
A 1 56  LEU 56  1347 1347 LEU LEU A . n 
A 1 57  LEU 57  1348 1348 LEU LEU A . n 
A 1 58  GLU 58  1349 1349 GLU GLU A . n 
A 1 59  TYR 59  1350 1350 TYR TYR A . n 
A 1 60  PRO 60  1351 1351 PRO PRO A . n 
A 1 61  ASP 61  1352 1352 ASP ASP A . n 
A 1 62  TYR 62  1353 1353 TYR TYR A . n 
A 1 63  ARG 63  1354 1354 ARG ARG A . n 
A 1 64  ASP 64  1355 1355 ASP ASP A . n 
A 1 65  ILE 65  1356 1356 ILE ILE A . n 
A 1 66  ILE 66  1357 1357 ILE ILE A . n 
A 1 67  ASP 67  1358 1358 ASP ASP A . n 
A 1 68  THR 68  1359 1359 THR THR A . n 
A 1 69  PRO 69  1360 1360 PRO PRO A . n 
A 1 70  MET 70  1361 1361 MET MET A . n 
A 1 71  ASP 71  1362 1362 ASP ASP A . n 
A 1 72  PHE 72  1363 1363 PHE PHE A . n 
A 1 73  ALA 73  1364 1364 ALA ALA A . n 
A 1 74  THR 74  1365 1365 THR THR A . n 
A 1 75  VAL 75  1366 1366 VAL VAL A . n 
A 1 76  ARG 76  1367 1367 ARG ARG A . n 
A 1 77  GLU 77  1368 1368 GLU GLU A . n 
A 1 78  THR 78  1369 1369 THR THR A . n 
A 1 79  LEU 79  1370 1370 LEU LEU A . n 
A 1 80  GLU 80  1371 1371 GLU GLU A . n 
A 1 81  ALA 81  1372 1372 ALA ALA A . n 
A 1 82  GLY 82  1373 1373 GLY GLY A . n 
A 1 83  ASN 83  1374 1374 ASN ASN A . n 
A 1 84  TYR 84  1375 1375 TYR TYR A . n 
A 1 85  GLU 85  1376 1376 GLU GLU A . n 
A 1 86  SER 86  1377 1377 SER SER A . n 
A 1 87  PRO 87  1378 1378 PRO PRO A . n 
A 1 88  MET 88  1379 1379 MET MET A . n 
A 1 89  GLU 89  1380 1380 GLU GLU A . n 
A 1 90  LEU 90  1381 1381 LEU LEU A . n 
A 1 91  CYS 91  1382 1382 CYS CYS A . n 
A 1 92  LYS 92  1383 1383 LYS LYS A . n 
A 1 93  ASP 93  1384 1384 ASP ASP A . n 
A 1 94  VAL 94  1385 1385 VAL VAL A . n 
A 1 95  ARG 95  1386 1386 ARG ARG A . n 
A 1 96  LEU 96  1387 1387 LEU LEU A . n 
A 1 97  ILE 97  1388 1388 ILE ILE A . n 
A 1 98  PHE 98  1389 1389 PHE PHE A . n 
A 1 99  SER 99  1390 1390 SER SER A . n 
A 1 100 ASN 100 1391 1391 ASN ASN A . n 
A 1 101 SER 101 1392 1392 SER SER A . n 
A 1 102 LYS 102 1393 1393 LYS LYS A . n 
A 1 103 ALA 103 1394 1394 ALA ALA A . n 
A 1 104 TYR 104 1395 1395 TYR TYR A . n 
A 1 105 THR 105 1396 1396 THR THR A . n 
A 1 106 PRO 106 1397 1397 PRO PRO A . n 
A 1 107 SER 107 1398 1398 SER SER A . n 
A 1 108 LYS 108 1399 1399 LYS LYS A . n 
A 1 109 ARG 109 1400 1400 ARG ARG A . n 
A 1 110 SER 110 1401 1401 SER SER A . n 
A 1 111 ARG 111 1402 1402 ARG ARG A . n 
A 1 112 ILE 112 1403 1403 ILE ILE A . n 
A 1 113 TYR 113 1404 1404 TYR TYR A . n 
A 1 114 SER 114 1405 1405 SER SER A . n 
A 1 115 MET 115 1406 1406 MET MET A . n 
A 1 116 SER 116 1407 1407 SER SER A . n 
A 1 117 LEU 117 1408 1408 LEU LEU A . n 
A 1 118 ARG 118 1409 1409 ARG ARG A . n 
A 1 119 LEU 119 1410 1410 LEU LEU A . n 
A 1 120 SER 120 1411 1411 SER SER A . n 
A 1 121 ALA 121 1412 1412 ALA ALA A . n 
A 1 122 PHE 122 1413 1413 PHE PHE A . n 
A 1 123 PHE 123 1414 1414 PHE PHE A . n 
A 1 124 GLU 124 1415 1415 GLU GLU A . n 
A 1 125 GLU 125 1416 1416 GLU GLU A . n 
A 1 126 HIS 126 1417 1417 HIS HIS A . n 
A 1 127 ILE 127 1418 1418 ILE ILE A . n 
A 1 128 SER 128 1419 1419 SER SER A . n 
A 1 129 SER 129 1420 1420 SER SER A . n 
A 1 130 VAL 130 1421 1421 VAL VAL A . n 
A 1 131 LEU 131 1422 1422 LEU LEU A . n 
A 1 132 SER 132 1423 1423 SER SER A . n 
A 1 133 ASP 133 1424 1424 ASP ASP A . n 
A 1 134 TYR 134 1425 1425 TYR TYR A . n 
A 1 135 LYS 135 1426 1426 LYS LYS A . n 
A 1 136 SER 136 1427 1427 SER SER A . n 
A 1 137 ALA 137 1428 1428 ALA ALA A . n 
A 1 138 LEU 138 1429 1429 LEU LEU A . n 
A 1 139 ARG 139 1430 1430 ARG ARG A . n 
A 1 140 PHE 140 1431 1431 PHE PHE A . n 
A 1 141 HIS 141 1432 1432 HIS HIS A . n 
A 1 142 LYS 142 1433 1433 LYS LYS A . n 
A 1 143 ARG 143 1434 1434 ARG ARG A . n 
A 1 144 ASN 144 1435 1435 ASN ASN A . n 
A 1 145 THR 145 1436 ?    ?   ?   A . n 
A 1 146 ILE 146 1437 ?    ?   ?   A . n 
A 1 147 THR 147 1438 ?    ?   ?   A . n 
A 1 148 LYS 148 1439 ?    ?   ?   A . n 
A 1 149 ARG 149 1440 ?    ?   ?   A . n 
# 
loop_
_pdbx_nonpoly_scheme.asym_id 
_pdbx_nonpoly_scheme.entity_id 
_pdbx_nonpoly_scheme.mon_id 
_pdbx_nonpoly_scheme.ndb_seq_num 
_pdbx_nonpoly_scheme.pdb_seq_num 
_pdbx_nonpoly_scheme.auth_seq_num 
_pdbx_nonpoly_scheme.pdb_mon_id 
_pdbx_nonpoly_scheme.auth_mon_id 
_pdbx_nonpoly_scheme.pdb_strand_id 
_pdbx_nonpoly_scheme.pdb_ins_code 
B 2 ZK6 1   1901 1901 ZK6 LIG A . 
C 3 HOH 1   2001 5    HOH HOH A . 
C 3 HOH 2   2002 1662 HOH HOH A . 
C 3 HOH 3   2003 1653 HOH HOH A . 
C 3 HOH 4   2004 1610 HOH HOH A . 
C 3 HOH 5   2005 1614 HOH HOH A . 
C 3 HOH 6   2006 1767 HOH HOH A . 
C 3 HOH 7   2007 1602 HOH HOH A . 
C 3 HOH 8   2008 1660 HOH HOH A . 
C 3 HOH 9   2009 1712 HOH HOH A . 
C 3 HOH 10  2010 1739 HOH HOH A . 
C 3 HOH 11  2011 1750 HOH HOH A . 
C 3 HOH 12  2012 1642 HOH HOH A . 
C 3 HOH 13  2013 1608 HOH HOH A . 
C 3 HOH 14  2014 17   HOH HOH A . 
C 3 HOH 15  2015 1607 HOH HOH A . 
C 3 HOH 16  2016 1609 HOH HOH A . 
C 3 HOH 17  2017 1745 HOH HOH A . 
C 3 HOH 18  2018 1638 HOH HOH A . 
C 3 HOH 19  2019 1692 HOH HOH A . 
C 3 HOH 20  2020 16   HOH HOH A . 
C 3 HOH 21  2021 1648 HOH HOH A . 
C 3 HOH 22  2022 1771 HOH HOH A . 
C 3 HOH 23  2023 1748 HOH HOH A . 
C 3 HOH 24  2024 1655 HOH HOH A . 
C 3 HOH 25  2025 1612 HOH HOH A . 
C 3 HOH 26  2026 1624 HOH HOH A . 
C 3 HOH 27  2027 7    HOH HOH A . 
C 3 HOH 28  2028 1633 HOH HOH A . 
C 3 HOH 29  2029 1629 HOH HOH A . 
C 3 HOH 30  2030 1    HOH HOH A . 
C 3 HOH 31  2031 1625 HOH HOH A . 
C 3 HOH 32  2032 1622 HOH HOH A . 
C 3 HOH 33  2033 1646 HOH HOH A . 
C 3 HOH 34  2034 1616 HOH HOH A . 
C 3 HOH 35  2035 1623 HOH HOH A . 
C 3 HOH 36  2036 1757 HOH HOH A . 
C 3 HOH 37  2037 1632 HOH HOH A . 
C 3 HOH 38  2038 1603 HOH HOH A . 
C 3 HOH 39  2039 1615 HOH HOH A . 
C 3 HOH 40  2040 1664 HOH HOH A . 
C 3 HOH 41  2041 1630 HOH HOH A . 
C 3 HOH 42  2042 1626 HOH HOH A . 
C 3 HOH 43  2043 1676 HOH HOH A . 
C 3 HOH 44  2044 1677 HOH HOH A . 
C 3 HOH 45  2045 1658 HOH HOH A . 
C 3 HOH 46  2046 6    HOH HOH A . 
C 3 HOH 47  2047 1617 HOH HOH A . 
C 3 HOH 48  2048 1631 HOH HOH A . 
C 3 HOH 49  2049 1620 HOH HOH A . 
C 3 HOH 50  2050 1644 HOH HOH A . 
C 3 HOH 51  2051 1732 HOH HOH A . 
C 3 HOH 52  2052 1731 HOH HOH A . 
C 3 HOH 53  2053 1649 HOH HOH A . 
C 3 HOH 54  2054 1678 HOH HOH A . 
C 3 HOH 55  2055 1663 HOH HOH A . 
C 3 HOH 56  2056 1671 HOH HOH A . 
C 3 HOH 57  2057 1650 HOH HOH A . 
C 3 HOH 58  2058 1605 HOH HOH A . 
C 3 HOH 59  2059 1645 HOH HOH A . 
C 3 HOH 60  2060 1619 HOH HOH A . 
C 3 HOH 61  2061 10   HOH HOH A . 
C 3 HOH 62  2062 1628 HOH HOH A . 
C 3 HOH 63  2063 1640 HOH HOH A . 
C 3 HOH 64  2064 1643 HOH HOH A . 
C 3 HOH 65  2065 1673 HOH HOH A . 
C 3 HOH 66  2066 1720 HOH HOH A . 
C 3 HOH 67  2067 1652 HOH HOH A . 
C 3 HOH 68  2068 1733 HOH HOH A . 
C 3 HOH 69  2069 1667 HOH HOH A . 
C 3 HOH 70  2070 1627 HOH HOH A . 
C 3 HOH 71  2071 1665 HOH HOH A . 
C 3 HOH 72  2072 1681 HOH HOH A . 
C 3 HOH 73  2073 1668 HOH HOH A . 
C 3 HOH 74  2074 1680 HOH HOH A . 
C 3 HOH 75  2075 1634 HOH HOH A . 
C 3 HOH 76  2076 1687 HOH HOH A . 
C 3 HOH 77  2077 1700 HOH HOH A . 
C 3 HOH 78  2078 1637 HOH HOH A . 
C 3 HOH 79  2079 1641 HOH HOH A . 
C 3 HOH 80  2080 1666 HOH HOH A . 
C 3 HOH 81  2081 1696 HOH HOH A . 
C 3 HOH 82  2082 1675 HOH HOH A . 
C 3 HOH 83  2083 1613 HOH HOH A . 
C 3 HOH 84  2084 1672 HOH HOH A . 
C 3 HOH 85  2085 1689 HOH HOH A . 
C 3 HOH 86  2086 1674 HOH HOH A . 
C 3 HOH 87  2087 1690 HOH HOH A . 
C 3 HOH 88  2088 1734 HOH HOH A . 
C 3 HOH 89  2089 1688 HOH HOH A . 
C 3 HOH 90  2090 1693 HOH HOH A . 
C 3 HOH 91  2091 1651 HOH HOH A . 
C 3 HOH 92  2092 1601 HOH HOH A . 
C 3 HOH 93  2093 1682 HOH HOH A . 
C 3 HOH 94  2094 1621 HOH HOH A . 
C 3 HOH 95  2095 1661 HOH HOH A . 
C 3 HOH 96  2096 1701 HOH HOH A . 
C 3 HOH 97  2097 9    HOH HOH A . 
C 3 HOH 98  2098 1721 HOH HOH A . 
C 3 HOH 99  2099 1685 HOH HOH A . 
C 3 HOH 100 2100 1711 HOH HOH A . 
C 3 HOH 101 2101 1699 HOH HOH A . 
C 3 HOH 102 2102 1772 HOH HOH A . 
C 3 HOH 103 2103 1694 HOH HOH A . 
C 3 HOH 104 2104 1686 HOH HOH A . 
C 3 HOH 105 2105 1714 HOH HOH A . 
C 3 HOH 106 2106 1728 HOH HOH A . 
C 3 HOH 107 2107 1726 HOH HOH A . 
C 3 HOH 108 2108 1684 HOH HOH A . 
C 3 HOH 109 2109 1669 HOH HOH A . 
C 3 HOH 110 2110 1708 HOH HOH A . 
C 3 HOH 111 2111 1704 HOH HOH A . 
C 3 HOH 112 2112 1738 HOH HOH A . 
C 3 HOH 113 2113 1725 HOH HOH A . 
C 3 HOH 114 2114 1719 HOH HOH A . 
C 3 HOH 115 2115 21   HOH HOH A . 
C 3 HOH 116 2116 1716 HOH HOH A . 
C 3 HOH 117 2117 1737 HOH HOH A . 
C 3 HOH 118 2118 1697 HOH HOH A . 
C 3 HOH 119 2119 8    HOH HOH A . 
C 3 HOH 120 2120 1740 HOH HOH A . 
C 3 HOH 121 2121 1706 HOH HOH A . 
C 3 HOH 122 2122 1736 HOH HOH A . 
C 3 HOH 123 2123 1713 HOH HOH A . 
C 3 HOH 124 2124 1683 HOH HOH A . 
C 3 HOH 125 2125 1801 HOH HOH A . 
C 3 HOH 126 2126 1611 HOH HOH A . 
C 3 HOH 127 2127 1715 HOH HOH A . 
C 3 HOH 128 2128 11   HOH HOH A . 
C 3 HOH 129 2129 1741 HOH HOH A . 
C 3 HOH 130 2130 1724 HOH HOH A . 
C 3 HOH 131 2131 1709 HOH HOH A . 
C 3 HOH 132 2132 1747 HOH HOH A . 
C 3 HOH 133 2133 1702 HOH HOH A . 
C 3 HOH 134 2134 1657 HOH HOH A . 
C 3 HOH 135 2135 15   HOH HOH A . 
C 3 HOH 136 2136 13   HOH HOH A . 
C 3 HOH 137 2137 1744 HOH HOH A . 
C 3 HOH 138 2138 1729 HOH HOH A . 
C 3 HOH 139 2139 1718 HOH HOH A . 
C 3 HOH 140 2140 1695 HOH HOH A . 
C 3 HOH 141 2141 1727 HOH HOH A . 
C 3 HOH 142 2142 1679 HOH HOH A . 
C 3 HOH 143 2143 1710 HOH HOH A . 
C 3 HOH 144 2144 1722 HOH HOH A . 
C 3 HOH 145 2145 1703 HOH HOH A . 
C 3 HOH 146 2146 1654 HOH HOH A . 
C 3 HOH 147 2147 1656 HOH HOH A . 
C 3 HOH 148 2148 1730 HOH HOH A . 
C 3 HOH 149 2149 18   HOH HOH A . 
C 3 HOH 150 2150 1754 HOH HOH A . 
C 3 HOH 151 2151 1751 HOH HOH A . 
C 3 HOH 152 2152 1794 HOH HOH A . 
C 3 HOH 153 2153 1777 HOH HOH A . 
C 3 HOH 154 2154 1752 HOH HOH A . 
C 3 HOH 155 2155 1756 HOH HOH A . 
C 3 HOH 156 2156 1753 HOH HOH A . 
C 3 HOH 157 2157 1755 HOH HOH A . 
C 3 HOH 158 2158 1759 HOH HOH A . 
C 3 HOH 159 2159 1769 HOH HOH A . 
C 3 HOH 160 2160 1742 HOH HOH A . 
C 3 HOH 161 2161 1766 HOH HOH A . 
C 3 HOH 162 2162 1784 HOH HOH A . 
C 3 HOH 163 2163 1758 HOH HOH A . 
C 3 HOH 164 2164 1768 HOH HOH A . 
C 3 HOH 165 2165 1762 HOH HOH A . 
C 3 HOH 166 2166 1743 HOH HOH A . 
C 3 HOH 167 2167 1795 HOH HOH A . 
C 3 HOH 168 2168 1765 HOH HOH A . 
C 3 HOH 169 2169 14   HOH HOH A . 
C 3 HOH 170 2170 1770 HOH HOH A . 
C 3 HOH 171 2171 1786 HOH HOH A . 
C 3 HOH 172 2172 1779 HOH HOH A . 
C 3 HOH 173 2173 1763 HOH HOH A . 
C 3 HOH 174 2174 1781 HOH HOH A . 
C 3 HOH 175 2175 1764 HOH HOH A . 
C 3 HOH 176 2176 1780 HOH HOH A . 
C 3 HOH 177 2177 1796 HOH HOH A . 
C 3 HOH 178 2178 1774 HOH HOH A . 
C 3 HOH 179 2179 1778 HOH HOH A . 
C 3 HOH 180 2180 1760 HOH HOH A . 
C 3 HOH 181 2181 1775 HOH HOH A . 
C 3 HOH 182 2182 1782 HOH HOH A . 
C 3 HOH 183 2183 1789 HOH HOH A . 
C 3 HOH 184 2184 1783 HOH HOH A . 
C 3 HOH 185 2185 1785 HOH HOH A . 
C 3 HOH 186 2186 1787 HOH HOH A . 
C 3 HOH 187 2187 2    HOH HOH A . 
C 3 HOH 188 2188 1791 HOH HOH A . 
C 3 HOH 189 2189 3    HOH HOH A . 
C 3 HOH 190 2190 1792 HOH HOH A . 
C 3 HOH 191 2191 12   HOH HOH A . 
C 3 HOH 192 2192 1793 HOH HOH A . 
C 3 HOH 193 2193 19   HOH HOH A . 
C 3 HOH 194 2194 1797 HOH HOH A . 
C 3 HOH 195 2195 1798 HOH HOH A . 
C 3 HOH 196 2196 20   HOH HOH A . 
C 3 HOH 197 2197 1800 HOH HOH A . 
C 3 HOH 198 2198 1799 HOH HOH A . 
# 
loop_
_pdbx_unobs_or_zero_occ_atoms.id 
_pdbx_unobs_or_zero_occ_atoms.PDB_model_num 
_pdbx_unobs_or_zero_occ_atoms.polymer_flag 
_pdbx_unobs_or_zero_occ_atoms.occupancy_flag 
_pdbx_unobs_or_zero_occ_atoms.auth_asym_id 
_pdbx_unobs_or_zero_occ_atoms.auth_comp_id 
_pdbx_unobs_or_zero_occ_atoms.auth_seq_id 
_pdbx_unobs_or_zero_occ_atoms.PDB_ins_code 
_pdbx_unobs_or_zero_occ_atoms.auth_atom_id 
_pdbx_unobs_or_zero_occ_atoms.label_alt_id 
_pdbx_unobs_or_zero_occ_atoms.label_asym_id 
_pdbx_unobs_or_zero_occ_atoms.label_comp_id 
_pdbx_unobs_or_zero_occ_atoms.label_seq_id 
_pdbx_unobs_or_zero_occ_atoms.label_atom_id 
1 1 Y 1 A GLN 1334 ? CD  ? A GLN 43 CD  
2 1 Y 1 A GLN 1334 ? OE1 ? A GLN 43 OE1 
3 1 Y 1 A GLN 1334 ? NE2 ? A GLN 43 NE2 
# 
loop_
_software.pdbx_ordinal 
_software.name 
_software.version 
_software.date 
_software.type 
_software.contact_author 
_software.contact_author_email 
_software.classification 
_software.location 
_software.language 
_software.citation_id 
1 REFMAC      5.8.0267 ?               program 'Garib N. Murshudov' garib@ysbl.york.ac.uk    refinement        
http://www.ccp4.ac.uk/dist/html/refmac5.html        Fortran_77 ? 
2 Aimless     0.7.7    23/04/21        program 'Phil Evans'         ?                        'data scaling'    
http://www.mrc-lmb.cam.ac.uk/harry/pre/aimless.html ?          ? 
3 PDB_EXTRACT 3.23     'SEP. 23, 2016' package PDB                  deposit@deposit.rcsb.org 'data extraction' 
http://sw-tools.pdb.org/apps/PDB_EXTRACT/           C++        ? 
4 XDS         .        ?               program ?                    ?                        'data reduction'  ? ?          ? 
5 REFMAC      .        ?               program ?                    ?                        phasing           ? ?          ? 
# 
_cell.entry_id           7FV0 
_cell.length_a           81.963 
_cell.length_b           27.256 
_cell.length_c           56.229 
_cell.angle_alpha        90.000 
_cell.angle_beta         99.760 
_cell.angle_gamma        90.000 
_cell.Z_PDB              4 
_cell.pdbx_unique_axis   ? 
# 
_symmetry.entry_id                         7FV0 
_symmetry.space_group_name_H-M             'C 1 2 1' 
_symmetry.pdbx_full_space_group_name_H-M   ? 
_symmetry.cell_setting                     ? 
_symmetry.Int_Tables_number                5 
# 
_exptl.crystals_number   1 
_exptl.entry_id          7FV0 
_exptl.method            'X-RAY DIFFRACTION' 
# 
_exptl_crystal.id                    1 
_exptl_crystal.pdbx_mosaicity        0.000 
_exptl_crystal.pdbx_mosaicity_esd    ? 
_exptl_crystal.density_Matthews      1.76 
_exptl_crystal.density_diffrn        ? 
_exptl_crystal.density_meas          ? 
_exptl_crystal.density_meas_temp     ? 
_exptl_crystal.density_percent_sol   29.94 
_exptl_crystal.size_max              ? 
_exptl_crystal.size_mid              ? 
_exptl_crystal.size_min              ? 
_exptl_crystal.size_rad              ? 
_exptl_crystal.description           ? 
# 
_exptl_crystal_grow.crystal_id      1 
_exptl_crystal_grow.method          'VAPOR DIFFUSION, SITTING DROP' 
_exptl_crystal_grow.pH              5.6 
_exptl_crystal_grow.temp            277 
_exptl_crystal_grow.pdbx_details    '20% PEG 8000, 0.04M potassium phosphate' 
_exptl_crystal_grow.temp_details    ? 
_exptl_crystal_grow.pdbx_pH_range   ? 
# 
_diffrn.id                     1 
_diffrn.ambient_temp           100 
_diffrn.crystal_id             1 
_diffrn.ambient_temp_details   ? 
# 
_diffrn_detector.detector               PIXEL 
_diffrn_detector.type                   'DECTRIS PILATUS 6M' 
_diffrn_detector.pdbx_collection_date   2022-09-23 
_diffrn_detector.diffrn_id              1 
_diffrn_detector.details                ? 
# 
_diffrn_radiation.diffrn_id                        1 
_diffrn_radiation.wavelength_id                    1 
_diffrn_radiation.pdbx_diffrn_protocol             'SINGLE WAVELENGTH' 
_diffrn_radiation.pdbx_monochromatic_or_laue_m_l   ? 
_diffrn_radiation.monochromator                    ? 
_diffrn_radiation.pdbx_scattering_type             x-ray 
# 
_diffrn_radiation_wavelength.id           1 
_diffrn_radiation_wavelength.wavelength   0.92124 
_diffrn_radiation_wavelength.wt           1.0 
# 
_diffrn_source.diffrn_id                   1 
_diffrn_source.source                      SYNCHROTRON 
_diffrn_source.type                        'DIAMOND BEAMLINE I04-1' 
_diffrn_source.pdbx_wavelength_list        0.92124 
_diffrn_source.pdbx_synchrotron_site       Diamond 
_diffrn_source.pdbx_synchrotron_beamline   I04-1 
_diffrn_source.pdbx_wavelength             ? 
# 
_reflns.entry_id                     7FV0 
_reflns.pdbx_diffrn_id               1 
_reflns.pdbx_ordinal                 1 
_reflns.observed_criterion_sigma_I   ? 
_reflns.observed_criterion_sigma_F   ? 
_reflns.d_resolution_low             55.440 
_reflns.d_resolution_high            1.210 
_reflns.number_obs                   29765 
_reflns.number_all                   ? 
_reflns.percent_possible_obs         79.000 
_reflns.pdbx_Rmerge_I_obs            0.080 
_reflns.pdbx_Rsym_value              ? 
_reflns.pdbx_netI_over_sigmaI        21.500 
_reflns.B_iso_Wilson_estimate        ? 
_reflns.pdbx_redundancy              5.800 
_reflns.pdbx_Rrim_I_all              0.089 
_reflns.pdbx_Rpim_I_all              0.037 
_reflns.pdbx_CC_half                 0.973 
_reflns.pdbx_netI_over_av_sigmaI     ? 
_reflns.pdbx_number_measured_all     171204 
_reflns.pdbx_scaling_rejects         0 
_reflns.pdbx_chi_squared             ? 
_reflns.Rmerge_F_all                 ? 
_reflns.Rmerge_F_obs                 ? 
_reflns.observed_criterion_F_max     ? 
_reflns.observed_criterion_F_min     ? 
_reflns.observed_criterion_I_max     ? 
_reflns.observed_criterion_I_min     ? 
_reflns.pdbx_d_res_high_opt          ? 
_reflns.pdbx_d_res_low_opt           ? 
_reflns.details                      ? 
# 
loop_
_reflns_shell.pdbx_diffrn_id 
_reflns_shell.pdbx_ordinal 
_reflns_shell.d_res_high 
_reflns_shell.d_res_low 
_reflns_shell.number_measured_obs 
_reflns_shell.number_measured_all 
_reflns_shell.number_unique_obs 
_reflns_shell.pdbx_rejects 
_reflns_shell.Rmerge_I_obs 
_reflns_shell.meanI_over_sigI_obs 
_reflns_shell.pdbx_Rsym_value 
_reflns_shell.pdbx_chi_squared 
_reflns_shell.pdbx_redundancy 
_reflns_shell.percent_possible_obs 
_reflns_shell.pdbx_netI_over_sigmaI_obs 
_reflns_shell.number_possible 
_reflns_shell.number_unique_all 
_reflns_shell.Rmerge_F_all 
_reflns_shell.Rmerge_F_obs 
_reflns_shell.Rmerge_I_all 
_reflns_shell.meanI_over_sigI_all 
_reflns_shell.percent_possible_all 
_reflns_shell.pdbx_Rrim_I_all 
_reflns_shell.pdbx_Rpim_I_all 
_reflns_shell.pdbx_CC_half 
1 1 1.210 1.230  ? 964  ? ? 4.565 ? ? ? 2.100 ? 1.100  ? 451 ? ? ? ? 23.500 5.481 2.988 0.067 
1 2 6.520 55.440 ? 1489 ? ? 0.102 ? ? ? 5.400 ? 48.600 ? 275 ? ? ? ? 99.400 0.117 0.055 0.948 
# 
_refine.entry_id                                 7FV0 
_refine.pdbx_refine_id                           'X-RAY DIFFRACTION' 
_refine.ls_d_res_high                            1.2100 
_refine.ls_d_res_low                             55.4200 
_refine.pdbx_ls_sigma_F                          0.000 
_refine.pdbx_data_cutoff_high_absF               ? 
_refine.pdbx_data_cutoff_low_absF                ? 
_refine.ls_percent_reflns_obs                    78.5500 
_refine.ls_number_reflns_obs                     28215 
_refine.ls_number_reflns_all                     ? 
_refine.pdbx_ls_cross_valid_method               THROUGHOUT 
_refine.ls_matrix_type                           ? 
_refine.pdbx_R_Free_selection_details            RANDOM 
_refine.details                                  
'HYDROGENS HAVE BEEN ADDED IN THE RIDING POSITIONS U VALUES      : REFINED INDIVIDUALLY' 
_refine.ls_R_factor_all                          ? 
_refine.ls_R_factor_obs                          0.1793 
_refine.ls_R_factor_R_work                       0.1785 
_refine.ls_wR_factor_R_work                      ? 
_refine.ls_R_factor_R_free                       0.1944 
_refine.ls_wR_factor_R_free                      ? 
_refine.ls_percent_reflns_R_free                 5.1000 
_refine.ls_number_reflns_R_free                  1501 
_refine.ls_number_reflns_R_work                  ? 
_refine.ls_R_factor_R_free_error                 ? 
_refine.B_iso_mean                               19.0380 
_refine.solvent_model_param_bsol                 ? 
_refine.solvent_model_param_ksol                 ? 
_refine.pdbx_isotropic_thermal_model             ? 
_refine.aniso_B[1][1]                            -0.2000 
_refine.aniso_B[2][2]                            1.2800 
_refine.aniso_B[3][3]                            -1.0900 
_refine.aniso_B[1][2]                            -0.0000 
_refine.aniso_B[1][3]                            0.2500 
_refine.aniso_B[2][3]                            0.0000 
_refine.correlation_coeff_Fo_to_Fc               0.9620 
_refine.correlation_coeff_Fo_to_Fc_free          0.9620 
_refine.overall_SU_R_Cruickshank_DPI             ? 
_refine.pdbx_overall_SU_R_free_Cruickshank_DPI   ? 
_refine.pdbx_overall_SU_R_Blow_DPI               ? 
_refine.pdbx_overall_SU_R_free_Blow_DPI          ? 
_refine.overall_SU_R_free                        ? 
_refine.pdbx_overall_ESU_R                       0.0950 
_refine.pdbx_overall_ESU_R_Free                  0.0810 
_refine.overall_SU_ML                            0.0620 
_refine.overall_SU_B                             1.4690 
_refine.solvent_model_details                    MASK 
_refine.pdbx_solvent_vdw_probe_radii             1.2000 
_refine.pdbx_solvent_ion_probe_radii             0.8000 
_refine.pdbx_solvent_shrinkage_radii             0.8000 
_refine.ls_number_parameters                     ? 
_refine.ls_number_restraints                     ? 
_refine.pdbx_starting_model                      7av9 
_refine.pdbx_method_to_determine_struct          'FOURIER SYNTHESIS' 
_refine.pdbx_stereochemistry_target_values       'MAXIMUM LIKELIHOOD' 
_refine.pdbx_stereochem_target_val_spec_case     ? 
_refine.overall_FOM_work_R_set                   ? 
_refine.B_iso_max                                157.370 
_refine.B_iso_min                                10.070 
_refine.pdbx_overall_phase_error                 ? 
_refine.occupancy_max                            ? 
_refine.occupancy_min                            ? 
_refine.pdbx_diffrn_id                           1 
_refine.pdbx_TLS_residual_ADP_flag               ? 
_refine.pdbx_ls_sigma_I                          ? 
_refine.pdbx_data_cutoff_high_rms_absF           ? 
_refine.ls_R_factor_R_free_error_details         ? 
# 
_refine_hist.cycle_id                         final 
_refine_hist.pdbx_refine_id                   'X-RAY DIFFRACTION' 
_refine_hist.d_res_high                       1.2100 
_refine_hist.d_res_low                        55.4200 
_refine_hist.pdbx_number_atoms_ligand         22 
_refine_hist.number_atoms_solvent             198 
_refine_hist.number_atoms_total               1223 
_refine_hist.pdbx_number_residues_total       121 
_refine_hist.pdbx_B_iso_mean_ligand           39.13 
_refine_hist.pdbx_B_iso_mean_solvent          30.50 
_refine_hist.pdbx_number_atoms_protein        1003 
_refine_hist.pdbx_number_atoms_nucleic_acid   0 
# 
loop_
_refine_ls_restr.pdbx_refine_id 
_refine_ls_restr.type 
_refine_ls_restr.number 
_refine_ls_restr.dev_ideal 
_refine_ls_restr.dev_ideal_target 
_refine_ls_restr.weight 
_refine_ls_restr.pdbx_restraint_function 
'X-RAY DIFFRACTION' r_bond_refined_d       3520 0.009  0.015  ? ? 
'X-RAY DIFFRACTION' r_bond_other_d         2313 0.001  0.014  ? ? 
'X-RAY DIFFRACTION' r_angle_refined_deg    3470 1.574  1.669  ? ? 
'X-RAY DIFFRACTION' r_angle_other_deg      5393 1.418  1.584  ? ? 
'X-RAY DIFFRACTION' r_dihedral_angle_1_deg 321  6.395  5.000  ? ? 
'X-RAY DIFFRACTION' r_dihedral_angle_2_deg 144  22.498 20.139 ? ? 
'X-RAY DIFFRACTION' r_dihedral_angle_3_deg 434  13.115 15.000 ? ? 
'X-RAY DIFFRACTION' r_dihedral_angle_4_deg 24   13.241 15.000 ? ? 
'X-RAY DIFFRACTION' r_chiral_restr         326  0.085  0.200  ? ? 
'X-RAY DIFFRACTION' r_gen_planes_refined   2983 0.007  0.020  ? ? 
'X-RAY DIFFRACTION' r_gen_planes_other     627  0.002  0.020  ? ? 
'X-RAY DIFFRACTION' r_mcbond_it            1677 1.216  1.820  ? ? 
'X-RAY DIFFRACTION' r_mcbond_other         1620 1.233  1.761  ? ? 
'X-RAY DIFFRACTION' r_mcangle_it           1541 2.379  2.574  ? ? 
# 
_refine_ls_shell.d_res_high                       1.2100 
_refine_ls_shell.d_res_low                        1.2420 
_refine_ls_shell.pdbx_total_number_of_bins_used   20 
_refine_ls_shell.percent_reflns_obs               23.0300 
_refine_ls_shell.number_reflns_R_work             609 
_refine_ls_shell.R_factor_all                     ? 
_refine_ls_shell.R_factor_R_work                  0.3410 
_refine_ls_shell.R_factor_R_free                  0.3120 
_refine_ls_shell.percent_reflns_R_free            ? 
_refine_ls_shell.number_reflns_R_free             33 
_refine_ls_shell.R_factor_R_free_error            ? 
_refine_ls_shell.number_reflns_all                642 
_refine_ls_shell.number_reflns_obs                ? 
_refine_ls_shell.pdbx_refine_id                   'X-RAY DIFFRACTION' 
# 
_struct.entry_id                  7FV0 
_struct.title                     'PanDDA analysis group deposition -- PHIP in complex with Z44602337' 
_struct.pdbx_model_details        ? 
_struct.pdbx_CASP_flag            ? 
_struct.pdbx_model_type_details   ? 
# 
_struct_keywords.entry_id        7FV0 
_struct_keywords.text            
'False negatives, ligand features, rescreening, catalogue, fragment follow-ups, automated chemistry, SIGNALING PROTEIN' 
_struct_keywords.pdbx_keywords   'SIGNALING PROTEIN' 
# 
loop_
_struct_asym.id 
_struct_asym.pdbx_blank_PDB_chainid_flag 
_struct_asym.pdbx_modified 
_struct_asym.entity_id 
_struct_asym.details 
A N N 1 ? 
B N N 2 ? 
C N N 3 ? 
# 
_struct_ref.id                         1 
_struct_ref.db_name                    UNP 
_struct_ref.db_code                    PHIP_HUMAN 
_struct_ref.pdbx_db_accession          Q8WWQ0 
_struct_ref.pdbx_db_isoform            ? 
_struct_ref.entity_id                  1 
_struct_ref.pdbx_seq_one_letter_code   
;SYDIQAWKKQCEELLNLIFQCEDSEPFRQPVDLLEYPDYRDIIDTPMDFATVRETLEAGNYESPMELCKDVRLIFSNSKA
YTPSKRSRIYSMSLRLSAFFEEHISSVLSDYKSALRFHKRNTITKR
;
_struct_ref.pdbx_align_begin           1315 
# 
_struct_ref_seq.align_id                      1 
_struct_ref_seq.ref_id                        1 
_struct_ref_seq.pdbx_PDB_id_code              7FV0 
_struct_ref_seq.pdbx_strand_id                A 
_struct_ref_seq.seq_align_beg                 24 
_struct_ref_seq.pdbx_seq_align_beg_ins_code   ? 
_struct_ref_seq.seq_align_end                 149 
_struct_ref_seq.pdbx_seq_align_end_ins_code   ? 
_struct_ref_seq.pdbx_db_accession             Q8WWQ0 
_struct_ref_seq.db_align_beg                  1315 
_struct_ref_seq.pdbx_db_align_beg_ins_code    ? 
_struct_ref_seq.db_align_end                  1440 
_struct_ref_seq.pdbx_db_align_end_ins_code    ? 
_struct_ref_seq.pdbx_auth_seq_align_beg       1315 
_struct_ref_seq.pdbx_auth_seq_align_end       1440 
# 
loop_
_struct_ref_seq_dif.align_id 
_struct_ref_seq_dif.pdbx_pdb_id_code 
_struct_ref_seq_dif.mon_id 
_struct_ref_seq_dif.pdbx_pdb_strand_id 
_struct_ref_seq_dif.seq_num 
_struct_ref_seq_dif.pdbx_pdb_ins_code 
_struct_ref_seq_dif.pdbx_seq_db_name 
_struct_ref_seq_dif.pdbx_seq_db_accession_code 
_struct_ref_seq_dif.db_mon_id 
_struct_ref_seq_dif.pdbx_seq_db_seq_num 
_struct_ref_seq_dif.details 
_struct_ref_seq_dif.pdbx_auth_seq_num 
_struct_ref_seq_dif.pdbx_ordinal 
1 7FV0 MET A 1  ? UNP Q8WWQ0 ? ? 'initiating methionine' 1292 1  
1 7FV0 HIS A 2  ? UNP Q8WWQ0 ? ? 'expression tag'        1293 2  
1 7FV0 HIS A 3  ? UNP Q8WWQ0 ? ? 'expression tag'        1294 3  
1 7FV0 HIS A 4  ? UNP Q8WWQ0 ? ? 'expression tag'        1295 4  
1 7FV0 HIS A 5  ? UNP Q8WWQ0 ? ? 'expression tag'        1296 5  
1 7FV0 HIS A 6  ? UNP Q8WWQ0 ? ? 'expression tag'        1297 6  
1 7FV0 HIS A 7  ? UNP Q8WWQ0 ? ? 'expression tag'        1298 7  
1 7FV0 SER A 8  ? UNP Q8WWQ0 ? ? 'expression tag'        1299 8  
1 7FV0 SER A 9  ? UNP Q8WWQ0 ? ? 'expression tag'        1300 9  
1 7FV0 GLY A 10 ? UNP Q8WWQ0 ? ? 'expression tag'        1301 10 
1 7FV0 VAL A 11 ? UNP Q8WWQ0 ? ? 'expression tag'        1302 11 
1 7FV0 ASP A 12 ? UNP Q8WWQ0 ? ? 'expression tag'        1303 12 
1 7FV0 LEU A 13 ? UNP Q8WWQ0 ? ? 'expression tag'        1304 13 
1 7FV0 GLY A 14 ? UNP Q8WWQ0 ? ? 'expression tag'        1305 14 
1 7FV0 THR A 15 ? UNP Q8WWQ0 ? ? 'expression tag'        1306 15 
1 7FV0 GLU A 16 ? UNP Q8WWQ0 ? ? 'expression tag'        1307 16 
1 7FV0 ASN A 17 ? UNP Q8WWQ0 ? ? 'expression tag'        1308 17 
1 7FV0 LEU A 18 ? UNP Q8WWQ0 ? ? 'expression tag'        1309 18 
1 7FV0 TYR A 19 ? UNP Q8WWQ0 ? ? 'expression tag'        1310 19 
1 7FV0 PHE A 20 ? UNP Q8WWQ0 ? ? 'expression tag'        1311 20 
1 7FV0 GLN A 21 ? UNP Q8WWQ0 ? ? 'expression tag'        1312 21 
1 7FV0 SER A 22 ? UNP Q8WWQ0 ? ? 'expression tag'        1313 22 
1 7FV0 MET A 23 ? UNP Q8WWQ0 ? ? 'expression tag'        1314 23 
# 
_pdbx_struct_assembly.id                   1 
_pdbx_struct_assembly.details              author_and_software_defined_assembly 
_pdbx_struct_assembly.method_details       PISA 
_pdbx_struct_assembly.oligomeric_details   monomeric 
_pdbx_struct_assembly.oligomeric_count     1 
# 
_pdbx_struct_assembly_gen.assembly_id       1 
_pdbx_struct_assembly_gen.oper_expression   1 
_pdbx_struct_assembly_gen.asym_id_list      A,B,C 
# 
_pdbx_struct_oper_list.id                   1 
_pdbx_struct_oper_list.type                 'identity operation' 
_pdbx_struct_oper_list.name                 1_555 
_pdbx_struct_oper_list.symmetry_operation   x,y,z 
_pdbx_struct_oper_list.matrix[1][1]         1.0000000000 
_pdbx_struct_oper_list.matrix[1][2]         0.0000000000 
_pdbx_struct_oper_list.matrix[1][3]         0.0000000000 
_pdbx_struct_oper_list.vector[1]            0.0000000000 
_pdbx_struct_oper_list.matrix[2][1]         0.0000000000 
_pdbx_struct_oper_list.matrix[2][2]         1.0000000000 
_pdbx_struct_oper_list.matrix[2][3]         0.0000000000 
_pdbx_struct_oper_list.vector[2]            0.0000000000 
_pdbx_struct_oper_list.matrix[3][1]         0.0000000000 
_pdbx_struct_oper_list.matrix[3][2]         0.0000000000 
_pdbx_struct_oper_list.matrix[3][3]         1.0000000000 
_pdbx_struct_oper_list.vector[3]            0.0000000000 
# 
loop_
_struct_conf.conf_type_id 
_struct_conf.id 
_struct_conf.pdbx_PDB_helix_id 
_struct_conf.beg_label_comp_id 
_struct_conf.beg_label_asym_id 
_struct_conf.beg_label_seq_id 
_struct_conf.pdbx_beg_PDB_ins_code 
_struct_conf.end_label_comp_id 
_struct_conf.end_label_asym_id 
_struct_conf.end_label_seq_id 
_struct_conf.pdbx_end_PDB_ins_code 
_struct_conf.beg_auth_comp_id 
_struct_conf.beg_auth_asym_id 
_struct_conf.beg_auth_seq_id 
_struct_conf.end_auth_comp_id 
_struct_conf.end_auth_asym_id 
_struct_conf.end_auth_seq_id 
_struct_conf.pdbx_PDB_helix_class 
_struct_conf.details 
_struct_conf.pdbx_PDB_helix_length 
HELX_P HELX_P1 AA1 ALA A 29  ? CYS A 44  ? ALA A 1320 CYS A 1335 1 ? 16 
HELX_P HELX_P2 AA2 GLU A 45  ? ARG A 51  ? GLU A 1336 ARG A 1342 5 ? 7  
HELX_P HELX_P3 AA3 ASP A 61  ? ILE A 66  ? ASP A 1352 ILE A 1357 1 ? 6  
HELX_P HELX_P4 AA4 ASP A 71  ? ALA A 81  ? ASP A 1362 ALA A 1372 1 ? 11 
HELX_P HELX_P5 AA5 SER A 86  ? THR A 105 ? SER A 1377 THR A 1396 1 ? 20 
HELX_P HELX_P6 AA6 SER A 110 ? LYS A 142 ? SER A 1401 LYS A 1433 1 ? 33 
# 
_struct_conf_type.id          HELX_P 
_struct_conf_type.criteria    ? 
_struct_conf_type.reference   ? 
# 
loop_
_pdbx_validate_close_contact.id 
_pdbx_validate_close_contact.PDB_model_num 
_pdbx_validate_close_contact.auth_atom_id_1 
_pdbx_validate_close_contact.auth_asym_id_1 
_pdbx_validate_close_contact.auth_comp_id_1 
_pdbx_validate_close_contact.auth_seq_id_1 
_pdbx_validate_close_contact.PDB_ins_code_1 
_pdbx_validate_close_contact.label_alt_id_1 
_pdbx_validate_close_contact.auth_atom_id_2 
_pdbx_validate_close_contact.auth_asym_id_2 
_pdbx_validate_close_contact.auth_comp_id_2 
_pdbx_validate_close_contact.auth_seq_id_2 
_pdbx_validate_close_contact.PDB_ins_code_2 
_pdbx_validate_close_contact.label_alt_id_2 
_pdbx_validate_close_contact.dist 
1 1 CA A ARG 1386 ? ? O A HOH 2001 ? ? 1.09 
2 1 C  A ARG 1386 ? ? O A HOH 2001 ? ? 1.46 
3 1 O  A ARG 1386 ? ? O A HOH 2001 ? ? 1.69 
4 1 CB A ARG 1386 ? ? O A HOH 2001 ? ? 1.88 
5 1 O  A HOH 2077 ? ? O A HOH 2112 ? ? 2.16 
# 
loop_
_pdbx_validate_symm_contact.id 
_pdbx_validate_symm_contact.PDB_model_num 
_pdbx_validate_symm_contact.auth_atom_id_1 
_pdbx_validate_symm_contact.auth_asym_id_1 
_pdbx_validate_symm_contact.auth_comp_id_1 
_pdbx_validate_symm_contact.auth_seq_id_1 
_pdbx_validate_symm_contact.PDB_ins_code_1 
_pdbx_validate_symm_contact.label_alt_id_1 
_pdbx_validate_symm_contact.site_symmetry_1 
_pdbx_validate_symm_contact.auth_atom_id_2 
_pdbx_validate_symm_contact.auth_asym_id_2 
_pdbx_validate_symm_contact.auth_comp_id_2 
_pdbx_validate_symm_contact.auth_seq_id_2 
_pdbx_validate_symm_contact.PDB_ins_code_2 
_pdbx_validate_symm_contact.label_alt_id_2 
_pdbx_validate_symm_contact.site_symmetry_2 
_pdbx_validate_symm_contact.dist 
1 1 O A HOH 2138 ? ? 1_555 O A HOH 2171 ? ? 1_565 2.16 
2 1 O A HOH 2161 ? ? 1_555 O A HOH 2178 ? ? 4_445 2.18 
# 
_pdbx_validate_rmsd_bond.id                        1 
_pdbx_validate_rmsd_bond.PDB_model_num             1 
_pdbx_validate_rmsd_bond.auth_atom_id_1            CD 
_pdbx_validate_rmsd_bond.auth_asym_id_1            A 
_pdbx_validate_rmsd_bond.auth_comp_id_1            GLU 
_pdbx_validate_rmsd_bond.auth_seq_id_1             1371 
_pdbx_validate_rmsd_bond.PDB_ins_code_1            ? 
_pdbx_validate_rmsd_bond.label_alt_id_1            ? 
_pdbx_validate_rmsd_bond.auth_atom_id_2            OE2 
_pdbx_validate_rmsd_bond.auth_asym_id_2            A 
_pdbx_validate_rmsd_bond.auth_comp_id_2            GLU 
_pdbx_validate_rmsd_bond.auth_seq_id_2             1371 
_pdbx_validate_rmsd_bond.PDB_ins_code_2            ? 
_pdbx_validate_rmsd_bond.label_alt_id_2            ? 
_pdbx_validate_rmsd_bond.bond_value                1.328 
_pdbx_validate_rmsd_bond.bond_target_value         1.252 
_pdbx_validate_rmsd_bond.bond_deviation            0.076 
_pdbx_validate_rmsd_bond.bond_standard_deviation   0.011 
_pdbx_validate_rmsd_bond.linker_flag               N 
# 
_pdbx_validate_torsion.id              1 
_pdbx_validate_torsion.PDB_model_num   1 
_pdbx_validate_torsion.auth_comp_id    ARG 
_pdbx_validate_torsion.auth_asym_id    A 
_pdbx_validate_torsion.auth_seq_id     1400 
_pdbx_validate_torsion.PDB_ins_code    ? 
_pdbx_validate_torsion.label_alt_id    ? 
_pdbx_validate_torsion.phi             -107.12 
_pdbx_validate_torsion.psi             56.29 
# 
_pdbx_struct_special_symmetry.id              1 
_pdbx_struct_special_symmetry.PDB_model_num   1 
_pdbx_struct_special_symmetry.auth_asym_id    A 
_pdbx_struct_special_symmetry.auth_comp_id    HOH 
_pdbx_struct_special_symmetry.auth_seq_id     2187 
_pdbx_struct_special_symmetry.PDB_ins_code    ? 
_pdbx_struct_special_symmetry.label_asym_id   C 
_pdbx_struct_special_symmetry.label_comp_id   HOH 
_pdbx_struct_special_symmetry.label_seq_id    . 
# 
_phasing.method   MR 
# 
_pdbx_entry_details.entry_id                 7FV0 
_pdbx_entry_details.compound_details         ? 
_pdbx_entry_details.source_details           ? 
_pdbx_entry_details.nonpolymer_details       ? 
_pdbx_entry_details.sequence_details         ? 
_pdbx_entry_details.has_ligand_of_interest   Y 
# 
loop_
_pdbx_unobs_or_zero_occ_residues.id 
_pdbx_unobs_or_zero_occ_residues.PDB_model_num 
_pdbx_unobs_or_zero_occ_residues.polymer_flag 
_pdbx_unobs_or_zero_occ_residues.occupancy_flag 
_pdbx_unobs_or_zero_occ_residues.auth_asym_id 
_pdbx_unobs_or_zero_occ_residues.auth_comp_id 
_pdbx_unobs_or_zero_occ_residues.auth_seq_id 
_pdbx_unobs_or_zero_occ_residues.PDB_ins_code 
_pdbx_unobs_or_zero_occ_residues.label_asym_id 
_pdbx_unobs_or_zero_occ_residues.label_comp_id 
_pdbx_unobs_or_zero_occ_residues.label_seq_id 
1  1 Y 1 A MET 1292 ? A MET 1   
2  1 Y 1 A HIS 1293 ? A HIS 2   
3  1 Y 1 A HIS 1294 ? A HIS 3   
4  1 Y 1 A HIS 1295 ? A HIS 4   
5  1 Y 1 A HIS 1296 ? A HIS 5   
6  1 Y 1 A HIS 1297 ? A HIS 6   
7  1 Y 1 A HIS 1298 ? A HIS 7   
8  1 Y 1 A SER 1299 ? A SER 8   
9  1 Y 1 A SER 1300 ? A SER 9   
10 1 Y 1 A GLY 1301 ? A GLY 10  
11 1 Y 1 A VAL 1302 ? A VAL 11  
12 1 Y 1 A ASP 1303 ? A ASP 12  
13 1 Y 1 A LEU 1304 ? A LEU 13  
14 1 Y 1 A GLY 1305 ? A GLY 14  
15 1 Y 1 A THR 1306 ? A THR 15  
16 1 Y 1 A GLU 1307 ? A GLU 16  
17 1 Y 1 A ASN 1308 ? A ASN 17  
18 1 Y 1 A LEU 1309 ? A LEU 18  
19 1 Y 1 A TYR 1310 ? A TYR 19  
20 1 Y 1 A PHE 1311 ? A PHE 20  
21 1 Y 1 A GLN 1312 ? A GLN 21  
22 1 Y 1 A SER 1313 ? A SER 22  
23 1 Y 1 A MET 1314 ? A MET 23  
24 1 Y 1 A THR 1436 ? A THR 145 
25 1 Y 1 A ILE 1437 ? A ILE 146 
26 1 Y 1 A THR 1438 ? A THR 147 
27 1 Y 1 A LYS 1439 ? A LYS 148 
28 1 Y 1 A ARG 1440 ? A ARG 149 
# 
loop_
_chem_comp_atom.comp_id 
_chem_comp_atom.atom_id 
_chem_comp_atom.type_symbol 
_chem_comp_atom.pdbx_aromatic_flag 
_chem_comp_atom.pdbx_stereo_config 
_chem_comp_atom.pdbx_ordinal 
ALA N    N N N 1   
ALA CA   C N S 2   
ALA C    C N N 3   
ALA O    O N N 4   
ALA CB   C N N 5   
ALA OXT  O N N 6   
ALA H    H N N 7   
ALA H2   H N N 8   
ALA HA   H N N 9   
ALA HB1  H N N 10  
ALA HB2  H N N 11  
ALA HB3  H N N 12  
ALA HXT  H N N 13  
ARG N    N N N 14  
ARG CA   C N S 15  
ARG C    C N N 16  
ARG O    O N N 17  
ARG CB   C N N 18  
ARG CG   C N N 19  
ARG CD   C N N 20  
ARG NE   N N N 21  
ARG CZ   C N N 22  
ARG NH1  N N N 23  
ARG NH2  N N N 24  
ARG OXT  O N N 25  
ARG H    H N N 26  
ARG H2   H N N 27  
ARG HA   H N N 28  
ARG HB2  H N N 29  
ARG HB3  H N N 30  
ARG HG2  H N N 31  
ARG HG3  H N N 32  
ARG HD2  H N N 33  
ARG HD3  H N N 34  
ARG HE   H N N 35  
ARG HH11 H N N 36  
ARG HH12 H N N 37  
ARG HH21 H N N 38  
ARG HH22 H N N 39  
ARG HXT  H N N 40  
ASN N    N N N 41  
ASN CA   C N S 42  
ASN C    C N N 43  
ASN O    O N N 44  
ASN CB   C N N 45  
ASN CG   C N N 46  
ASN OD1  O N N 47  
ASN ND2  N N N 48  
ASN OXT  O N N 49  
ASN H    H N N 50  
ASN H2   H N N 51  
ASN HA   H N N 52  
ASN HB2  H N N 53  
ASN HB3  H N N 54  
ASN HD21 H N N 55  
ASN HD22 H N N 56  
ASN HXT  H N N 57  
ASP N    N N N 58  
ASP CA   C N S 59  
ASP C    C N N 60  
ASP O    O N N 61  
ASP CB   C N N 62  
ASP CG   C N N 63  
ASP OD1  O N N 64  
ASP OD2  O N N 65  
ASP OXT  O N N 66  
ASP H    H N N 67  
ASP H2   H N N 68  
ASP HA   H N N 69  
ASP HB2  H N N 70  
ASP HB3  H N N 71  
ASP HD2  H N N 72  
ASP HXT  H N N 73  
CYS N    N N N 74  
CYS CA   C N R 75  
CYS C    C N N 76  
CYS O    O N N 77  
CYS CB   C N N 78  
CYS SG   S N N 79  
CYS OXT  O N N 80  
CYS H    H N N 81  
CYS H2   H N N 82  
CYS HA   H N N 83  
CYS HB2  H N N 84  
CYS HB3  H N N 85  
CYS HG   H N N 86  
CYS HXT  H N N 87  
GLN N    N N N 88  
GLN CA   C N S 89  
GLN C    C N N 90  
GLN O    O N N 91  
GLN CB   C N N 92  
GLN CG   C N N 93  
GLN CD   C N N 94  
GLN OE1  O N N 95  
GLN NE2  N N N 96  
GLN OXT  O N N 97  
GLN H    H N N 98  
GLN H2   H N N 99  
GLN HA   H N N 100 
GLN HB2  H N N 101 
GLN HB3  H N N 102 
GLN HG2  H N N 103 
GLN HG3  H N N 104 
GLN HE21 H N N 105 
GLN HE22 H N N 106 
GLN HXT  H N N 107 
GLU N    N N N 108 
GLU CA   C N S 109 
GLU C    C N N 110 
GLU O    O N N 111 
GLU CB   C N N 112 
GLU CG   C N N 113 
GLU CD   C N N 114 
GLU OE1  O N N 115 
GLU OE2  O N N 116 
GLU OXT  O N N 117 
GLU H    H N N 118 
GLU H2   H N N 119 
GLU HA   H N N 120 
GLU HB2  H N N 121 
GLU HB3  H N N 122 
GLU HG2  H N N 123 
GLU HG3  H N N 124 
GLU HE2  H N N 125 
GLU HXT  H N N 126 
GLY N    N N N 127 
GLY CA   C N N 128 
GLY C    C N N 129 
GLY O    O N N 130 
GLY OXT  O N N 131 
GLY H    H N N 132 
GLY H2   H N N 133 
GLY HA2  H N N 134 
GLY HA3  H N N 135 
GLY HXT  H N N 136 
HIS N    N N N 137 
HIS CA   C N S 138 
HIS C    C N N 139 
HIS O    O N N 140 
HIS CB   C N N 141 
HIS CG   C Y N 142 
HIS ND1  N Y N 143 
HIS CD2  C Y N 144 
HIS CE1  C Y N 145 
HIS NE2  N Y N 146 
HIS OXT  O N N 147 
HIS H    H N N 148 
HIS H2   H N N 149 
HIS HA   H N N 150 
HIS HB2  H N N 151 
HIS HB3  H N N 152 
HIS HD1  H N N 153 
HIS HD2  H N N 154 
HIS HE1  H N N 155 
HIS HE2  H N N 156 
HIS HXT  H N N 157 
HOH O    O N N 158 
HOH H1   H N N 159 
HOH H2   H N N 160 
ILE N    N N N 161 
ILE CA   C N S 162 
ILE C    C N N 163 
ILE O    O N N 164 
ILE CB   C N S 165 
ILE CG1  C N N 166 
ILE CG2  C N N 167 
ILE CD1  C N N 168 
ILE OXT  O N N 169 
ILE H    H N N 170 
ILE H2   H N N 171 
ILE HA   H N N 172 
ILE HB   H N N 173 
ILE HG12 H N N 174 
ILE HG13 H N N 175 
ILE HG21 H N N 176 
ILE HG22 H N N 177 
ILE HG23 H N N 178 
ILE HD11 H N N 179 
ILE HD12 H N N 180 
ILE HD13 H N N 181 
ILE HXT  H N N 182 
LEU N    N N N 183 
LEU CA   C N S 184 
LEU C    C N N 185 
LEU O    O N N 186 
LEU CB   C N N 187 
LEU CG   C N N 188 
LEU CD1  C N N 189 
LEU CD2  C N N 190 
LEU OXT  O N N 191 
LEU H    H N N 192 
LEU H2   H N N 193 
LEU HA   H N N 194 
LEU HB2  H N N 195 
LEU HB3  H N N 196 
LEU HG   H N N 197 
LEU HD11 H N N 198 
LEU HD12 H N N 199 
LEU HD13 H N N 200 
LEU HD21 H N N 201 
LEU HD22 H N N 202 
LEU HD23 H N N 203 
LEU HXT  H N N 204 
LYS N    N N N 205 
LYS CA   C N S 206 
LYS C    C N N 207 
LYS O    O N N 208 
LYS CB   C N N 209 
LYS CG   C N N 210 
LYS CD   C N N 211 
LYS CE   C N N 212 
LYS NZ   N N N 213 
LYS OXT  O N N 214 
LYS H    H N N 215 
LYS H2   H N N 216 
LYS HA   H N N 217 
LYS HB2  H N N 218 
LYS HB3  H N N 219 
LYS HG2  H N N 220 
LYS HG3  H N N 221 
LYS HD2  H N N 222 
LYS HD3  H N N 223 
LYS HE2  H N N 224 
LYS HE3  H N N 225 
LYS HZ1  H N N 226 
LYS HZ2  H N N 227 
LYS HZ3  H N N 228 
LYS HXT  H N N 229 
MET N    N N N 230 
MET CA   C N S 231 
MET C    C N N 232 
MET O    O N N 233 
MET CB   C N N 234 
MET CG   C N N 235 
MET SD   S N N 236 
MET CE   C N N 237 
MET OXT  O N N 238 
MET H    H N N 239 
MET H2   H N N 240 
MET HA   H N N 241 
MET HB2  H N N 242 
MET HB3  H N N 243 
MET HG2  H N N 244 
MET HG3  H N N 245 
MET HE1  H N N 246 
MET HE2  H N N 247 
MET HE3  H N N 248 
MET HXT  H N N 249 
PHE N    N N N 250 
PHE CA   C N S 251 
PHE C    C N N 252 
PHE O    O N N 253 
PHE CB   C N N 254 
PHE CG   C Y N 255 
PHE CD1  C Y N 256 
PHE CD2  C Y N 257 
PHE CE1  C Y N 258 
PHE CE2  C Y N 259 
PHE CZ   C Y N 260 
PHE OXT  O N N 261 
PHE H    H N N 262 
PHE H2   H N N 263 
PHE HA   H N N 264 
PHE HB2  H N N 265 
PHE HB3  H N N 266 
PHE HD1  H N N 267 
PHE HD2  H N N 268 
PHE HE1  H N N 269 
PHE HE2  H N N 270 
PHE HZ   H N N 271 
PHE HXT  H N N 272 
PRO N    N N N 273 
PRO CA   C N S 274 
PRO C    C N N 275 
PRO O    O N N 276 
PRO CB   C N N 277 
PRO CG   C N N 278 
PRO CD   C N N 279 
PRO OXT  O N N 280 
PRO H    H N N 281 
PRO HA   H N N 282 
PRO HB2  H N N 283 
PRO HB3  H N N 284 
PRO HG2  H N N 285 
PRO HG3  H N N 286 
PRO HD2  H N N 287 
PRO HD3  H N N 288 
PRO HXT  H N N 289 
SER N    N N N 290 
SER CA   C N S 291 
SER C    C N N 292 
SER O    O N N 293 
SER CB   C N N 294 
SER OG   O N N 295 
SER OXT  O N N 296 
SER H    H N N 297 
SER H2   H N N 298 
SER HA   H N N 299 
SER HB2  H N N 300 
SER HB3  H N N 301 
SER HG   H N N 302 
SER HXT  H N N 303 
THR N    N N N 304 
THR CA   C N S 305 
THR C    C N N 306 
THR O    O N N 307 
THR CB   C N R 308 
THR OG1  O N N 309 
THR CG2  C N N 310 
THR OXT  O N N 311 
THR H    H N N 312 
THR H2   H N N 313 
THR HA   H N N 314 
THR HB   H N N 315 
THR HG1  H N N 316 
THR HG21 H N N 317 
THR HG22 H N N 318 
THR HG23 H N N 319 
THR HXT  H N N 320 
TRP N    N N N 321 
TRP CA   C N S 322 
TRP C    C N N 323 
TRP O    O N N 324 
TRP CB   C N N 325 
TRP CG   C Y N 326 
TRP CD1  C Y N 327 
TRP CD2  C Y N 328 
TRP NE1  N Y N 329 
TRP CE2  C Y N 330 
TRP CE3  C Y N 331 
TRP CZ2  C Y N 332 
TRP CZ3  C Y N 333 
TRP CH2  C Y N 334 
TRP OXT  O N N 335 
TRP H    H N N 336 
TRP H2   H N N 337 
TRP HA   H N N 338 
TRP HB2  H N N 339 
TRP HB3  H N N 340 
TRP HD1  H N N 341 
TRP HE1  H N N 342 
TRP HE3  H N N 343 
TRP HZ2  H N N 344 
TRP HZ3  H N N 345 
TRP HH2  H N N 346 
TRP HXT  H N N 347 
TYR N    N N N 348 
TYR CA   C N S 349 
TYR C    C N N 350 
TYR O    O N N 351 
TYR CB   C N N 352 
TYR CG   C Y N 353 
TYR CD1  C Y N 354 
TYR CD2  C Y N 355 
TYR CE1  C Y N 356 
TYR CE2  C Y N 357 
TYR CZ   C Y N 358 
TYR OH   O N N 359 
TYR OXT  O N N 360 
TYR H    H N N 361 
TYR H2   H N N 362 
TYR HA   H N N 363 
TYR HB2  H N N 364 
TYR HB3  H N N 365 
TYR HD1  H N N 366 
TYR HD2  H N N 367 
TYR HE1  H N N 368 
TYR HE2  H N N 369 
TYR HH   H N N 370 
TYR HXT  H N N 371 
VAL N    N N N 372 
VAL CA   C N S 373 
VAL C    C N N 374 
VAL O    O N N 375 
VAL CB   C N N 376 
VAL CG1  C N N 377 
VAL CG2  C N N 378 
VAL OXT  O N N 379 
VAL H    H N N 380 
VAL H2   H N N 381 
VAL HA   H N N 382 
VAL HB   H N N 383 
VAL HG11 H N N 384 
VAL HG12 H N N 385 
VAL HG13 H N N 386 
VAL HG21 H N N 387 
VAL HG22 H N N 388 
VAL HG23 H N N 389 
VAL HXT  H N N 390 
ZK6 N1   N N N 391 
ZK6 N3   N N N 392 
ZK6 C4   C Y N 393 
ZK6 C5   C Y N 394 
ZK6 C6   C Y N 395 
ZK6 C7   C Y N 396 
ZK6 C8   C N N 397 
ZK6 C10  C N N 398 
ZK6 C13  C Y N 399 
ZK6 C15  C Y N 400 
ZK6 C1   C N N 401 
ZK6 C11  C N N 402 
ZK6 C12  C N N 403 
ZK6 C14  C Y N 404 
ZK6 C16  C Y N 405 
ZK6 C2   C Y N 406 
ZK6 C3   C Y N 407 
ZK6 C9   C N N 408 
ZK6 N2   N N N 409 
ZK6 O1   O N N 410 
ZK6 O2   O N N 411 
ZK6 O3   O Y N 412 
ZK6 H1   H N N 413 
ZK6 H3   H N N 414 
ZK6 H4   H N N 415 
ZK6 H5   H N N 416 
ZK6 H6   H N N 417 
ZK6 H7   H N N 418 
ZK6 H8   H N N 419 
ZK6 H11  H N N 420 
ZK6 H12  H N N 421 
ZK6 H16  H N N 422 
ZK6 H13  H N N 423 
ZK6 H14  H N N 424 
ZK6 H15  H N N 425 
ZK6 H17  H N N 426 
ZK6 H2   H N N 427 
ZK6 H9   H N N 428 
ZK6 H10  H N N 429 
# 
loop_
_chem_comp_bond.comp_id 
_chem_comp_bond.atom_id_1 
_chem_comp_bond.atom_id_2 
_chem_comp_bond.value_order 
_chem_comp_bond.pdbx_aromatic_flag 
_chem_comp_bond.pdbx_stereo_config 
_chem_comp_bond.pdbx_ordinal 
ALA N   CA   sing N N 1   
ALA N   H    sing N N 2   
ALA N   H2   sing N N 3   
ALA CA  C    sing N N 4   
ALA CA  CB   sing N N 5   
ALA CA  HA   sing N N 6   
ALA C   O    doub N N 7   
ALA C   OXT  sing N N 8   
ALA CB  HB1  sing N N 9   
ALA CB  HB2  sing N N 10  
ALA CB  HB3  sing N N 11  
ALA OXT HXT  sing N N 12  
ARG N   CA   sing N N 13  
ARG N   H    sing N N 14  
ARG N   H2   sing N N 15  
ARG CA  C    sing N N 16  
ARG CA  CB   sing N N 17  
ARG CA  HA   sing N N 18  
ARG C   O    doub N N 19  
ARG C   OXT  sing N N 20  
ARG CB  CG   sing N N 21  
ARG CB  HB2  sing N N 22  
ARG CB  HB3  sing N N 23  
ARG CG  CD   sing N N 24  
ARG CG  HG2  sing N N 25  
ARG CG  HG3  sing N N 26  
ARG CD  NE   sing N N 27  
ARG CD  HD2  sing N N 28  
ARG CD  HD3  sing N N 29  
ARG NE  CZ   sing N N 30  
ARG NE  HE   sing N N 31  
ARG CZ  NH1  sing N N 32  
ARG CZ  NH2  doub N N 33  
ARG NH1 HH11 sing N N 34  
ARG NH1 HH12 sing N N 35  
ARG NH2 HH21 sing N N 36  
ARG NH2 HH22 sing N N 37  
ARG OXT HXT  sing N N 38  
ASN N   CA   sing N N 39  
ASN N   H    sing N N 40  
ASN N   H2   sing N N 41  
ASN CA  C    sing N N 42  
ASN CA  CB   sing N N 43  
ASN CA  HA   sing N N 44  
ASN C   O    doub N N 45  
ASN C   OXT  sing N N 46  
ASN CB  CG   sing N N 47  
ASN CB  HB2  sing N N 48  
ASN CB  HB3  sing N N 49  
ASN CG  OD1  doub N N 50  
ASN CG  ND2  sing N N 51  
ASN ND2 HD21 sing N N 52  
ASN ND2 HD22 sing N N 53  
ASN OXT HXT  sing N N 54  
ASP N   CA   sing N N 55  
ASP N   H    sing N N 56  
ASP N   H2   sing N N 57  
ASP CA  C    sing N N 58  
ASP CA  CB   sing N N 59  
ASP CA  HA   sing N N 60  
ASP C   O    doub N N 61  
ASP C   OXT  sing N N 62  
ASP CB  CG   sing N N 63  
ASP CB  HB2  sing N N 64  
ASP CB  HB3  sing N N 65  
ASP CG  OD1  doub N N 66  
ASP CG  OD2  sing N N 67  
ASP OD2 HD2  sing N N 68  
ASP OXT HXT  sing N N 69  
CYS N   CA   sing N N 70  
CYS N   H    sing N N 71  
CYS N   H2   sing N N 72  
CYS CA  C    sing N N 73  
CYS CA  CB   sing N N 74  
CYS CA  HA   sing N N 75  
CYS C   O    doub N N 76  
CYS C   OXT  sing N N 77  
CYS CB  SG   sing N N 78  
CYS CB  HB2  sing N N 79  
CYS CB  HB3  sing N N 80  
CYS SG  HG   sing N N 81  
CYS OXT HXT  sing N N 82  
GLN N   CA   sing N N 83  
GLN N   H    sing N N 84  
GLN N   H2   sing N N 85  
GLN CA  C    sing N N 86  
GLN CA  CB   sing N N 87  
GLN CA  HA   sing N N 88  
GLN C   O    doub N N 89  
GLN C   OXT  sing N N 90  
GLN CB  CG   sing N N 91  
GLN CB  HB2  sing N N 92  
GLN CB  HB3  sing N N 93  
GLN CG  CD   sing N N 94  
GLN CG  HG2  sing N N 95  
GLN CG  HG3  sing N N 96  
GLN CD  OE1  doub N N 97  
GLN CD  NE2  sing N N 98  
GLN NE2 HE21 sing N N 99  
GLN NE2 HE22 sing N N 100 
GLN OXT HXT  sing N N 101 
GLU N   CA   sing N N 102 
GLU N   H    sing N N 103 
GLU N   H2   sing N N 104 
GLU CA  C    sing N N 105 
GLU CA  CB   sing N N 106 
GLU CA  HA   sing N N 107 
GLU C   O    doub N N 108 
GLU C   OXT  sing N N 109 
GLU CB  CG   sing N N 110 
GLU CB  HB2  sing N N 111 
GLU CB  HB3  sing N N 112 
GLU CG  CD   sing N N 113 
GLU CG  HG2  sing N N 114 
GLU CG  HG3  sing N N 115 
GLU CD  OE1  doub N N 116 
GLU CD  OE2  sing N N 117 
GLU OE2 HE2  sing N N 118 
GLU OXT HXT  sing N N 119 
GLY N   CA   sing N N 120 
GLY N   H    sing N N 121 
GLY N   H2   sing N N 122 
GLY CA  C    sing N N 123 
GLY CA  HA2  sing N N 124 
GLY CA  HA3  sing N N 125 
GLY C   O    doub N N 126 
GLY C   OXT  sing N N 127 
GLY OXT HXT  sing N N 128 
HIS N   CA   sing N N 129 
HIS N   H    sing N N 130 
HIS N   H2   sing N N 131 
HIS CA  C    sing N N 132 
HIS CA  CB   sing N N 133 
HIS CA  HA   sing N N 134 
HIS C   O    doub N N 135 
HIS C   OXT  sing N N 136 
HIS CB  CG   sing N N 137 
HIS CB  HB2  sing N N 138 
HIS CB  HB3  sing N N 139 
HIS CG  ND1  sing Y N 140 
HIS CG  CD2  doub Y N 141 
HIS ND1 CE1  doub Y N 142 
HIS ND1 HD1  sing N N 143 
HIS CD2 NE2  sing Y N 144 
HIS CD2 HD2  sing N N 145 
HIS CE1 NE2  sing Y N 146 
HIS CE1 HE1  sing N N 147 
HIS NE2 HE2  sing N N 148 
HIS OXT HXT  sing N N 149 
HOH O   H1   sing N N 150 
HOH O   H2   sing N N 151 
ILE N   CA   sing N N 152 
ILE N   H    sing N N 153 
ILE N   H2   sing N N 154 
ILE CA  C    sing N N 155 
ILE CA  CB   sing N N 156 
ILE CA  HA   sing N N 157 
ILE C   O    doub N N 158 
ILE C   OXT  sing N N 159 
ILE CB  CG1  sing N N 160 
ILE CB  CG2  sing N N 161 
ILE CB  HB   sing N N 162 
ILE CG1 CD1  sing N N 163 
ILE CG1 HG12 sing N N 164 
ILE CG1 HG13 sing N N 165 
ILE CG2 HG21 sing N N 166 
ILE CG2 HG22 sing N N 167 
ILE CG2 HG23 sing N N 168 
ILE CD1 HD11 sing N N 169 
ILE CD1 HD12 sing N N 170 
ILE CD1 HD13 sing N N 171 
ILE OXT HXT  sing N N 172 
LEU N   CA   sing N N 173 
LEU N   H    sing N N 174 
LEU N   H2   sing N N 175 
LEU CA  C    sing N N 176 
LEU CA  CB   sing N N 177 
LEU CA  HA   sing N N 178 
LEU C   O    doub N N 179 
LEU C   OXT  sing N N 180 
LEU CB  CG   sing N N 181 
LEU CB  HB2  sing N N 182 
LEU CB  HB3  sing N N 183 
LEU CG  CD1  sing N N 184 
LEU CG  CD2  sing N N 185 
LEU CG  HG   sing N N 186 
LEU CD1 HD11 sing N N 187 
LEU CD1 HD12 sing N N 188 
LEU CD1 HD13 sing N N 189 
LEU CD2 HD21 sing N N 190 
LEU CD2 HD22 sing N N 191 
LEU CD2 HD23 sing N N 192 
LEU OXT HXT  sing N N 193 
LYS N   CA   sing N N 194 
LYS N   H    sing N N 195 
LYS N   H2   sing N N 196 
LYS CA  C    sing N N 197 
LYS CA  CB   sing N N 198 
LYS CA  HA   sing N N 199 
LYS C   O    doub N N 200 
LYS C   OXT  sing N N 201 
LYS CB  CG   sing N N 202 
LYS CB  HB2  sing N N 203 
LYS CB  HB3  sing N N 204 
LYS CG  CD   sing N N 205 
LYS CG  HG2  sing N N 206 
LYS CG  HG3  sing N N 207 
LYS CD  CE   sing N N 208 
LYS CD  HD2  sing N N 209 
LYS CD  HD3  sing N N 210 
LYS CE  NZ   sing N N 211 
LYS CE  HE2  sing N N 212 
LYS CE  HE3  sing N N 213 
LYS NZ  HZ1  sing N N 214 
LYS NZ  HZ2  sing N N 215 
LYS NZ  HZ3  sing N N 216 
LYS OXT HXT  sing N N 217 
MET N   CA   sing N N 218 
MET N   H    sing N N 219 
MET N   H2   sing N N 220 
MET CA  C    sing N N 221 
MET CA  CB   sing N N 222 
MET CA  HA   sing N N 223 
MET C   O    doub N N 224 
MET C   OXT  sing N N 225 
MET CB  CG   sing N N 226 
MET CB  HB2  sing N N 227 
MET CB  HB3  sing N N 228 
MET CG  SD   sing N N 229 
MET CG  HG2  sing N N 230 
MET CG  HG3  sing N N 231 
MET SD  CE   sing N N 232 
MET CE  HE1  sing N N 233 
MET CE  HE2  sing N N 234 
MET CE  HE3  sing N N 235 
MET OXT HXT  sing N N 236 
PHE N   CA   sing N N 237 
PHE N   H    sing N N 238 
PHE N   H2   sing N N 239 
PHE CA  C    sing N N 240 
PHE CA  CB   sing N N 241 
PHE CA  HA   sing N N 242 
PHE C   O    doub N N 243 
PHE C   OXT  sing N N 244 
PHE CB  CG   sing N N 245 
PHE CB  HB2  sing N N 246 
PHE CB  HB3  sing N N 247 
PHE CG  CD1  doub Y N 248 
PHE CG  CD2  sing Y N 249 
PHE CD1 CE1  sing Y N 250 
PHE CD1 HD1  sing N N 251 
PHE CD2 CE2  doub Y N 252 
PHE CD2 HD2  sing N N 253 
PHE CE1 CZ   doub Y N 254 
PHE CE1 HE1  sing N N 255 
PHE CE2 CZ   sing Y N 256 
PHE CE2 HE2  sing N N 257 
PHE CZ  HZ   sing N N 258 
PHE OXT HXT  sing N N 259 
PRO N   CA   sing N N 260 
PRO N   CD   sing N N 261 
PRO N   H    sing N N 262 
PRO CA  C    sing N N 263 
PRO CA  CB   sing N N 264 
PRO CA  HA   sing N N 265 
PRO C   O    doub N N 266 
PRO C   OXT  sing N N 267 
PRO CB  CG   sing N N 268 
PRO CB  HB2  sing N N 269 
PRO CB  HB3  sing N N 270 
PRO CG  CD   sing N N 271 
PRO CG  HG2  sing N N 272 
PRO CG  HG3  sing N N 273 
PRO CD  HD2  sing N N 274 
PRO CD  HD3  sing N N 275 
PRO OXT HXT  sing N N 276 
SER N   CA   sing N N 277 
SER N   H    sing N N 278 
SER N   H2   sing N N 279 
SER CA  C    sing N N 280 
SER CA  CB   sing N N 281 
SER CA  HA   sing N N 282 
SER C   O    doub N N 283 
SER C   OXT  sing N N 284 
SER CB  OG   sing N N 285 
SER CB  HB2  sing N N 286 
SER CB  HB3  sing N N 287 
SER OG  HG   sing N N 288 
SER OXT HXT  sing N N 289 
THR N   CA   sing N N 290 
THR N   H    sing N N 291 
THR N   H2   sing N N 292 
THR CA  C    sing N N 293 
THR CA  CB   sing N N 294 
THR CA  HA   sing N N 295 
THR C   O    doub N N 296 
THR C   OXT  sing N N 297 
THR CB  OG1  sing N N 298 
THR CB  CG2  sing N N 299 
THR CB  HB   sing N N 300 
THR OG1 HG1  sing N N 301 
THR CG2 HG21 sing N N 302 
THR CG2 HG22 sing N N 303 
THR CG2 HG23 sing N N 304 
THR OXT HXT  sing N N 305 
TRP N   CA   sing N N 306 
TRP N   H    sing N N 307 
TRP N   H2   sing N N 308 
TRP CA  C    sing N N 309 
TRP CA  CB   sing N N 310 
TRP CA  HA   sing N N 311 
TRP C   O    doub N N 312 
TRP C   OXT  sing N N 313 
TRP CB  CG   sing N N 314 
TRP CB  HB2  sing N N 315 
TRP CB  HB3  sing N N 316 
TRP CG  CD1  doub Y N 317 
TRP CG  CD2  sing Y N 318 
TRP CD1 NE1  sing Y N 319 
TRP CD1 HD1  sing N N 320 
TRP CD2 CE2  doub Y N 321 
TRP CD2 CE3  sing Y N 322 
TRP NE1 CE2  sing Y N 323 
TRP NE1 HE1  sing N N 324 
TRP CE2 CZ2  sing Y N 325 
TRP CE3 CZ3  doub Y N 326 
TRP CE3 HE3  sing N N 327 
TRP CZ2 CH2  doub Y N 328 
TRP CZ2 HZ2  sing N N 329 
TRP CZ3 CH2  sing Y N 330 
TRP CZ3 HZ3  sing N N 331 
TRP CH2 HH2  sing N N 332 
TRP OXT HXT  sing N N 333 
TYR N   CA   sing N N 334 
TYR N   H    sing N N 335 
TYR N   H2   sing N N 336 
TYR CA  C    sing N N 337 
TYR CA  CB   sing N N 338 
TYR CA  HA   sing N N 339 
TYR C   O    doub N N 340 
TYR C   OXT  sing N N 341 
TYR CB  CG   sing N N 342 
TYR CB  HB2  sing N N 343 
TYR CB  HB3  sing N N 344 
TYR CG  CD1  doub Y N 345 
TYR CG  CD2  sing Y N 346 
TYR CD1 CE1  sing Y N 347 
TYR CD1 HD1  sing N N 348 
TYR CD2 CE2  doub Y N 349 
TYR CD2 HD2  sing N N 350 
TYR CE1 CZ   doub Y N 351 
TYR CE1 HE1  sing N N 352 
TYR CE2 CZ   sing Y N 353 
TYR CE2 HE2  sing N N 354 
TYR CZ  OH   sing N N 355 
TYR OH  HH   sing N N 356 
TYR OXT HXT  sing N N 357 
VAL N   CA   sing N N 358 
VAL N   H    sing N N 359 
VAL N   H2   sing N N 360 
VAL CA  C    sing N N 361 
VAL CA  CB   sing N N 362 
VAL CA  HA   sing N N 363 
VAL C   O    doub N N 364 
VAL C   OXT  sing N N 365 
VAL CB  CG1  sing N N 366 
VAL CB  CG2  sing N N 367 
VAL CB  HB   sing N N 368 
VAL CG1 HG11 sing N N 369 
VAL CG1 HG12 sing N N 370 
VAL CG1 HG13 sing N N 371 
VAL CG2 HG21 sing N N 372 
VAL CG2 HG22 sing N N 373 
VAL CG2 HG23 sing N N 374 
VAL OXT HXT  sing N N 375 
ZK6 O1  C1   doub N N 376 
ZK6 C1  N1   sing N N 377 
ZK6 N1  C2   sing N N 378 
ZK6 C2  C3   doub Y N 379 
ZK6 C3  C4   sing Y N 380 
ZK6 C4  C5   doub Y N 381 
ZK6 C5  C6   sing Y N 382 
ZK6 C6  C7   doub Y N 383 
ZK6 C1  N2   sing N N 384 
ZK6 N2  C8   sing N N 385 
ZK6 C8  C9   sing N N 386 
ZK6 C9  N3   sing N N 387 
ZK6 N3  C10  sing N N 388 
ZK6 C10 C11  sing N N 389 
ZK6 N3  C12  sing N N 390 
ZK6 C12 O2   doub N N 391 
ZK6 C12 C13  sing N N 392 
ZK6 C13 C14  doub Y N 393 
ZK6 C14 C15  sing Y N 394 
ZK6 C15 C16  doub Y N 395 
ZK6 C16 O3   sing Y N 396 
ZK6 C2  C7   sing Y N 397 
ZK6 N2  C11  sing N N 398 
ZK6 C13 O3   sing Y N 399 
ZK6 N1  H1   sing N N 400 
ZK6 C4  H3   sing N N 401 
ZK6 C5  H4   sing N N 402 
ZK6 C6  H5   sing N N 403 
ZK6 C7  H6   sing N N 404 
ZK6 C8  H7   sing N N 405 
ZK6 C8  H8   sing N N 406 
ZK6 C10 H11  sing N N 407 
ZK6 C10 H12  sing N N 408 
ZK6 C15 H16  sing N N 409 
ZK6 C11 H13  sing N N 410 
ZK6 C11 H14  sing N N 411 
ZK6 C14 H15  sing N N 412 
ZK6 C16 H17  sing N N 413 
ZK6 C3  H2   sing N N 414 
ZK6 C9  H9   sing N N 415 
ZK6 C9  H10  sing N N 416 
# 
_pdbx_audit_support.ordinal                1 
_pdbx_audit_support.funding_organization   'Wellcome Trust' 
_pdbx_audit_support.grant_number           None 
_pdbx_audit_support.country                'United Kingdom' 
# 
_pdbx_deposit_group.group_id            G_1002265 
_pdbx_deposit_group.group_description   
;XDomainX of XOrganismX PHIP screened against predicted false negatives and catalogue compounds by X-ray Crystallography at the XChem facility of Diamond Light Source beamline I04-1
;
_pdbx_deposit_group.group_title         'PanDDA analysis group deposition' 
_pdbx_deposit_group.group_type          'changed state' 
# 
_pdbx_entity_instance_feature.ordinal        1 
_pdbx_entity_instance_feature.comp_id        ZK6 
_pdbx_entity_instance_feature.asym_id        ? 
_pdbx_entity_instance_feature.seq_num        ? 
_pdbx_entity_instance_feature.auth_comp_id   ZK6 
_pdbx_entity_instance_feature.auth_asym_id   ? 
_pdbx_entity_instance_feature.auth_seq_num   ? 
_pdbx_entity_instance_feature.feature_type   'SUBJECT OF INVESTIGATION' 
_pdbx_entity_instance_feature.details        ? 
# 
_atom_sites.entry_id                    7FV0 
_atom_sites.fract_transf_matrix[1][1]   -0.01120427 
_atom_sites.fract_transf_matrix[1][2]   -0.00280366 
_atom_sites.fract_transf_matrix[1][3]   -0.00445757 
_atom_sites.fract_transf_matrix[2][1]   -0.01558570 
_atom_sites.fract_transf_matrix[2][2]   0.01923805 
_atom_sites.fract_transf_matrix[2][3]   0.02707519 
_atom_sites.fract_transf_matrix[3][1]   -0.00238210 
_atom_sites.fract_transf_matrix[3][2]   0.01390514 
_atom_sites.fract_transf_matrix[3][3]   -0.01125143 
_atom_sites.fract_transf_vector[1]      -0.146555 
_atom_sites.fract_transf_vector[2]      0.449732 
_atom_sites.fract_transf_vector[3]      0.214944 
# 
loop_
_atom_type.symbol 
C 
N 
O 
S 
# 
loop_
_atom_site.group_PDB 
_atom_site.id 
_atom_site.type_symbol 
_atom_site.label_atom_id 
_atom_site.label_alt_id 
_atom_site.label_comp_id 
_atom_site.label_asym_id 
_atom_site.label_entity_id 
_atom_site.label_seq_id 
_atom_site.pdbx_PDB_ins_code 
_atom_site.Cartn_x 
_atom_site.Cartn_y 
_atom_site.Cartn_z 
_atom_site.occupancy 
_atom_site.B_iso_or_equiv 
_atom_site.pdbx_formal_charge 
_atom_site.auth_seq_id 
_atom_site.auth_comp_id 
_atom_site.auth_asym_id 
_atom_site.auth_atom_id 
_atom_site.pdbx_PDB_model_num 
ATOM   1    N N   . SER A 1 24  ? 0.209   -19.587 14.551  1.00 25.92  ? 1315 SER A N   1 
ATOM   2    C CA  . SER A 1 24  ? -0.780  -18.531 14.153  1.00 26.08  ? 1315 SER A CA  1 
ATOM   3    C C   . SER A 1 24  ? -1.255  -18.808 12.724  1.00 22.71  ? 1315 SER A C   1 
ATOM   4    O O   . SER A 1 24  ? -0.685  -18.223 11.802  1.00 23.23  ? 1315 SER A O   1 
ATOM   5    C CB  . SER A 1 24  ? -0.149  -17.167 14.262  1.00 27.13  ? 1315 SER A CB  1 
ATOM   6    O OG  . SER A 1 24  ? 0.826   -16.991 13.245  1.00 31.17  ? 1315 SER A OG  1 
ATOM   7    N N   . TYR A 1 25  ? -2.243  -19.687 12.526  1.00 19.50  ? 1316 TYR A N   1 
ATOM   8    C CA  . TYR A 1 25  ? -2.556  -20.244 11.185  1.00 16.41  ? 1316 TYR A CA  1 
ATOM   9    C C   . TYR A 1 25  ? -3.921  -19.764 10.682  1.00 14.56  ? 1316 TYR A C   1 
ATOM   10   O O   . TYR A 1 25  ? -4.528  -20.470 9.884   1.00 14.98  ? 1316 TYR A O   1 
ATOM   11   C CB  . TYR A 1 25  ? -2.460  -21.763 11.214  1.00 16.69  ? 1316 TYR A CB  1 
ATOM   12   C CG  . TYR A 1 25  ? -1.127  -22.294 11.685  1.00 15.72  ? 1316 TYR A CG  1 
ATOM   13   C CD1 . TYR A 1 25  ? 0.068   -21.964 11.062  1.00 15.52  ? 1316 TYR A CD1 1 
ATOM   14   C CD2 . TYR A 1 25  ? -1.088  -23.207 12.722  1.00 15.69  ? 1316 TYR A CD2 1 
ATOM   15   C CE1 . TYR A 1 25  ? 1.279   -22.496 11.490  1.00 14.90  ? 1316 TYR A CE1 1 
ATOM   16   C CE2 . TYR A 1 25  ? 0.108   -23.765 13.144  1.00 16.18  ? 1316 TYR A CE2 1 
ATOM   17   C CZ  . TYR A 1 25  ? 1.292   -23.404 12.530  1.00 15.26  ? 1316 TYR A CZ  1 
ATOM   18   O OH  . TYR A 1 25  ? 2.495   -23.950 12.931  1.00 15.90  ? 1316 TYR A OH  1 
ATOM   19   N N   . ASP A 1 26  ? -4.344  -18.564 11.076  1.00 14.93  ? 1317 ASP A N   1 
ATOM   20   C CA  . ASP A 1 26  ? -5.633  -17.977 10.612  1.00 14.44  ? 1317 ASP A CA  1 
ATOM   21   C C   . ASP A 1 26  ? -5.401  -17.410 9.206   1.00 13.66  ? 1317 ASP A C   1 
ATOM   22   O O   . ASP A 1 26  ? -4.688  -16.403 9.046   1.00 14.34  ? 1317 ASP A O   1 
ATOM   23   C CB  . ASP A 1 26  ? -6.137  -16.940 11.612  1.00 15.60  ? 1317 ASP A CB  1 
ATOM   24   C CG  . ASP A 1 26  ? -7.452  -16.266 11.266  1.00 15.17  ? 1317 ASP A CG  1 
ATOM   25   O OD1 . ASP A 1 26  ? -7.888  -16.355 10.121  1.00 15.09  ? 1317 ASP A OD1 1 
ATOM   26   O OD2 . ASP A 1 26  ? -8.050  -15.709 12.199  1.00 19.55  ? 1317 ASP A OD2 1 
ATOM   27   N N   A ILE A 1 27  ? -6.008  -18.048 8.202   0.25 12.04  ? 1318 ILE A N   1 
ATOM   28   N N   B ILE A 1 27  ? -6.006  -18.035 8.197   0.25 13.34  ? 1318 ILE A N   1 
ATOM   29   C CA  A ILE A 1 27  ? -5.909  -17.680 6.755   0.25 11.96  ? 1318 ILE A CA  1 
ATOM   30   C CA  B ILE A 1 27  ? -5.828  -17.636 6.771   0.25 14.17  ? 1318 ILE A CA  1 
ATOM   31   C C   A ILE A 1 27  ? -6.539  -16.296 6.532   0.25 12.33  ? 1318 ILE A C   1 
ATOM   32   C C   B ILE A 1 27  ? -6.560  -16.308 6.508   0.25 13.56  ? 1318 ILE A C   1 
ATOM   33   O O   A ILE A 1 27  ? -6.117  -15.614 5.570   0.25 12.96  ? 1318 ILE A O   1 
ATOM   34   O O   B ILE A 1 27  ? -6.205  -15.656 5.502   0.25 14.07  ? 1318 ILE A O   1 
ATOM   35   C CB  A ILE A 1 27  ? -6.556  -18.761 5.863   0.25 11.21  ? 1318 ILE A CB  1 
ATOM   36   C CB  B ILE A 1 27  ? -6.234  -18.765 5.797   0.25 15.09  ? 1318 ILE A CB  1 
ATOM   37   C CG1 A ILE A 1 27  ? -5.922  -20.135 6.119   0.25 11.21  ? 1318 ILE A CG1 1 
ATOM   38   C CG1 B ILE A 1 27  ? -7.600  -19.379 6.096   0.25 15.65  ? 1318 ILE A CG1 1 
ATOM   39   C CG2 A ILE A 1 27  ? -6.484  -18.384 4.379   0.25 10.82  ? 1318 ILE A CG2 1 
ATOM   40   C CG2 B ILE A 1 27  ? -5.184  -19.863 5.757   0.25 16.28  ? 1318 ILE A CG2 1 
ATOM   41   C CD1 A ILE A 1 27  ? -6.640  -21.303 5.494   0.25 10.64  ? 1318 ILE A CD1 1 
ATOM   42   C CD1 B ILE A 1 27  ? -7.598  -20.891 6.041   0.25 15.48  ? 1318 ILE A CD1 1 
ATOM   43   N N   . GLN A 1 28  ? -7.500  -15.888 7.370   1.00 12.75  ? 1319 GLN A N   1 
ATOM   44   C CA  . GLN A 1 28  ? -8.259  -14.608 7.151   1.00 12.48  ? 1319 GLN A CA  1 
ATOM   45   C C   . GLN A 1 28  ? -7.712  -13.425 7.925   1.00 13.25  ? 1319 GLN A C   1 
ATOM   46   O O   . GLN A 1 28  ? -8.145  -12.276 7.671   1.00 13.38  ? 1319 GLN A O   1 
ATOM   47   C CB  . GLN A 1 28  ? -9.746  -14.758 7.486   1.00 13.13  ? 1319 GLN A CB  1 
ATOM   48   C CG  . GLN A 1 28  ? -10.522 -15.594 6.444   1.00 13.47  ? 1319 GLN A CG  1 
ATOM   49   C CD  . GLN A 1 28  ? -10.592 -17.093 6.683   1.00 12.58  ? 1319 GLN A CD  1 
ATOM   50   O OE1 . GLN A 1 28  ? -10.938 -17.561 7.796   1.00 13.12  ? 1319 GLN A OE1 1 
ATOM   51   N NE2 . GLN A 1 28  ? -10.325 -17.845 5.656   1.00 13.90  ? 1319 GLN A NE2 1 
ATOM   52   N N   . ALA A 1 29  ? -6.711  -13.632 8.815   1.00 13.42  ? 1320 ALA A N   1 
ATOM   53   C CA  . ALA A 1 29  ? -6.298  -12.570 9.763   1.00 13.57  ? 1320 ALA A CA  1 
ATOM   54   C C   . ALA A 1 29  ? -5.661  -11.333 9.069   1.00 12.01  ? 1320 ALA A C   1 
ATOM   55   O O   . ALA A 1 29  ? -5.759  -10.238 9.605   1.00 12.46  ? 1320 ALA A O   1 
ATOM   56   C CB  . ALA A 1 29  ? -5.364  -13.143 10.811  1.00 13.31  ? 1320 ALA A CB  1 
ATOM   57   N N   . TRP A 1 30  ? -5.102  -11.530 7.876   1.00 12.14  ? 1321 TRP A N   1 
ATOM   58   C CA  . TRP A 1 30  ? -4.440  -10.425 7.141   1.00 12.16  ? 1321 TRP A CA  1 
ATOM   59   C C   . TRP A 1 30  ? -5.376  -9.233  6.928   1.00 12.44  ? 1321 TRP A C   1 
ATOM   60   O O   . TRP A 1 30  ? -4.908  -8.113  6.856   1.00 12.27  ? 1321 TRP A O   1 
ATOM   61   C CB  . TRP A 1 30  ? -3.892  -10.900 5.797   1.00 12.59  ? 1321 TRP A CB  1 
ATOM   62   C CG  . TRP A 1 30  ? -4.958  -11.385 4.852   1.00 13.07  ? 1321 TRP A CG  1 
ATOM   63   C CD1 . TRP A 1 30  ? -5.563  -12.602 4.826   1.00 13.02  ? 1321 TRP A CD1 1 
ATOM   64   C CD2 . TRP A 1 30  ? -5.625  -10.573 3.855   1.00 11.87  ? 1321 TRP A CD2 1 
ATOM   65   N NE1 . TRP A 1 30  ? -6.544  -12.640 3.846   1.00 13.21  ? 1321 TRP A NE1 1 
ATOM   66   C CE2 . TRP A 1 30  ? -6.595  -11.415 3.263   1.00 11.87  ? 1321 TRP A CE2 1 
ATOM   67   C CE3 . TRP A 1 30  ? -5.501  -9.273  3.386   1.00 12.63  ? 1321 TRP A CE3 1 
ATOM   68   C CZ2 . TRP A 1 30  ? -7.450  -10.999 2.220   1.00 13.60  ? 1321 TRP A CZ2 1 
ATOM   69   C CZ3 . TRP A 1 30  ? -6.318  -8.864  2.354   1.00 12.99  ? 1321 TRP A CZ3 1 
ATOM   70   C CH2 . TRP A 1 30  ? -7.275  -9.707  1.800   1.00 14.53  ? 1321 TRP A CH2 1 
ATOM   71   N N   . LYS A 1 31  ? -6.686  -9.492  6.778   1.00 12.65  ? 1322 LYS A N   1 
ATOM   72   C CA  . LYS A 1 31  ? -7.602  -8.417  6.318   1.00 12.82  ? 1322 LYS A CA  1 
ATOM   73   C C   . LYS A 1 31  ? -7.675  -7.323  7.388   1.00 12.28  ? 1322 LYS A C   1 
ATOM   74   O O   . LYS A 1 31  ? -7.452  -6.145  7.102   1.00 12.89  ? 1322 LYS A O   1 
ATOM   75   C CB  . LYS A 1 31  ? -8.923  -9.009  5.848   1.00 12.25  ? 1322 LYS A CB  1 
ATOM   76   C CG  . LYS A 1 31  ? -9.903  -7.918  5.376   1.00 13.20  ? 1322 LYS A CG  1 
ATOM   77   C CD  . LYS A 1 31  ? -11.119 -8.521  4.796   1.00 13.76  ? 1322 LYS A CD  1 
ATOM   78   C CE  . LYS A 1 31  ? -12.082 -7.508  4.214   1.00 13.68  ? 1322 LYS A CE  1 
ATOM   79   N NZ  . LYS A 1 31  ? -13.263 -8.168  3.615   1.00 14.10  ? 1322 LYS A NZ  1 
ATOM   80   N N   . LYS A 1 32  ? -7.979  -7.700  8.639   1.00 13.72  ? 1323 LYS A N   1 
ATOM   81   C CA  . LYS A 1 32  ? -8.071  -6.686  9.723   1.00 13.78  ? 1323 LYS A CA  1 
ATOM   82   C C   . LYS A 1 32  ? -6.668  -6.129  10.019  1.00 13.12  ? 1323 LYS A C   1 
ATOM   83   O O   . LYS A 1 32  ? -6.568  -4.947  10.321  1.00 14.68  ? 1323 LYS A O   1 
ATOM   84   C CB  . LYS A 1 32  ? -8.732  -7.199  11.012  1.00 15.62  ? 1323 LYS A CB  1 
ATOM   85   C CG  . LYS A 1 32  ? -9.085  -6.095  12.004  1.00 18.43  ? 1323 LYS A CG  1 
ATOM   86   C CD  . LYS A 1 32  ? -10.162 -6.379  13.038  1.00 20.56  ? 1323 LYS A CD  1 
ATOM   87   C CE  . LYS A 1 32  ? -10.626 -5.090  13.701  1.00 22.50  ? 1323 LYS A CE  1 
ATOM   88   N NZ  . LYS A 1 32  ? -11.212 -5.299  15.045  1.00 24.20  ? 1323 LYS A NZ  1 
ATOM   89   N N   . GLN A 1 33  ? -5.615  -6.938  9.873   1.00 13.36  ? 1324 GLN A N   1 
ATOM   90   C CA  . GLN A 1 33  ? -4.238  -6.426  10.070  1.00 12.68  ? 1324 GLN A CA  1 
ATOM   91   C C   . GLN A 1 33  ? -3.974  -5.318  9.039   1.00 12.73  ? 1324 GLN A C   1 
ATOM   92   O O   . GLN A 1 33  ? -3.429  -4.271  9.379   1.00 13.45  ? 1324 GLN A O   1 
ATOM   93   C CB  . GLN A 1 33  ? -3.207  -7.520  9.945   1.00 13.47  ? 1324 GLN A CB  1 
ATOM   94   C CG  . GLN A 1 33  ? -3.237  -8.500  11.120  1.00 13.93  ? 1324 GLN A CG  1 
ATOM   95   C CD  . GLN A 1 33  ? -2.551  -9.801  10.864  1.00 15.84  ? 1324 GLN A CD  1 
ATOM   96   O OE1 . GLN A 1 33  ? -2.003  -10.088 9.808   1.00 16.96  ? 1324 GLN A OE1 1 
ATOM   97   N NE2 . GLN A 1 33  ? -2.659  -10.688 11.848  1.00 17.93  ? 1324 GLN A NE2 1 
ATOM   98   N N   . CYS A 1 34  ? -4.426  -5.492  7.804   1.00 12.11  ? 1325 CYS A N   1 
ATOM   99   C CA  . CYS A 1 34  ? -4.262  -4.465  6.759   1.00 11.97  ? 1325 CYS A CA  1 
ATOM   100  C C   . CYS A 1 34  ? -5.166  -3.247  7.016   1.00 12.46  ? 1325 CYS A C   1 
ATOM   101  O O   . CYS A 1 34  ? -4.737  -2.089  6.801   1.00 12.28  ? 1325 CYS A O   1 
ATOM   102  C CB  . CYS A 1 34  ? -4.523  -5.045  5.381   1.00 11.92  ? 1325 CYS A CB  1 
ATOM   103  S SG  . CYS A 1 34  ? -3.214  -6.132  4.762   1.00 13.09  ? 1325 CYS A SG  1 
ATOM   104  N N   . GLU A 1 35  ? -6.392  -3.445  7.485   1.00 13.03  ? 1326 GLU A N   1 
ATOM   105  C CA  . GLU A 1 35  ? -7.263  -2.329  7.916   1.00 13.65  ? 1326 GLU A CA  1 
ATOM   106  C C   . GLU A 1 35  ? -6.553  -1.480  8.964   1.00 14.51  ? 1326 GLU A C   1 
ATOM   107  O O   . GLU A 1 35  ? -6.563  -0.241  8.841   1.00 14.83  ? 1326 GLU A O   1 
ATOM   108  C CB  . GLU A 1 35  ? -8.569  -2.909  8.468   1.00 15.60  ? 1326 GLU A CB  1 
ATOM   109  C CG  . GLU A 1 35  ? -9.538  -3.469  7.474   1.00 17.82  ? 1326 GLU A CG  1 
ATOM   110  C CD  . GLU A 1 35  ? -10.728 -4.218  8.059   1.00 22.90  ? 1326 GLU A CD  1 
ATOM   111  O OE1 . GLU A 1 35  ? -10.871 -4.287  9.310   1.00 25.80  ? 1326 GLU A OE1 1 
ATOM   112  O OE2 . GLU A 1 35  ? -11.477 -4.800  7.255   1.00 24.09  ? 1326 GLU A OE2 1 
ATOM   113  N N   . GLU A 1 36  ? -5.990  -2.097  9.979   1.00 13.85  ? 1327 GLU A N   1 
ATOM   114  C CA  . GLU A 1 36  ? -5.298  -1.378  11.070  1.00 15.49  ? 1327 GLU A CA  1 
ATOM   115  C C   . GLU A 1 36  ? -4.086  -0.639  10.524  1.00 14.51  ? 1327 GLU A C   1 
ATOM   116  O O   . GLU A 1 36  ? -3.840  0.524   10.900  1.00 15.72  ? 1327 GLU A O   1 
ATOM   117  C CB  . GLU A 1 36  ? -4.984  -2.370  12.194  1.00 18.93  ? 1327 GLU A CB  1 
ATOM   118  C CG  . GLU A 1 36  ? -6.258  -2.813  12.890  1.00 26.31  ? 1327 GLU A CG  1 
ATOM   119  C CD  . GLU A 1 36  ? -6.079  -3.914  13.917  1.00 32.83  ? 1327 GLU A CD  1 
ATOM   120  O OE1 . GLU A 1 36  ? -4.911  -4.182  14.320  1.00 39.29  ? 1327 GLU A OE1 1 
ATOM   121  O OE2 . GLU A 1 36  ? -7.113  -4.516  14.302  1.00 42.24  ? 1327 GLU A OE2 1 
ATOM   122  N N   . LEU A 1 37  ? -3.317  -1.279  9.635   1.00 14.82  ? 1328 LEU A N   1 
ATOM   123  C CA  . LEU A 1 37  ? -2.116  -0.616  9.056   1.00 13.22  ? 1328 LEU A CA  1 
ATOM   124  C C   . LEU A 1 37  ? -2.545  0.594   8.210   1.00 13.46  ? 1328 LEU A C   1 
ATOM   125  O O   . LEU A 1 37  ? -1.904  1.686   8.287   1.00 13.09  ? 1328 LEU A O   1 
ATOM   126  C CB  . LEU A 1 37  ? -1.282  -1.605  8.281   1.00 14.70  ? 1328 LEU A CB  1 
ATOM   127  C CG  . LEU A 1 37  ? -0.070  -1.037  7.542   1.00 13.83  ? 1328 LEU A CG  1 
ATOM   128  C CD1 . LEU A 1 37  ? 0.852   -0.229  8.481   1.00 14.67  ? 1328 LEU A CD1 1 
ATOM   129  C CD2 . LEU A 1 37  ? 0.705   -2.178  6.961   1.00 15.12  ? 1328 LEU A CD2 1 
ATOM   130  N N   . LEU A 1 38  ? -3.620  0.482   7.427   1.00 13.12  ? 1329 LEU A N   1 
ATOM   131  C CA  . LEU A 1 38  ? -4.139  1.639   6.680   1.00 13.41  ? 1329 LEU A CA  1 
ATOM   132  C C   . LEU A 1 38  ? -4.547  2.754   7.650   1.00 14.34  ? 1329 LEU A C   1 
ATOM   133  O O   . LEU A 1 38  ? -4.293  3.953   7.345   1.00 16.59  ? 1329 LEU A O   1 
ATOM   134  C CB  . LEU A 1 38  ? -5.299  1.192   5.782   1.00 14.17  ? 1329 LEU A CB  1 
ATOM   135  C CG  . LEU A 1 38  ? -4.868  0.338   4.592   1.00 13.76  ? 1329 LEU A CG  1 
ATOM   136  C CD1 . LEU A 1 38  ? -6.085  -0.267  3.924   1.00 15.15  ? 1329 LEU A CD1 1 
ATOM   137  C CD2 . LEU A 1 38  ? -4.117  1.158   3.555   1.00 16.88  ? 1329 LEU A CD2 1 
ATOM   138  N N   . ASN A 1 39  ? -5.183  2.422   8.757   1.00 16.57  ? 1330 ASN A N   1 
ATOM   139  C CA  . ASN A 1 39  ? -5.538  3.467   9.764   1.00 18.21  ? 1330 ASN A CA  1 
ATOM   140  C C   . ASN A 1 39  ? -4.261  4.198   10.228  1.00 16.18  ? 1330 ASN A C   1 
ATOM   141  O O   . ASN A 1 39  ? -4.201  5.488   10.297  1.00 17.67  ? 1330 ASN A O   1 
ATOM   142  C CB  . ASN A 1 39  ? -6.279  2.840   10.952  1.00 19.24  ? 1330 ASN A CB  1 
ATOM   143  C CG  . ASN A 1 39  ? -7.712  2.486   10.634  1.00 23.12  ? 1330 ASN A CG  1 
ATOM   144  O OD1 . ASN A 1 39  ? -8.290  2.990   9.675   1.00 26.71  ? 1330 ASN A OD1 1 
ATOM   145  N ND2 . ASN A 1 39  ? -8.307  1.616   11.441  1.00 26.14  ? 1330 ASN A ND2 1 
ATOM   146  N N   . LEU A 1 40  ? -3.201  3.478   10.509  1.00 14.40  ? 1331 LEU A N   1 
ATOM   147  C CA  . LEU A 1 40  ? -1.919  4.091   10.957  1.00 15.79  ? 1331 LEU A CA  1 
ATOM   148  C C   . LEU A 1 40  ? -1.368  4.964   9.830   1.00 15.08  ? 1331 LEU A C   1 
ATOM   149  O O   . LEU A 1 40  ? -0.910  6.113   10.097  1.00 17.13  ? 1331 LEU A O   1 
ATOM   150  C CB  . LEU A 1 40  ? -0.895  3.026   11.318  1.00 16.77  ? 1331 LEU A CB  1 
ATOM   151  C CG  . LEU A 1 40  ? -1.136  2.250   12.610  1.00 16.72  ? 1331 LEU A CG  1 
ATOM   152  C CD1 . LEU A 1 40  ? -0.118  1.146   12.781  1.00 20.49  ? 1331 LEU A CD1 1 
ATOM   153  C CD2 . LEU A 1 40  ? -1.168  3.179   13.843  1.00 20.33  ? 1331 LEU A CD2 1 
ATOM   154  N N   . ILE A 1 41  ? -1.442  4.540   8.575   1.00 14.52  ? 1332 ILE A N   1 
ATOM   155  C CA  . ILE A 1 41  ? -0.933  5.310   7.423   1.00 13.52  ? 1332 ILE A CA  1 
ATOM   156  C C   . ILE A 1 41  ? -1.730  6.606   7.290   1.00 14.74  ? 1332 ILE A C   1 
ATOM   157  O O   . ILE A 1 41  ? -1.100  7.676   7.119   1.00 14.64  ? 1332 ILE A O   1 
ATOM   158  C CB  . ILE A 1 41  ? -0.968  4.436   6.138   1.00 13.13  ? 1332 ILE A CB  1 
ATOM   159  C CG1 . ILE A 1 41  ? 0.146   3.380   6.221   1.00 14.40  ? 1332 ILE A CG1 1 
ATOM   160  C CG2 . ILE A 1 41  ? -0.850  5.276   4.872   1.00 12.62  ? 1332 ILE A CG2 1 
ATOM   161  C CD1 . ILE A 1 41  ? 0.061   2.316   5.188   1.00 15.79  ? 1332 ILE A CD1 1 
ATOM   162  N N   . PHE A 1 42  ? -3.051  6.543   7.457   1.00 15.80  ? 1333 PHE A N   1 
ATOM   163  C CA  . PHE A 1 42  ? -3.892  7.766   7.386   1.00 18.25  ? 1333 PHE A CA  1 
ATOM   164  C C   . PHE A 1 42  ? -3.537  8.747   8.521   1.00 19.43  ? 1333 PHE A C   1 
ATOM   165  O O   . PHE A 1 42  ? -3.568  9.983   8.237   1.00 23.02  ? 1333 PHE A O   1 
ATOM   166  C CB  . PHE A 1 42  ? -5.362  7.346   7.284   1.00 17.38  ? 1333 PHE A CB  1 
ATOM   167  C CG  . PHE A 1 42  ? -5.863  7.096   5.879   1.00 18.22  ? 1333 PHE A CG  1 
ATOM   168  C CD1 . PHE A 1 42  ? -6.386  8.137   5.128   1.00 19.89  ? 1333 PHE A CD1 1 
ATOM   169  C CD2 . PHE A 1 42  ? -5.810  5.840   5.300   1.00 21.70  ? 1333 PHE A CD2 1 
ATOM   170  C CE1 . PHE A 1 42  ? -6.861  7.930   3.838   1.00 22.08  ? 1333 PHE A CE1 1 
ATOM   171  C CE2 . PHE A 1 42  ? -6.286  5.628   4.004   1.00 21.92  ? 1333 PHE A CE2 1 
ATOM   172  C CZ  . PHE A 1 42  ? -6.798  6.680   3.271   1.00 20.35  ? 1333 PHE A CZ  1 
ATOM   173  N N   . GLN A 1 43  ? -3.072  8.288   9.693   1.00 18.31  ? 1334 GLN A N   1 
ATOM   174  C CA  . GLN A 1 43  ? -2.626  9.181   10.821  1.00 19.71  ? 1334 GLN A CA  1 
ATOM   175  C C   . GLN A 1 43  ? -1.250  9.814   10.584  1.00 21.76  ? 1334 GLN A C   1 
ATOM   176  O O   . GLN A 1 43  ? -0.929  10.838  11.209  1.00 22.81  ? 1334 GLN A O   1 
ATOM   177  C CB  . GLN A 1 43  ? -2.549  8.323   12.094  1.00 20.31  ? 1334 GLN A CB  1 
ATOM   178  C CG  . GLN A 1 43  ? -3.877  7.771   12.602  1.00 24.54  ? 1334 GLN A CG  1 
ATOM   179  N N   A CYS A 1 44  ? -0.440  9.211   9.721   0.32 18.64  ? 1335 CYS A N   1 
ATOM   180  N N   B CYS A 1 44  ? -0.426  9.207   9.728   0.32 18.92  ? 1335 CYS A N   1 
ATOM   181  C CA  A CYS A 1 44  ? 0.902   9.713   9.348   0.32 17.57  ? 1335 CYS A CA  1 
ATOM   182  C CA  B CYS A 1 44  ? 0.930   9.696   9.365   0.32 17.95  ? 1335 CYS A CA  1 
ATOM   183  C C   A CYS A 1 44  ? 0.730   10.999  8.535   0.32 17.66  ? 1335 CYS A C   1 
ATOM   184  C C   B CYS A 1 44  ? 0.773   10.973  8.530   0.32 17.84  ? 1335 CYS A C   1 
ATOM   185  O O   A CYS A 1 44  ? -0.003  10.993  7.524   0.32 16.52  ? 1335 CYS A O   1 
ATOM   186  O O   B CYS A 1 44  ? 0.101   10.934  7.483   0.32 16.56  ? 1335 CYS A O   1 
ATOM   187  C CB  A CYS A 1 44  ? 1.689   8.680   8.547   0.32 17.57  ? 1335 CYS A CB  1 
ATOM   188  C CB  B CYS A 1 44  ? 1.735   8.667   8.567   0.32 18.30  ? 1335 CYS A CB  1 
ATOM   189  S SG  A CYS A 1 44  ? 2.188   7.279   9.576   0.32 18.47  ? 1335 CYS A SG  1 
ATOM   190  S SG  B CYS A 1 44  ? 3.519   9.002   8.539   0.32 20.03  ? 1335 CYS A SG  1 
ATOM   191  N N   . GLU A 1 45  ? 1.386   12.081  8.948   1.00 17.39  ? 1336 GLU A N   1 
ATOM   192  C CA  . GLU A 1 45  ? 1.378   13.311  8.099   1.00 17.54  ? 1336 GLU A CA  1 
ATOM   193  C C   . GLU A 1 45  ? 1.952   13.029  6.699   1.00 15.35  ? 1336 GLU A C   1 
ATOM   194  O O   . GLU A 1 45  ? 1.534   13.664  5.683   1.00 16.29  ? 1336 GLU A O   1 
ATOM   195  C CB  . GLU A 1 45  ? 2.141   14.421  8.804   1.00 17.32  ? 1336 GLU A CB  1 
ATOM   196  C CG  . GLU A 1 45  ? 1.409   14.924  10.033  1.00 20.09  ? 1336 GLU A CG  1 
ATOM   197  C CD  . GLU A 1 45  ? 2.067   16.067  10.770  1.00 24.68  ? 1336 GLU A CD  1 
ATOM   198  O OE1 . GLU A 1 45  ? 3.181   16.441  10.398  1.00 25.06  ? 1336 GLU A OE1 1 
ATOM   199  O OE2 . GLU A 1 45  ? 1.446   16.559  11.734  1.00 28.04  ? 1336 GLU A OE2 1 
ATOM   200  N N   . ASP A 1 46  ? 2.871   12.081  6.618   1.00 14.01  ? 1337 ASP A N   1 
ATOM   201  C CA  . ASP A 1 46  ? 3.533   11.741  5.335   1.00 14.33  ? 1337 ASP A CA  1 
ATOM   202  C C   . ASP A 1 46  ? 2.561   11.118  4.304   1.00 14.01  ? 1337 ASP A C   1 
ATOM   203  O O   . ASP A 1 46  ? 2.942   11.060  3.120   1.00 14.49  ? 1337 ASP A O   1 
ATOM   204  C CB  . ASP A 1 46  ? 4.745   10.838  5.520   1.00 15.29  ? 1337 ASP A CB  1 
ATOM   205  C CG  . ASP A 1 46  ? 5.976   11.520  6.147   1.00 16.60  ? 1337 ASP A CG  1 
ATOM   206  O OD1 . ASP A 1 46  ? 6.076   12.773  6.029   1.00 18.53  ? 1337 ASP A OD1 1 
ATOM   207  O OD2 . ASP A 1 46  ? 6.859   10.816  6.622   1.00 15.97  ? 1337 ASP A OD2 1 
ATOM   208  N N   . SER A 1 47  ? 1.379   10.639  4.701   1.00 13.65  ? 1338 SER A N   1 
ATOM   209  C CA  . SER A 1 47  ? 0.409   10.099  3.719   1.00 13.70  ? 1338 SER A CA  1 
ATOM   210  C C   . SER A 1 47  ? -0.383  11.211  3.027   1.00 14.55  ? 1338 SER A C   1 
ATOM   211  O O   . SER A 1 47  ? -1.124  10.884  2.108   1.00 13.67  ? 1338 SER A O   1 
ATOM   212  C CB  . SER A 1 47  ? -0.519  9.080   4.330   1.00 13.76  ? 1338 SER A CB  1 
ATOM   213  O OG  . SER A 1 47  ? -1.508  9.689   5.162   1.00 14.03  ? 1338 SER A OG  1 
ATOM   214  N N   . GLU A 1 48  ? -0.240  12.471  3.435   1.00 14.84  ? 1339 GLU A N   1 
ATOM   215  C CA  . GLU A 1 48  ? -1.096  13.568  2.917   1.00 16.15  ? 1339 GLU A CA  1 
ATOM   216  C C   . GLU A 1 48  ? -1.177  13.579  1.385   1.00 14.48  ? 1339 GLU A C   1 
ATOM   217  O O   . GLU A 1 48  ? -2.280  13.677  0.835   1.00 15.50  ? 1339 GLU A O   1 
ATOM   218  C CB  . GLU A 1 48  ? -0.668  14.919  3.502   1.00 18.19  ? 1339 GLU A CB  1 
ATOM   219  C CG  . GLU A 1 48  ? -1.623  16.031  3.110   1.00 22.11  ? 1339 GLU A CG  1 
ATOM   220  C CD  . GLU A 1 48  ? -1.510  16.511  1.679   1.00 26.11  ? 1339 GLU A CD  1 
ATOM   221  O OE1 . GLU A 1 48  ? -0.525  16.138  0.998   1.00 33.96  ? 1339 GLU A OE1 1 
ATOM   222  O OE2 . GLU A 1 48  ? -2.416  17.241  1.237   1.00 30.79  ? 1339 GLU A OE2 1 
ATOM   223  N N   . PRO A 1 49  ? -0.063  13.509  0.611   1.00 13.48  ? 1340 PRO A N   1 
ATOM   224  C CA  . PRO A 1 49  ? -0.152  13.530  -0.858  1.00 13.38  ? 1340 PRO A CA  1 
ATOM   225  C C   . PRO A 1 49  ? -0.914  12.344  -1.485  1.00 13.10  ? 1340 PRO A C   1 
ATOM   226  O O   . PRO A 1 49  ? -1.344  12.428  -2.646  1.00 13.38  ? 1340 PRO A O   1 
ATOM   227  C CB  . PRO A 1 49  ? 1.325   13.526  -1.306  1.00 13.46  ? 1340 PRO A CB  1 
ATOM   228  C CG  . PRO A 1 49  ? 2.058   14.146  -0.142  1.00 12.91  ? 1340 PRO A CG  1 
ATOM   229  C CD  . PRO A 1 49  ? 1.340   13.547  1.057   1.00 12.94  ? 1340 PRO A CD  1 
ATOM   230  N N   . PHE A 1 50  ? -1.089  11.264  -0.725  1.00 13.42  ? 1341 PHE A N   1 
ATOM   231  C CA  . PHE A 1 50  ? -1.456  9.913   -1.227  1.00 12.99  ? 1341 PHE A CA  1 
ATOM   232  C C   . PHE A 1 50  ? -2.807  9.426   -0.689  1.00 14.10  ? 1341 PHE A C   1 
ATOM   233  O O   . PHE A 1 50  ? -3.142  8.260   -0.898  1.00 13.19  ? 1341 PHE A O   1 
ATOM   234  C CB  . PHE A 1 50  ? -0.325  8.939   -0.880  1.00 12.82  ? 1341 PHE A CB  1 
ATOM   235  C CG  . PHE A 1 50  ? 1.044   9.461   -1.249  1.00 12.32  ? 1341 PHE A CG  1 
ATOM   236  C CD1 . PHE A 1 50  ? 1.389   9.611   -2.588  1.00 14.03  ? 1341 PHE A CD1 1 
ATOM   237  C CD2 . PHE A 1 50  ? 1.948   9.877   -0.275  1.00 13.03  ? 1341 PHE A CD2 1 
ATOM   238  C CE1 . PHE A 1 50  ? 2.616   10.138  -2.947  1.00 13.81  ? 1341 PHE A CE1 1 
ATOM   239  C CE2 . PHE A 1 50  ? 3.172   10.407  -0.639  1.00 13.60  ? 1341 PHE A CE2 1 
ATOM   240  C CZ  . PHE A 1 50  ? 3.509   10.527  -1.972  1.00 14.02  ? 1341 PHE A CZ  1 
ATOM   241  N N   . ARG A 1 51  ? -3.577  10.279  -0.007  1.00 15.45  ? 1342 ARG A N   1 
ATOM   242  C CA  . ARG A 1 51  ? -4.843  9.872   0.658   1.00 16.21  ? 1342 ARG A CA  1 
ATOM   243  C C   . ARG A 1 51  ? -5.988  9.818   -0.355  1.00 16.77  ? 1342 ARG A C   1 
ATOM   244  O O   . ARG A 1 51  ? -7.078  9.313   0.000   1.00 16.87  ? 1342 ARG A O   1 
ATOM   245  C CB  . ARG A 1 51  ? -5.195  10.820  1.817   1.00 17.01  ? 1342 ARG A CB  1 
ATOM   246  C CG  . ARG A 1 51  ? -4.257  10.722  3.015   1.00 17.76  ? 1342 ARG A CG  1 
ATOM   247  C CD  . ARG A 1 51  ? -4.386  11.890  3.993   1.00 17.65  ? 1342 ARG A CD  1 
ATOM   248  N NE  . ARG A 1 51  ? -3.328  11.905  5.004   1.00 18.66  ? 1342 ARG A NE  1 
ATOM   249  C CZ  . ARG A 1 51  ? -3.052  12.917  5.840   1.00 18.22  ? 1342 ARG A CZ  1 
ATOM   250  N NH1 . ARG A 1 51  ? -3.755  14.040  5.791   1.00 20.03  ? 1342 ARG A NH1 1 
ATOM   251  N NH2 . ARG A 1 51  ? -2.043  12.809  6.692   1.00 18.75  ? 1342 ARG A NH2 1 
ATOM   252  N N   . GLN A 1 52  ? -5.808  10.404  -1.539  1.00 18.07  ? 1343 GLN A N   1 
ATOM   253  C CA  . GLN A 1 52  ? -6.901  10.540  -2.529  1.00 19.55  ? 1343 GLN A CA  1 
ATOM   254  C C   . GLN A 1 52  ? -6.281  10.545  -3.920  1.00 19.96  ? 1343 GLN A C   1 
ATOM   255  O O   . GLN A 1 52  ? -5.086  10.816  -4.045  1.00 19.85  ? 1343 GLN A O   1 
ATOM   256  C CB  . GLN A 1 52  ? -7.699  11.823  -2.254  1.00 21.58  ? 1343 GLN A CB  1 
ATOM   257  C CG  . GLN A 1 52  ? -8.176  11.981  -0.811  1.00 25.17  ? 1343 GLN A CG  1 
ATOM   258  C CD  . GLN A 1 52  ? -9.427  11.202  -0.484  1.00 27.30  ? 1343 GLN A CD  1 
ATOM   259  O OE1 . GLN A 1 52  ? -10.388 11.193  -1.252  1.00 32.41  ? 1343 GLN A OE1 1 
ATOM   260  N NE2 . GLN A 1 52  ? -9.443  10.578  0.685   1.00 29.09  ? 1343 GLN A NE2 1 
ATOM   261  N N   . PRO A 1 53  ? -7.047  10.193  -4.981  1.00 20.96  ? 1344 PRO A N   1 
ATOM   262  C CA  . PRO A 1 53  ? -6.517  10.189  -6.343  1.00 22.37  ? 1344 PRO A CA  1 
ATOM   263  C C   . PRO A 1 53  ? -5.889  11.539  -6.711  1.00 23.26  ? 1344 PRO A C   1 
ATOM   264  O O   . PRO A 1 53  ? -6.444  12.587  -6.356  1.00 23.72  ? 1344 PRO A O   1 
ATOM   265  C CB  . PRO A 1 53  ? -7.743  9.897   -7.221  1.00 21.88  ? 1344 PRO A CB  1 
ATOM   266  C CG  . PRO A 1 53  ? -8.665  9.140   -6.307  1.00 21.40  ? 1344 PRO A CG  1 
ATOM   267  C CD  . PRO A 1 53  ? -8.446  9.740   -4.937  1.00 21.40  ? 1344 PRO A CD  1 
ATOM   268  N N   . VAL A 1 54  ? -4.737  11.481  -7.380  1.00 23.85  ? 1345 VAL A N   1 
ATOM   269  C CA  . VAL A 1 54  ? -3.911  12.659  -7.778  1.00 24.31  ? 1345 VAL A CA  1 
ATOM   270  C C   . VAL A 1 54  ? -4.779  13.661  -8.539  1.00 25.50  ? 1345 VAL A C   1 
ATOM   271  O O   . VAL A 1 54  ? -5.660  13.223  -9.330  1.00 27.71  ? 1345 VAL A O   1 
ATOM   272  C CB  . VAL A 1 54  ? -2.689  12.237  -8.612  1.00 25.24  ? 1345 VAL A CB  1 
ATOM   273  C CG1 . VAL A 1 54  ? -2.075  13.414  -9.354  1.00 26.28  ? 1345 VAL A CG1 1 
ATOM   274  C CG2 . VAL A 1 54  ? -1.656  11.562  -7.727  1.00 25.68  ? 1345 VAL A CG2 1 
ATOM   275  N N   . ASP A 1 55  ? -4.508  14.948  -8.296  1.00 25.61  ? 1346 ASP A N   1 
ATOM   276  C CA  . ASP A 1 55  ? -5.272  16.099  -8.842  1.00 24.99  ? 1346 ASP A CA  1 
ATOM   277  C C   . ASP A 1 55  ? -4.827  16.361  -10.282 1.00 23.65  ? 1346 ASP A C   1 
ATOM   278  O O   . ASP A 1 55  ? -3.770  16.966  -10.491 1.00 23.70  ? 1346 ASP A O   1 
ATOM   279  C CB  . ASP A 1 55  ? -5.144  17.350  -7.970  1.00 25.67  ? 1346 ASP A CB  1 
ATOM   280  C CG  . ASP A 1 55  ? -6.199  18.399  -8.297  1.00 27.46  ? 1346 ASP A CG  1 
ATOM   281  O OD1 . ASP A 1 55  ? -6.666  19.082  -7.357  1.00 29.06  ? 1346 ASP A OD1 1 
ATOM   282  O OD2 . ASP A 1 55  ? -6.564  18.515  -9.483  1.00 28.38  ? 1346 ASP A OD2 1 
ATOM   283  N N   . LEU A 1 56  ? -5.655  15.932  -11.223 1.00 22.22  ? 1347 LEU A N   1 
ATOM   284  C CA  . LEU A 1 56  ? -5.350  15.960  -12.670 1.00 22.34  ? 1347 LEU A CA  1 
ATOM   285  C C   . LEU A 1 56  ? -5.490  17.394  -13.194 1.00 22.92  ? 1347 LEU A C   1 
ATOM   286  O O   . LEU A 1 56  ? -4.913  17.685  -14.246 1.00 23.01  ? 1347 LEU A O   1 
ATOM   287  C CB  . LEU A 1 56  ? -6.288  14.981  -13.382 1.00 21.72  ? 1347 LEU A CB  1 
ATOM   288  C CG  . LEU A 1 56  ? -6.239  13.534  -12.887 1.00 21.70  ? 1347 LEU A CG  1 
ATOM   289  C CD1 . LEU A 1 56  ? -7.205  12.685  -13.697 1.00 22.40  ? 1347 LEU A CD1 1 
ATOM   290  C CD2 . LEU A 1 56  ? -4.833  12.955  -12.948 1.00 21.88  ? 1347 LEU A CD2 1 
ATOM   291  N N   . LEU A 1 57  ? -6.197  18.273  -12.477 1.00 25.17  ? 1348 LEU A N   1 
ATOM   292  C CA  . LEU A 1 57  ? -6.278  19.709  -12.853 1.00 26.13  ? 1348 LEU A CA  1 
ATOM   293  C C   . LEU A 1 57  ? -4.944  20.383  -12.519 1.00 27.03  ? 1348 LEU A C   1 
ATOM   294  O O   . LEU A 1 57  ? -4.445  21.151  -13.361 1.00 28.15  ? 1348 LEU A O   1 
ATOM   295  C CB  . LEU A 1 57  ? -7.457  20.379  -12.135 1.00 28.09  ? 1348 LEU A CB  1 
ATOM   296  C CG  . LEU A 1 57  ? -8.822  19.728  -12.349 1.00 30.29  ? 1348 LEU A CG  1 
ATOM   297  C CD1 . LEU A 1 57  ? -9.916  20.554  -11.688 1.00 32.56  ? 1348 LEU A CD1 1 
ATOM   298  C CD2 . LEU A 1 57  ? -9.122  19.537  -13.827 1.00 30.22  ? 1348 LEU A CD2 1 
ATOM   299  N N   . GLU A 1 58  ? -4.393  20.092  -11.334 1.00 27.27  ? 1349 GLU A N   1 
ATOM   300  C CA  . GLU A 1 58  ? -3.101  20.638  -10.832 1.00 28.90  ? 1349 GLU A CA  1 
ATOM   301  C C   . GLU A 1 58  ? -1.940  20.046  -11.641 1.00 26.37  ? 1349 GLU A C   1 
ATOM   302  O O   . GLU A 1 58  ? -0.929  20.752  -11.840 1.00 27.02  ? 1349 GLU A O   1 
ATOM   303  C CB  . GLU A 1 58  ? -2.914  20.294  -9.349  1.00 31.23  ? 1349 GLU A CB  1 
ATOM   304  C CG  . GLU A 1 58  ? -3.860  21.026  -8.409  1.00 35.23  ? 1349 GLU A CG  1 
ATOM   305  C CD  . GLU A 1 58  ? -3.827  20.561  -6.957  1.00 40.50  ? 1349 GLU A CD  1 
ATOM   306  O OE1 . GLU A 1 58  ? -2.858  19.857  -6.567  1.00 43.34  ? 1349 GLU A OE1 1 
ATOM   307  O OE2 . GLU A 1 58  ? -4.764  20.916  -6.202  1.00 45.22  ? 1349 GLU A OE2 1 
ATOM   308  N N   . TYR A 1 59  ? -2.077  18.778  -12.059 1.00 25.73  ? 1350 TYR A N   1 
ATOM   309  C CA  . TYR A 1 59  ? -1.039  17.968  -12.751 1.00 24.61  ? 1350 TYR A CA  1 
ATOM   310  C C   . TYR A 1 59  ? -1.630  17.444  -14.064 1.00 23.56  ? 1350 TYR A C   1 
ATOM   311  O O   . TYR A 1 59  ? -1.930  16.264  -14.192 1.00 23.31  ? 1350 TYR A O   1 
ATOM   312  C CB  . TYR A 1 59  ? -0.533  16.899  -11.771 1.00 24.53  ? 1350 TYR A CB  1 
ATOM   313  C CG  . TYR A 1 59  ? 0.014   17.459  -10.471 1.00 24.89  ? 1350 TYR A CG  1 
ATOM   314  C CD1 . TYR A 1 59  ? 1.332   17.872  -10.367 1.00 26.59  ? 1350 TYR A CD1 1 
ATOM   315  C CD2 . TYR A 1 59  ? -0.781  17.598  -9.344  1.00 27.42  ? 1350 TYR A CD2 1 
ATOM   316  C CE1 . TYR A 1 59  ? 1.842   18.406  -9.191  1.00 27.13  ? 1350 TYR A CE1 1 
ATOM   317  C CE2 . TYR A 1 59  ? -0.290  18.133  -8.159  1.00 26.70  ? 1350 TYR A CE2 1 
ATOM   318  C CZ  . TYR A 1 59  ? 1.031   18.531  -8.078  1.00 28.40  ? 1350 TYR A CZ  1 
ATOM   319  O OH  . TYR A 1 59  ? 1.549   19.043  -6.917  1.00 28.79  ? 1350 TYR A OH  1 
ATOM   320  N N   . PRO A 1 60  ? -1.856  18.317  -15.082 1.00 25.30  ? 1351 PRO A N   1 
ATOM   321  C CA  . PRO A 1 60  ? -2.483  17.904  -16.339 1.00 23.84  ? 1351 PRO A CA  1 
ATOM   322  C C   . PRO A 1 60  ? -1.654  16.937  -17.202 1.00 21.38  ? 1351 PRO A C   1 
ATOM   323  O O   . PRO A 1 60  ? -2.240  16.353  -18.095 1.00 22.27  ? 1351 PRO A O   1 
ATOM   324  C CB  . PRO A 1 60  ? -2.679  19.191  -17.170 1.00 26.61  ? 1351 PRO A CB  1 
ATOM   325  C CG  . PRO A 1 60  ? -2.170  20.331  -16.305 1.00 26.70  ? 1351 PRO A CG  1 
ATOM   326  C CD  . PRO A 1 60  ? -1.552  19.753  -15.048 1.00 26.87  ? 1351 PRO A CD  1 
ATOM   327  N N   . ASP A 1 61  ? -0.346  16.818  -16.937 1.00 21.96  ? 1352 ASP A N   1 
ATOM   328  C CA  . ASP A 1 61  ? 0.549   15.866  -17.649 1.00 20.84  ? 1352 ASP A CA  1 
ATOM   329  C C   . ASP A 1 61  ? 0.550   14.511  -16.924 1.00 19.96  ? 1352 ASP A C   1 
ATOM   330  O O   . ASP A 1 61  ? 1.023   13.511  -17.519 1.00 17.41  ? 1352 ASP A O   1 
ATOM   331  C CB  . ASP A 1 61  ? 1.958   16.437  -17.823 1.00 21.90  ? 1352 ASP A CB  1 
ATOM   332  C CG  . ASP A 1 61  ? 2.729   16.659  -16.541 1.00 24.23  ? 1352 ASP A CG  1 
ATOM   333  O OD1 . ASP A 1 61  ? 2.079   16.775  -15.476 1.00 24.76  ? 1352 ASP A OD1 1 
ATOM   334  O OD2 . ASP A 1 61  ? 3.975   16.728  -16.621 1.00 27.83  ? 1352 ASP A OD2 1 
ATOM   335  N N   . TYR A 1 62  ? 0.006   14.450  -15.703 1.00 17.71  ? 1353 TYR A N   1 
ATOM   336  C CA  . TYR A 1 62  ? 0.147   13.255  -14.827 1.00 17.91  ? 1353 TYR A CA  1 
ATOM   337  C C   . TYR A 1 62  ? -0.104  11.967  -15.629 1.00 18.48  ? 1353 TYR A C   1 
ATOM   338  O O   . TYR A 1 62  ? 0.749   11.046  -15.571 1.00 17.21  ? 1353 TYR A O   1 
ATOM   339  C CB  . TYR A 1 62  ? -0.757  13.377  -13.596 1.00 17.03  ? 1353 TYR A CB  1 
ATOM   340  C CG  . TYR A 1 62  ? -0.490  12.331  -12.538 1.00 16.80  ? 1353 TYR A CG  1 
ATOM   341  C CD1 . TYR A 1 62  ? 0.667   12.408  -11.790 1.00 17.10  ? 1353 TYR A CD1 1 
ATOM   342  C CD2 . TYR A 1 62  ? -1.362  11.270  -12.292 1.00 16.20  ? 1353 TYR A CD2 1 
ATOM   343  C CE1 . TYR A 1 62  ? 0.957   11.476  -10.811 1.00 16.45  ? 1353 TYR A CE1 1 
ATOM   344  C CE2 . TYR A 1 62  ? -1.091  10.330  -11.304 1.00 15.98  ? 1353 TYR A CE2 1 
ATOM   345  C CZ  . TYR A 1 62  ? 0.087   10.424  -10.581 1.00 15.75  ? 1353 TYR A CZ  1 
ATOM   346  O OH  . TYR A 1 62  ? 0.426   9.497   -9.628  1.00 15.49  ? 1353 TYR A OH  1 
ATOM   347  N N   . ARG A 1 63  ? -1.235  11.858  -16.332 1.00 18.80  ? 1354 ARG A N   1 
ATOM   348  C CA  . ARG A 1 63  ? -1.638  10.617  -17.049 1.00 21.42  ? 1354 ARG A CA  1 
ATOM   349  C C   . ARG A 1 63  ? -0.800  10.376  -18.314 1.00 20.04  ? 1354 ARG A C   1 
ATOM   350  O O   . ARG A 1 63  ? -0.895  9.261   -18.849 1.00 20.30  ? 1354 ARG A O   1 
ATOM   351  C CB  . ARG A 1 63  ? -3.130  10.633  -17.393 1.00 23.94  ? 1354 ARG A CB  1 
ATOM   352  C CG  . ARG A 1 63  ? -4.041  10.455  -16.185 1.00 26.87  ? 1354 ARG A CG  1 
ATOM   353  C CD  . ARG A 1 63  ? -3.736  9.196   -15.395 1.00 30.08  ? 1354 ARG A CD  1 
ATOM   354  N NE  . ARG A 1 63  ? -3.684  8.033   -16.271 1.00 33.20  ? 1354 ARG A NE  1 
ATOM   355  C CZ  . ARG A 1 63  ? -4.747  7.362   -16.724 1.00 34.65  ? 1354 ARG A CZ  1 
ATOM   356  N NH1 . ARG A 1 63  ? -5.973  7.717   -16.373 1.00 36.88  ? 1354 ARG A NH1 1 
ATOM   357  N NH2 . ARG A 1 63  ? -4.578  6.326   -17.525 1.00 36.15  ? 1354 ARG A NH2 1 
ATOM   358  N N   . ASP A 1 64  ? 0.030   11.332  -18.759 1.00 20.73  ? 1355 ASP A N   1 
ATOM   359  C CA  . ASP A 1 64  ? 1.027   11.078  -19.839 1.00 21.24  ? 1355 ASP A CA  1 
ATOM   360  C C   . ASP A 1 64  ? 2.113   10.131  -19.308 1.00 20.75  ? 1355 ASP A C   1 
ATOM   361  O O   . ASP A 1 64  ? 2.671   9.333   -20.103 1.00 21.95  ? 1355 ASP A O   1 
ATOM   362  C CB  . ASP A 1 64  ? 1.674   12.371  -20.353 1.00 22.40  ? 1355 ASP A CB  1 
ATOM   363  C CG  . ASP A 1 64  ? 0.694   13.436  -20.823 1.00 22.53  ? 1355 ASP A CG  1 
ATOM   364  O OD1 . ASP A 1 64  ? -0.486  13.102  -21.069 1.00 23.48  ? 1355 ASP A OD1 1 
ATOM   365  O OD2 . ASP A 1 64  ? 1.117   14.595  -20.938 1.00 25.82  ? 1355 ASP A OD2 1 
ATOM   366  N N   . ILE A 1 65  ? 2.415   10.228  -18.009 1.00 20.64  ? 1356 ILE A N   1 
ATOM   367  C CA  . ILE A 1 65  ? 3.530   9.501   -17.342 1.00 19.72  ? 1356 ILE A CA  1 
ATOM   368  C C   . ILE A 1 65  ? 2.981   8.277   -16.587 1.00 18.39  ? 1356 ILE A C   1 
ATOM   369  O O   . ILE A 1 65  ? 3.599   7.210   -16.695 1.00 18.15  ? 1356 ILE A O   1 
ATOM   370  C CB  . ILE A 1 65  ? 4.307   10.460  -16.415 1.00 21.15  ? 1356 ILE A CB  1 
ATOM   371  C CG1 . ILE A 1 65  ? 4.797   11.707  -17.168 1.00 23.60  ? 1356 ILE A CG1 1 
ATOM   372  C CG2 . ILE A 1 65  ? 5.455   9.733   -15.730 1.00 21.24  ? 1356 ILE A CG2 1 
ATOM   373  C CD1 . ILE A 1 65  ? 4.365   13.021  -16.564 1.00 25.33  ? 1356 ILE A CD1 1 
ATOM   374  N N   . ILE A 1 66  ? 1.824   8.398   -15.928 1.00 17.39  ? 1357 ILE A N   1 
ATOM   375  C CA  . ILE A 1 66  ? 1.260   7.362   -15.011 1.00 17.22  ? 1357 ILE A CA  1 
ATOM   376  C C   . ILE A 1 66  ? 0.097   6.640   -15.691 1.00 17.44  ? 1357 ILE A C   1 
ATOM   377  O O   . ILE A 1 66  ? -0.992  7.232   -15.833 1.00 18.65  ? 1357 ILE A O   1 
ATOM   378  C CB  . ILE A 1 66  ? 0.849   8.011   -13.675 1.00 16.24  ? 1357 ILE A CB  1 
ATOM   379  C CG1 . ILE A 1 66  ? 2.027   8.732   -13.012 1.00 17.60  ? 1357 ILE A CG1 1 
ATOM   380  C CG2 . ILE A 1 66  ? 0.183   6.995   -12.750 1.00 16.37  ? 1357 ILE A CG2 1 
ATOM   381  C CD1 . ILE A 1 66  ? 3.246   7.876   -12.784 1.00 18.49  ? 1357 ILE A CD1 1 
ATOM   382  N N   . ASP A 1 67  ? 0.302   5.377   -16.049 1.00 19.02  ? 1358 ASP A N   1 
ATOM   383  C CA  . ASP A 1 67  ? -0.742  4.539   -16.688 1.00 21.01  ? 1358 ASP A CA  1 
ATOM   384  C C   . ASP A 1 67  ? -1.824  4.162   -15.675 1.00 19.02  ? 1358 ASP A C   1 
ATOM   385  O O   . ASP A 1 67  ? -2.990  4.062   -16.073 1.00 19.83  ? 1358 ASP A O   1 
ATOM   386  C CB  . ASP A 1 67  ? -0.153  3.252   -17.265 1.00 22.64  ? 1358 ASP A CB  1 
ATOM   387  C CG  . ASP A 1 67  ? 0.676   3.426   -18.527 1.00 25.84  ? 1358 ASP A CG  1 
ATOM   388  O OD1 . ASP A 1 67  ? 0.513   4.449   -19.202 1.00 27.89  ? 1358 ASP A OD1 1 
ATOM   389  O OD2 . ASP A 1 67  ? 1.478   2.519   -18.822 1.00 29.00  ? 1358 ASP A OD2 1 
ATOM   390  N N   . THR A 1 68  ? -1.441  3.856   -14.424 1.00 17.90  ? 1359 THR A N   1 
ATOM   391  C CA  . THR A 1 68  ? -2.358  3.282   -13.405 1.00 17.87  ? 1359 THR A CA  1 
ATOM   392  C C   . THR A 1 68  ? -2.185  4.064   -12.111 1.00 16.36  ? 1359 THR A C   1 
ATOM   393  O O   . THR A 1 68  ? -1.430  3.639   -11.217 1.00 16.75  ? 1359 THR A O   1 
ATOM   394  C CB  . THR A 1 68  ? -2.127  1.792   -13.119 1.00 18.21  ? 1359 THR A CB  1 
ATOM   395  O OG1 . THR A 1 68  ? -2.101  1.080   -14.359 1.00 19.52  ? 1359 THR A OG1 1 
ATOM   396  C CG2 . THR A 1 68  ? -3.193  1.221   -12.205 1.00 18.81  ? 1359 THR A CG2 1 
ATOM   397  N N   . PRO A 1 69  ? -2.871  5.215   -11.986 1.00 16.02  ? 1360 PRO A N   1 
ATOM   398  C CA  . PRO A 1 69  ? -2.939  5.938   -10.717 1.00 15.81  ? 1360 PRO A CA  1 
ATOM   399  C C   . PRO A 1 69  ? -3.405  5.025   -9.573  1.00 14.54  ? 1360 PRO A C   1 
ATOM   400  O O   . PRO A 1 69  ? -4.275  4.188   -9.724  1.00 14.47  ? 1360 PRO A O   1 
ATOM   401  C CB  . PRO A 1 69  ? -3.951  7.044   -11.005 1.00 16.29  ? 1360 PRO A CB  1 
ATOM   402  C CG  . PRO A 1 69  ? -3.788  7.294   -12.488 1.00 16.20  ? 1360 PRO A CG  1 
ATOM   403  C CD  . PRO A 1 69  ? -3.630  5.898   -13.052 1.00 16.21  ? 1360 PRO A CD  1 
ATOM   404  N N   . MET A 1 70  ? -2.822  5.240   -8.397  1.00 13.68  ? 1361 MET A N   1 
ATOM   405  C CA  . MET A 1 70  ? -3.234  4.500   -7.171  1.00 13.08  ? 1361 MET A CA  1 
ATOM   406  C C   . MET A 1 70  ? -3.112  5.431   -5.965  1.00 13.28  ? 1361 MET A C   1 
ATOM   407  O O   . MET A 1 70  ? -2.307  6.346   -5.997  1.00 13.11  ? 1361 MET A O   1 
ATOM   408  C CB  . MET A 1 70  ? -2.379  3.248   -6.974  1.00 12.79  ? 1361 MET A CB  1 
ATOM   409  C CG  . MET A 1 70  ? -2.873  2.298   -5.910  1.00 12.39  ? 1361 MET A CG  1 
ATOM   410  S SD  . MET A 1 70  ? -4.578  1.729   -6.052  1.00 12.41  ? 1361 MET A SD  1 
ATOM   411  C CE  . MET A 1 70  ? -4.615  0.918   -7.652  1.00 13.22  ? 1361 MET A CE  1 
ATOM   412  N N   . ASP A 1 71  ? -3.960  5.231   -4.958  1.00 13.20  ? 1362 ASP A N   1 
ATOM   413  C CA  . ASP A 1 71  ? -3.943  6.071   -3.742  1.00 12.47  ? 1362 ASP A CA  1 
ATOM   414  C C   . ASP A 1 71  ? -4.481  5.207   -2.608  1.00 11.84  ? 1362 ASP A C   1 
ATOM   415  O O   . ASP A 1 71  ? -5.119  4.165   -2.848  1.00 12.32  ? 1362 ASP A O   1 
ATOM   416  C CB  . ASP A 1 71  ? -4.822  7.310   -3.967  1.00 13.98  ? 1362 ASP A CB  1 
ATOM   417  C CG  . ASP A 1 71  ? -6.272  6.944   -4.154  1.00 15.89  ? 1362 ASP A CG  1 
ATOM   418  O OD1 . ASP A 1 71  ? -6.612  6.534   -5.291  1.00 17.54  ? 1362 ASP A OD1 1 
ATOM   419  O OD2 . ASP A 1 71  ? -6.956  6.842   -3.145  1.00 15.34  ? 1362 ASP A OD2 1 
ATOM   420  N N   . PHE A 1 72  ? -4.312  5.669   -1.368  1.00 12.03  ? 1363 PHE A N   1 
ATOM   421  C CA  . PHE A 1 72  ? -4.721  4.860   -0.200  1.00 11.31  ? 1363 PHE A CA  1 
ATOM   422  C C   . PHE A 1 72  ? -6.216  4.746   -0.003  1.00 12.78  ? 1363 PHE A C   1 
ATOM   423  O O   . PHE A 1 72  ? -6.651  3.767   0.544   1.00 12.67  ? 1363 PHE A O   1 
ATOM   424  C CB  . PHE A 1 72  ? -4.043  5.377   1.069   1.00 11.31  ? 1363 PHE A CB  1 
ATOM   425  C CG  . PHE A 1 72  ? -2.572  5.019   1.133   1.00 11.49  ? 1363 PHE A CG  1 
ATOM   426  C CD1 . PHE A 1 72  ? -2.188  3.732   1.391   1.00 11.54  ? 1363 PHE A CD1 1 
ATOM   427  C CD2 . PHE A 1 72  ? -1.569  5.959   0.951   1.00 12.60  ? 1363 PHE A CD2 1 
ATOM   428  C CE1 . PHE A 1 72  ? -0.852  3.395   1.458   1.00 12.32  ? 1363 PHE A CE1 1 
ATOM   429  C CE2 . PHE A 1 72  ? -0.224  5.618   0.977   1.00 11.88  ? 1363 PHE A CE2 1 
ATOM   430  C CZ  . PHE A 1 72  ? 0.121   4.318   1.216   1.00 11.92  ? 1363 PHE A CZ  1 
ATOM   431  N N   . ALA A 1 73  ? -6.995  5.742   -0.435  1.00 11.96  ? 1364 ALA A N   1 
ATOM   432  C CA  . ALA A 1 73  ? -8.460  5.589   -0.371  1.00 13.17  ? 1364 ALA A CA  1 
ATOM   433  C C   . ALA A 1 73  ? -8.948  4.487   -1.325  1.00 14.18  ? 1364 ALA A C   1 
ATOM   434  O O   . ALA A 1 73  ? -9.781  3.636   -0.928  1.00 13.70  ? 1364 ALA A O   1 
ATOM   435  C CB  . ALA A 1 73  ? -9.145  6.921   -0.657  1.00 14.40  ? 1364 ALA A CB  1 
ATOM   436  N N   . THR A 1 74  ? -8.350  4.390   -2.496  1.00 12.64  ? 1365 THR A N   1 
ATOM   437  C CA  . THR A 1 74  ? -8.680  3.297   -3.441  1.00 13.05  ? 1365 THR A CA  1 
ATOM   438  C C   . THR A 1 74  ? -8.297  1.936   -2.855  1.00 11.88  ? 1365 THR A C   1 
ATOM   439  O O   . THR A 1 74  ? -9.095  0.990   -2.899  1.00 12.30  ? 1365 THR A O   1 
ATOM   440  C CB  . THR A 1 74  ? -8.054  3.527   -4.804  1.00 13.78  ? 1365 THR A CB  1 
ATOM   441  O OG1 . THR A 1 74  ? -8.585  4.768   -5.313  1.00 16.26  ? 1365 THR A OG1 1 
ATOM   442  C CG2 . THR A 1 74  ? -8.290  2.377   -5.763  1.00 14.43  ? 1365 THR A CG2 1 
ATOM   443  N N   . VAL A 1 75  ? -7.118  1.861   -2.240  1.00 11.28  ? 1366 VAL A N   1 
ATOM   444  C CA  . VAL A 1 75  ? -6.716  0.592   -1.564  1.00 11.31  ? 1366 VAL A CA  1 
ATOM   445  C C   . VAL A 1 75  ? -7.715  0.213   -0.463  1.00 12.19  ? 1366 VAL A C   1 
ATOM   446  O O   . VAL A 1 75  ? -8.154  -0.951  -0.396  1.00 12.02  ? 1366 VAL A O   1 
ATOM   447  C CB  . VAL A 1 75  ? -5.269  0.691   -1.031  1.00 12.06  ? 1366 VAL A CB  1 
ATOM   448  C CG1 . VAL A 1 75  ? -4.895  -0.548  -0.230  1.00 12.74  ? 1366 VAL A CG1 1 
ATOM   449  C CG2 . VAL A 1 75  ? -4.307  0.884   -2.197  1.00 12.62  ? 1366 VAL A CG2 1 
ATOM   450  N N   . ARG A 1 76  ? -8.072  1.145   0.421   1.00 12.00  ? 1367 ARG A N   1 
ATOM   451  C CA  . ARG A 1 76  ? -9.023  0.848   1.511   1.00 13.51  ? 1367 ARG A CA  1 
ATOM   452  C C   . ARG A 1 76  ? -10.381 0.417   0.945   1.00 12.61  ? 1367 ARG A C   1 
ATOM   453  O O   . ARG A 1 76  ? -10.972 -0.539  1.477   1.00 12.76  ? 1367 ARG A O   1 
ATOM   454  C CB  . ARG A 1 76  ? -9.194  2.114   2.344   1.00 14.24  ? 1367 ARG A CB  1 
ATOM   455  C CG  . ARG A 1 76  ? -10.090 1.927   3.545   1.00 18.96  ? 1367 ARG A CG  1 
ATOM   456  C CD  . ARG A 1 76  ? -10.167 3.243   4.298   1.00 22.50  ? 1367 ARG A CD  1 
ATOM   457  N NE  . ARG A 1 76  ? -9.252  3.289   5.403   1.00 25.94  ? 1367 ARG A NE  1 
ATOM   458  C CZ  . ARG A 1 76  ? -8.931  4.392   6.091   1.00 26.59  ? 1367 ARG A CZ  1 
ATOM   459  N NH1 . ARG A 1 76  ? -9.316  5.593   5.689   1.00 25.61  ? 1367 ARG A NH1 1 
ATOM   460  N NH2 . ARG A 1 76  ? -8.213  4.265   7.182   1.00 29.40  ? 1367 ARG A NH2 1 
ATOM   461  N N   . GLU A 1 77  ? -10.855 1.098   -0.091  1.00 11.79  ? 1368 GLU A N   1 
ATOM   462  C CA  . GLU A 1 77  ? -12.172 0.745   -0.671  1.00 13.34  ? 1368 GLU A CA  1 
ATOM   463  C C   . GLU A 1 77  ? -12.070 -0.639  -1.312  1.00 12.70  ? 1368 GLU A C   1 
ATOM   464  O O   . GLU A 1 77  ? -13.052 -1.387  -1.217  1.00 13.82  ? 1368 GLU A O   1 
ATOM   465  C CB  . GLU A 1 77  ? -12.505 1.805   -1.717  1.00 15.80  ? 1368 GLU A CB  1 
ATOM   466  C CG  . GLU A 1 77  ? -12.955 3.114   -1.119  1.00 19.51  ? 1368 GLU A CG  1 
ATOM   467  C CD  . GLU A 1 77  ? -12.885 4.334   -2.017  1.00 27.94  ? 1368 GLU A CD  1 
ATOM   468  O OE1 . GLU A 1 77  ? -12.784 4.169   -3.256  1.00 32.55  ? 1368 GLU A OE1 1 
ATOM   469  O OE2 . GLU A 1 77  ? -12.946 5.468   -1.442  1.00 37.28  ? 1368 GLU A OE2 1 
ATOM   470  N N   . THR A 1 78  ? -11.002 -0.990  -1.990  1.00 12.88  ? 1369 THR A N   1 
ATOM   471  C CA  . THR A 1 78  ? -10.860 -2.329  -2.598  1.00 11.87  ? 1369 THR A CA  1 
ATOM   472  C C   . THR A 1 78  ? -10.880 -3.401  -1.517  1.00 12.71  ? 1369 THR A C   1 
ATOM   473  O O   . THR A 1 78  ? -11.556 -4.472  -1.673  1.00 13.57  ? 1369 THR A O   1 
ATOM   474  C CB  . THR A 1 78  ? -9.577  -2.355  -3.424  1.00 11.84  ? 1369 THR A CB  1 
ATOM   475  O OG1 . THR A 1 78  ? -9.570  -1.348  -4.441  1.00 13.34  ? 1369 THR A OG1 1 
ATOM   476  C CG2 . THR A 1 78  ? -9.362  -3.672  -4.120  1.00 12.91  ? 1369 THR A CG2 1 
ATOM   477  N N   . LEU A 1 79  ? -10.145 -3.171  -0.427  1.00 11.78  ? 1370 LEU A N   1 
ATOM   478  C CA  . LEU A 1 79  ? -10.143 -4.104  0.721   1.00 11.48  ? 1370 LEU A CA  1 
ATOM   479  C C   . LEU A 1 79  ? -11.568 -4.272  1.264   1.00 12.44  ? 1370 LEU A C   1 
ATOM   480  O O   . LEU A 1 79  ? -12.064 -5.417  1.485   1.00 12.91  ? 1370 LEU A O   1 
ATOM   481  C CB  . LEU A 1 79  ? -9.133  -3.577  1.752   1.00 12.48  ? 1370 LEU A CB  1 
ATOM   482  C CG  . LEU A 1 79  ? -8.903  -4.480  2.960   1.00 12.25  ? 1370 LEU A CG  1 
ATOM   483  C CD1 . LEU A 1 79  ? -8.241  -5.787  2.532   1.00 13.12  ? 1370 LEU A CD1 1 
ATOM   484  C CD2 . LEU A 1 79  ? -8.048  -3.759  3.992   1.00 13.07  ? 1370 LEU A CD2 1 
ATOM   485  N N   . GLU A 1 80  ? -12.231 -3.157  1.551   1.00 12.53  ? 1371 GLU A N   1 
ATOM   486  C CA  . GLU A 1 80  ? -13.577 -3.185  2.200   1.00 15.03  ? 1371 GLU A CA  1 
ATOM   487  C C   . GLU A 1 80  ? -14.630 -3.785  1.267   1.00 14.73  ? 1371 GLU A C   1 
ATOM   488  O O   . GLU A 1 80  ? -15.608 -4.358  1.771   1.00 17.43  ? 1371 GLU A O   1 
ATOM   489  C CB  . GLU A 1 80  ? -13.925 -1.800  2.738   1.00 16.20  ? 1371 GLU A CB  1 
ATOM   490  C CG  . GLU A 1 80  ? -13.007 -1.388  3.886   1.00 23.52  ? 1371 GLU A CG  1 
ATOM   491  C CD  . GLU A 1 80  ? -12.845 -2.453  4.991   1.00 31.23  ? 1371 GLU A CD  1 
ATOM   492  O OE1 . GLU A 1 80  ? -13.734 -2.442  5.872   1.00 39.38  ? 1371 GLU A OE1 1 
ATOM   493  O OE2 . GLU A 1 80  ? -11.905 -3.389  4.939   1.00 24.76  ? 1371 GLU A OE2 1 
ATOM   494  N N   . ALA A 1 81  ? -14.467 -3.683  -0.035  1.00 13.90  ? 1372 ALA A N   1 
ATOM   495  C CA  . ALA A 1 81  ? -15.364 -4.325  -1.028  1.00 14.38  ? 1372 ALA A CA  1 
ATOM   496  C C   . ALA A 1 81  ? -15.164 -5.842  -1.067  1.00 15.40  ? 1372 ALA A C   1 
ATOM   497  O O   . ALA A 1 81  ? -15.957 -6.566  -1.728  1.00 15.95  ? 1372 ALA A O   1 
ATOM   498  C CB  . ALA A 1 81  ? -15.170 -3.710  -2.364  1.00 15.98  ? 1372 ALA A CB  1 
ATOM   499  N N   . GLY A 1 82  ? -14.094 -6.384  -0.472  1.00 14.16  ? 1373 GLY A N   1 
ATOM   500  C CA  . GLY A 1 82  ? -13.834 -7.810  -0.607  1.00 13.60  ? 1373 GLY A CA  1 
ATOM   501  C C   . GLY A 1 82  ? -13.244 -8.115  -1.950  1.00 13.71  ? 1373 GLY A C   1 
ATOM   502  O O   . GLY A 1 82  ? -13.484 -9.163  -2.511  1.00 14.52  ? 1373 GLY A O   1 
ATOM   503  N N   . ASN A 1 83  ? -12.443 -7.221  -2.524  1.00 13.41  ? 1374 ASN A N   1 
ATOM   504  C CA  . ASN A 1 83  ? -11.866 -7.375  -3.869  1.00 13.01  ? 1374 ASN A CA  1 
ATOM   505  C C   . ASN A 1 83  ? -10.326 -7.566  -3.837  1.00 12.76  ? 1374 ASN A C   1 
ATOM   506  O O   . ASN A 1 83  ? -9.691  -7.582  -4.881  1.00 12.85  ? 1374 ASN A O   1 
ATOM   507  C CB  . ASN A 1 83  ? -12.265 -6.187  -4.736  1.00 14.01  ? 1374 ASN A CB  1 
ATOM   508  C CG  . ASN A 1 83  ? -13.732 -6.142  -5.143  1.00 16.56  ? 1374 ASN A CG  1 
ATOM   509  O OD1 . ASN A 1 83  ? -14.090 -5.151  -5.814  1.00 18.20  ? 1374 ASN A OD1 1 
ATOM   510  N ND2 . ASN A 1 83  ? -14.558 -7.140  -4.842  1.00 16.58  ? 1374 ASN A ND2 1 
ATOM   511  N N   . TYR A 1 84  ? -9.753  -7.806  -2.649  1.00 13.81  ? 1375 TYR A N   1 
ATOM   512  C CA  . TYR A 1 84  ? -8.416  -8.410  -2.549  1.00 12.76  ? 1375 TYR A CA  1 
ATOM   513  C C   . TYR A 1 84  ? -8.600  -9.847  -2.055  1.00 12.94  ? 1375 TYR A C   1 
ATOM   514  O O   . TYR A 1 84  ? -9.309  -10.099 -1.108  1.00 14.40  ? 1375 TYR A O   1 
ATOM   515  C CB  . TYR A 1 84  ? -7.522  -7.648  -1.576  1.00 13.01  ? 1375 TYR A CB  1 
ATOM   516  C CG  . TYR A 1 84  ? -7.046  -6.297  -2.041  1.00 11.57  ? 1375 TYR A CG  1 
ATOM   517  C CD1 . TYR A 1 84  ? -6.419  -6.129  -3.263  1.00 12.23  ? 1375 TYR A CD1 1 
ATOM   518  C CD2 . TYR A 1 84  ? -7.213  -5.175  -1.242  1.00 11.78  ? 1375 TYR A CD2 1 
ATOM   519  C CE1 . TYR A 1 84  ? -5.969  -4.887  -3.671  1.00 11.50  ? 1375 TYR A CE1 1 
ATOM   520  C CE2 . TYR A 1 84  ? -6.789  -3.932  -1.654  1.00 12.56  ? 1375 TYR A CE2 1 
ATOM   521  C CZ  . TYR A 1 84  ? -6.144  -3.786  -2.863  1.00 12.29  ? 1375 TYR A CZ  1 
ATOM   522  O OH  . TYR A 1 84  ? -5.708  -2.546  -3.265  1.00 12.79  ? 1375 TYR A OH  1 
ATOM   523  N N   . GLU A 1 85  ? -7.898  -10.790 -2.689  1.00 14.52  ? 1376 GLU A N   1 
ATOM   524  C CA  . GLU A 1 85  ? -7.891  -12.211 -2.236  1.00 15.16  ? 1376 GLU A CA  1 
ATOM   525  C C   . GLU A 1 85  ? -6.727  -12.480 -1.272  1.00 16.09  ? 1376 GLU A C   1 
ATOM   526  O O   . GLU A 1 85  ? -6.826  -13.439 -0.472  1.00 19.32  ? 1376 GLU A O   1 
ATOM   527  C CB  . GLU A 1 85  ? -7.761  -13.179 -3.420  1.00 17.65  ? 1376 GLU A CB  1 
ATOM   528  C CG  . GLU A 1 85  ? -7.908  -14.619 -2.952  1.00 24.34  ? 1376 GLU A CG  1 
ATOM   529  C CD  . GLU A 1 85  ? -7.821  -15.625 -4.069  1.00 27.45  ? 1376 GLU A CD  1 
ATOM   530  O OE1 . GLU A 1 85  ? -7.415  -15.221 -5.188  1.00 35.23  ? 1376 GLU A OE1 1 
ATOM   531  O OE2 . GLU A 1 85  ? -8.225  -16.793 -3.819  1.00 33.26  ? 1376 GLU A OE2 1 
ATOM   532  N N   . SER A 1 86  ? -5.689  -11.654 -1.241  1.00 14.20  ? 1377 SER A N   1 
ATOM   533  C CA  . SER A 1 86  ? -4.506  -11.905 -0.400  1.00 14.72  ? 1377 SER A CA  1 
ATOM   534  C C   . SER A 1 86  ? -3.848  -10.596 -0.059  1.00 13.01  ? 1377 SER A C   1 
ATOM   535  O O   . SER A 1 86  ? -4.044  -9.575  -0.748  1.00 12.80  ? 1377 SER A O   1 
ATOM   536  C CB  . SER A 1 86  ? -3.498  -12.754 -1.135  1.00 14.46  ? 1377 SER A CB  1 
ATOM   537  O OG  . SER A 1 86  ? -2.923  -12.012 -2.193  1.00 15.27  ? 1377 SER A OG  1 
ATOM   538  N N   . PRO A 1 87  ? -3.001  -10.580 0.991   1.00 12.76  ? 1378 PRO A N   1 
ATOM   539  C CA  . PRO A 1 87  ? -2.282  -9.344  1.298   1.00 12.47  ? 1378 PRO A CA  1 
ATOM   540  C C   . PRO A 1 87  ? -1.201  -9.017  0.255   1.00 12.29  ? 1378 PRO A C   1 
ATOM   541  O O   . PRO A 1 87  ? -0.822  -7.870  0.162   1.00 12.27  ? 1378 PRO A O   1 
ATOM   542  C CB  . PRO A 1 87  ? -1.633  -9.620  2.657   1.00 12.61  ? 1378 PRO A CB  1 
ATOM   543  C CG  . PRO A 1 87  ? -1.541  -11.169 2.711   1.00 12.43  ? 1378 PRO A CG  1 
ATOM   544  C CD  . PRO A 1 87  ? -2.808  -11.631 2.022   1.00 12.02  ? 1378 PRO A CD  1 
ATOM   545  N N   . MET A 1 88  ? -0.752  -10.015 -0.531  1.00 11.89  ? 1379 MET A N   1 
ATOM   546  C CA  . MET A 1 88  ? 0.188   -9.732  -1.624  1.00 12.02  ? 1379 MET A CA  1 
ATOM   547  C C   . MET A 1 88  ? -0.428  -8.782  -2.663  1.00 11.05  ? 1379 MET A C   1 
ATOM   548  O O   . MET A 1 88  ? 0.248   -7.914  -3.183  1.00 11.36  ? 1379 MET A O   1 
ATOM   549  C CB  . MET A 1 88  ? 0.659   -11.026 -2.318  1.00 12.81  ? 1379 MET A CB  1 
ATOM   550  C CG  . MET A 1 88  ? 1.435   -11.933 -1.385  1.00 14.00  ? 1379 MET A CG  1 
ATOM   551  S SD  . MET A 1 88  ? 0.481   -13.047 -0.308  1.00 15.04  ? 1379 MET A SD  1 
ATOM   552  C CE  . MET A 1 88  ? 0.053   -14.303 -1.508  1.00 17.15  ? 1379 MET A CE  1 
ATOM   553  N N   . GLU A 1 89  ? -1.727  -8.971  -2.952  1.00 11.91  ? 1380 GLU A N   1 
ATOM   554  C CA  . GLU A 1 89  ? -2.368  -8.077  -3.931  1.00 12.62  ? 1380 GLU A CA  1 
ATOM   555  C C   . GLU A 1 89  ? -2.453  -6.649  -3.373  1.00 11.23  ? 1380 GLU A C   1 
ATOM   556  O O   . GLU A 1 89  ? -2.245  -5.661  -4.108  1.00 11.63  ? 1380 GLU A O   1 
ATOM   557  C CB  . GLU A 1 89  ? -3.773  -8.580  -4.228  1.00 13.67  ? 1380 GLU A CB  1 
ATOM   558  C CG  . GLU A 1 89  ? -3.815  -9.854  -5.028  1.00 14.55  ? 1380 GLU A CG  1 
ATOM   559  C CD  . GLU A 1 89  ? -5.228  -10.342 -5.255  1.00 14.86  ? 1380 GLU A CD  1 
ATOM   560  O OE1 . GLU A 1 89  ? -6.138  -9.845  -4.673  1.00 15.52  ? 1380 GLU A OE1 1 
ATOM   561  O OE2 . GLU A 1 89  ? -5.365  -11.286 -6.126  1.00 20.43  ? 1380 GLU A OE2 1 
ATOM   562  N N   . LEU A 1 90  ? -2.807  -6.507  -2.097  1.00 11.07  ? 1381 LEU A N   1 
ATOM   563  C CA  . LEU A 1 90  ? -2.857  -5.172  -1.459  1.00 11.83  ? 1381 LEU A CA  1 
ATOM   564  C C   . LEU A 1 90  ? -1.454  -4.528  -1.496  1.00 11.89  ? 1381 LEU A C   1 
ATOM   565  O O   . LEU A 1 90  ? -1.315  -3.327  -1.798  1.00 10.67  ? 1381 LEU A O   1 
ATOM   566  C CB  . LEU A 1 90  ? -3.388  -5.276  -0.020  1.00 11.84  ? 1381 LEU A CB  1 
ATOM   567  C CG  . LEU A 1 90  ? -3.449  -3.969  0.785   1.00 12.50  ? 1381 LEU A CG  1 
ATOM   568  C CD1 . LEU A 1 90  ? -4.654  -3.951  1.704   1.00 12.60  ? 1381 LEU A CD1 1 
ATOM   569  C CD2 . LEU A 1 90  ? -2.166  -3.708  1.594   1.00 12.48  ? 1381 LEU A CD2 1 
ATOM   570  N N   A CYS A 1 91  ? -0.432  -5.325  -1.197  0.32 11.47  ? 1382 CYS A N   1 
ATOM   571  N N   B CYS A 1 91  ? -0.414  -5.292  -1.179  0.32 12.92  ? 1382 CYS A N   1 
ATOM   572  C CA  A CYS A 1 91  ? 0.968   -4.867  -1.150  0.32 11.32  ? 1382 CYS A CA  1 
ATOM   573  C CA  B CYS A 1 91  ? 0.982   -4.805  -1.239  0.32 13.71  ? 1382 CYS A CA  1 
ATOM   574  C C   A CYS A 1 91  ? 1.389   -4.370  -2.549  0.32 11.72  ? 1382 CYS A C   1 
ATOM   575  C C   B CYS A 1 91  ? 1.317   -4.265  -2.614  0.32 12.96  ? 1382 CYS A C   1 
ATOM   576  O O   A CYS A 1 91  ? 2.112   -3.366  -2.615  0.32 12.30  ? 1382 CYS A O   1 
ATOM   577  O O   B CYS A 1 91  ? 1.989   -3.221  -2.713  0.32 13.60  ? 1382 CYS A O   1 
ATOM   578  C CB  A CYS A 1 91  ? 1.831   -5.983  -0.570  0.32 10.76  ? 1382 CYS A CB  1 
ATOM   579  C CB  B CYS A 1 91  ? 1.960   -5.931  -0.990  0.32 15.31  ? 1382 CYS A CB  1 
ATOM   580  S SG  A CYS A 1 91  ? 3.535   -5.470  -0.267  0.32 10.07  ? 1382 CYS A SG  1 
ATOM   581  S SG  B CYS A 1 91  ? 2.101   -6.174  0.772   0.32 17.74  ? 1382 CYS A SG  1 
ATOM   582  N N   . LYS A 1 92  ? 0.965   -5.035  -3.633  1.00 12.49  ? 1383 LYS A N   1 
ATOM   583  C CA  . LYS A 1 92  ? 1.300   -4.629  -4.995  1.00 13.94  ? 1383 LYS A CA  1 
ATOM   584  C C   . LYS A 1 92  ? 0.694   -3.245  -5.235  1.00 13.10  ? 1383 LYS A C   1 
ATOM   585  O O   . LYS A 1 92  ? 1.354   -2.369  -5.823  1.00 13.43  ? 1383 LYS A O   1 
ATOM   586  C CB  . LYS A 1 92  ? 0.769   -5.678  -5.972  1.00 16.11  ? 1383 LYS A CB  1 
ATOM   587  C CG  . LYS A 1 92  ? 1.095   -5.386  -7.416  1.00 19.68  ? 1383 LYS A CG  1 
ATOM   588  C CD  . LYS A 1 92  ? 0.775   -6.555  -8.335  1.00 23.24  ? 1383 LYS A CD  1 
ATOM   589  C CE  . LYS A 1 92  ? 0.447   -6.086  -9.743  1.00 30.97  ? 1383 LYS A CE  1 
ATOM   590  N NZ  . LYS A 1 92  ? 0.228   -7.194  -10.718 1.00 35.65  ? 1383 LYS A NZ  1 
ATOM   591  N N   . ASP A 1 93  ? -0.567  -3.019  -4.858  1.00 11.88  ? 1384 ASP A N   1 
ATOM   592  C CA  . ASP A 1 93  ? -1.179  -1.688  -5.076  1.00 12.28  ? 1384 ASP A CA  1 
ATOM   593  C C   . ASP A 1 93  ? -0.502  -0.584  -4.251  1.00 10.93  ? 1384 ASP A C   1 
ATOM   594  O O   . ASP A 1 93  ? -0.323  0.533   -4.725  1.00 11.19  ? 1384 ASP A O   1 
ATOM   595  C CB  . ASP A 1 93  ? -2.677  -1.682  -4.830  1.00 11.72  ? 1384 ASP A CB  1 
ATOM   596  C CG  . ASP A 1 93  ? -3.522  -2.320  -5.923  1.00 15.26  ? 1384 ASP A CG  1 
ATOM   597  O OD1 . ASP A 1 93  ? -2.950  -2.630  -7.007  1.00 18.51  ? 1384 ASP A OD1 1 
ATOM   598  O OD2 . ASP A 1 93  ? -4.741  -2.546  -5.712  1.00 13.99  ? 1384 ASP A OD2 1 
ATOM   599  N N   . VAL A 1 94  ? -0.170  -0.885  -2.984  1.00 10.71  ? 1385 VAL A N   1 
ATOM   600  C CA  . VAL A 1 94  ? 0.517   0.138   -2.146  1.00 11.01  ? 1385 VAL A CA  1 
ATOM   601  C C   . VAL A 1 94  ? 1.872   0.470   -2.772  1.00 11.00  ? 1385 VAL A C   1 
ATOM   602  O O   . VAL A 1 94  ? 2.230   1.639   -2.862  1.00 11.51  ? 1385 VAL A O   1 
ATOM   603  C CB  . VAL A 1 94  ? 0.618   -0.322  -0.678  1.00 11.51  ? 1385 VAL A CB  1 
ATOM   604  C CG1 . VAL A 1 94  ? 1.543   0.613   0.068   1.00 11.40  ? 1385 VAL A CG1 1 
ATOM   605  C CG2 . VAL A 1 94  ? -0.754  -0.402  -0.035  1.00 10.94  ? 1385 VAL A CG2 1 
ATOM   606  N N   . ARG A 1 95  ? 2.611   -0.536  -3.252  1.00 11.80  ? 1386 ARG A N   1 
ATOM   607  C CA  . ARG A 1 95  ? 3.939   -0.280  -3.856  1.00 12.66  ? 1386 ARG A CA  1 
ATOM   608  C C   . ARG A 1 95  ? 3.778   0.595   -5.107  1.00 12.31  ? 1386 ARG A C   1 
ATOM   609  O O   . ARG A 1 95  ? 4.674   1.417   -5.387  1.00 13.02  ? 1386 ARG A O   1 
ATOM   610  C CB  . ARG A 1 95  ? 4.677   -1.598  -4.075  1.00 13.76  ? 1386 ARG A CB  1 
ATOM   611  C CG  . ARG A 1 95  ? 5.169   -2.179  -2.763  1.00 14.79  ? 1386 ARG A CG  1 
ATOM   612  C CD  . ARG A 1 95  ? 5.508   -3.651  -2.872  1.00 16.24  ? 1386 ARG A CD  1 
ATOM   613  N NE  . ARG A 1 95  ? 5.855   -4.193  -1.567  1.00 17.19  ? 1386 ARG A NE  1 
ATOM   614  C CZ  . ARG A 1 95  ? 5.965   -5.489  -1.274  1.00 19.06  ? 1386 ARG A CZ  1 
ATOM   615  N NH1 . ARG A 1 95  ? 5.745   -6.413  -2.196  1.00 19.96  ? 1386 ARG A NH1 1 
ATOM   616  N NH2 . ARG A 1 95  ? 6.266   -5.860  -0.041  1.00 20.12  ? 1386 ARG A NH2 1 
ATOM   617  N N   . LEU A 1 96  ? 2.670   0.455   -5.829  1.00 12.13  ? 1387 LEU A N   1 
ATOM   618  C CA  . LEU A 1 96  ? 2.397   1.294   -7.028  1.00 12.63  ? 1387 LEU A CA  1 
ATOM   619  C C   . LEU A 1 96  ? 2.302   2.771   -6.635  1.00 11.93  ? 1387 LEU A C   1 
ATOM   620  O O   . LEU A 1 96  ? 2.753   3.633   -7.406  1.00 12.08  ? 1387 LEU A O   1 
ATOM   621  C CB  . LEU A 1 96  ? 1.114   0.799   -7.702  1.00 13.30  ? 1387 LEU A CB  1 
ATOM   622  C CG  . LEU A 1 96  ? 0.788   1.426   -9.048  1.00 14.32  ? 1387 LEU A CG  1 
ATOM   623  C CD1 . LEU A 1 96  ? 1.849   1.098   -10.081 1.00 15.12  ? 1387 LEU A CD1 1 
ATOM   624  C CD2 . LEU A 1 96  ? -0.578  0.959   -9.517  1.00 15.07  ? 1387 LEU A CD2 1 
ATOM   625  N N   . ILE A 1 97  ? 1.704   3.081   -5.485  1.00 12.12  ? 1388 ILE A N   1 
ATOM   626  C CA  . ILE A 1 97  ? 1.639   4.496   -5.017  1.00 11.77  ? 1388 ILE A CA  1 
ATOM   627  C C   . ILE A 1 97  ? 3.078   5.022   -5.005  1.00 12.07  ? 1388 ILE A C   1 
ATOM   628  O O   . ILE A 1 97  ? 3.328   6.122   -5.488  1.00 11.72  ? 1388 ILE A O   1 
ATOM   629  C CB  . ILE A 1 97  ? 0.950   4.602   -3.641  1.00 11.56  ? 1388 ILE A CB  1 
ATOM   630  C CG1 . ILE A 1 97  ? -0.498  4.096   -3.686  1.00 11.62  ? 1388 ILE A CG1 1 
ATOM   631  C CG2 . ILE A 1 97  ? 1.000   6.025   -3.132  1.00 12.05  ? 1388 ILE A CG2 1 
ATOM   632  C CD1 . ILE A 1 97  ? -1.161  3.922   -2.315  1.00 11.69  ? 1388 ILE A CD1 1 
ATOM   633  N N   . PHE A 1 98  ? 3.991   4.242   -4.463  1.00 13.06  ? 1389 PHE A N   1 
ATOM   634  C CA  . PHE A 1 98  ? 5.388   4.691   -4.233  1.00 13.42  ? 1389 PHE A CA  1 
ATOM   635  C C   . PHE A 1 98  ? 6.143   4.763   -5.567  1.00 13.52  ? 1389 PHE A C   1 
ATOM   636  O O   . PHE A 1 98  ? 6.910   5.710   -5.772  1.00 14.32  ? 1389 PHE A O   1 
ATOM   637  C CB  . PHE A 1 98  ? 6.071   3.801   -3.194  1.00 13.38  ? 1389 PHE A CB  1 
ATOM   638  C CG  . PHE A 1 98  ? 5.355   3.740   -1.867  1.00 13.32  ? 1389 PHE A CG  1 
ATOM   639  C CD1 . PHE A 1 98  ? 4.771   4.856   -1.284  1.00 13.36  ? 1389 PHE A CD1 1 
ATOM   640  C CD2 . PHE A 1 98  ? 5.263   2.533   -1.194  1.00 13.17  ? 1389 PHE A CD2 1 
ATOM   641  C CE1 . PHE A 1 98  ? 4.124   4.767   -0.055  1.00 13.83  ? 1389 PHE A CE1 1 
ATOM   642  C CE2 . PHE A 1 98  ? 4.602   2.447   0.023   1.00 13.50  ? 1389 PHE A CE2 1 
ATOM   643  C CZ  . PHE A 1 98  ? 4.028   3.562   0.585   1.00 13.69  ? 1389 PHE A CZ  1 
ATOM   644  N N   . SER A 1 99  ? 5.932   3.822   -6.486  1.00 13.89  ? 1390 SER A N   1 
ATOM   645  C CA  . SER A 1 99  ? 6.604   3.919   -7.810  1.00 13.48  ? 1390 SER A CA  1 
ATOM   646  C C   . SER A 1 99  ? 6.006   5.062   -8.637  1.00 13.78  ? 1390 SER A C   1 
ATOM   647  O O   . SER A 1 99  ? 6.757   5.726   -9.374  1.00 13.62  ? 1390 SER A O   1 
ATOM   648  C CB  . SER A 1 99  ? 6.602   2.619   -8.558  1.00 14.77  ? 1390 SER A CB  1 
ATOM   649  O OG  . SER A 1 99  ? 5.328   1.999   -8.551  1.00 14.47  ? 1390 SER A OG  1 
ATOM   650  N N   . ASN A 1 100 ? 4.702   5.318   -8.555  1.00 12.94  ? 1391 ASN A N   1 
ATOM   651  C CA  . ASN A 1 100 ? 4.101   6.443   -9.315  1.00 13.12  ? 1391 ASN A CA  1 
ATOM   652  C C   . ASN A 1 100 ? 4.700   7.763   -8.833  1.00 13.39  ? 1391 ASN A C   1 
ATOM   653  O O   . ASN A 1 100 ? 4.994   8.649   -9.676  1.00 13.86  ? 1391 ASN A O   1 
ATOM   654  C CB  . ASN A 1 100 ? 2.589   6.453   -9.201  1.00 13.13  ? 1391 ASN A CB  1 
ATOM   655  C CG  . ASN A 1 100 ? 1.920   5.338   -9.971  1.00 13.38  ? 1391 ASN A CG  1 
ATOM   656  O OD1 . ASN A 1 100 ? 2.520   4.710   -10.846 1.00 14.29  ? 1391 ASN A OD1 1 
ATOM   657  N ND2 . ASN A 1 100 ? 0.660   5.097   -9.678  1.00 11.96  ? 1391 ASN A ND2 1 
ATOM   658  N N   . SER A 1 101 ? 4.889   7.925   -7.527  1.00 13.84  ? 1392 SER A N   1 
ATOM   659  C CA  . SER A 1 101 ? 5.476   9.172   -6.990  1.00 13.47  ? 1392 SER A CA  1 
ATOM   660  C C   . SER A 1 101 ? 6.907   9.323   -7.532  1.00 14.00  ? 1392 SER A C   1 
ATOM   661  O O   . SER A 1 101 ? 7.285   10.452  -7.935  1.00 14.71  ? 1392 SER A O   1 
ATOM   662  C CB  . SER A 1 101 ? 5.383   9.179   -5.491  1.00 13.38  ? 1392 SER A CB  1 
ATOM   663  O OG  . SER A 1 101 ? 5.811   10.435  -4.997  1.00 13.20  ? 1392 SER A OG  1 
ATOM   664  N N   . LYS A 1 102 ? 7.692   8.246   -7.520  1.00 15.33  ? 1393 LYS A N   1 
ATOM   665  C CA  . LYS A 1 102 ? 9.072   8.264   -8.071  1.00 15.45  ? 1393 LYS A CA  1 
ATOM   666  C C   . LYS A 1 102 ? 9.049   8.577   -9.578  1.00 15.40  ? 1393 LYS A C   1 
ATOM   667  O O   . LYS A 1 102 ? 9.902   9.374   -10.023 1.00 15.01  ? 1393 LYS A O   1 
ATOM   668  C CB  . LYS A 1 102 ? 9.758   6.932   -7.769  1.00 15.73  ? 1393 LYS A CB  1 
ATOM   669  C CG  . LYS A 1 102 ? 11.227  6.870   -8.153  1.00 17.12  ? 1393 LYS A CG  1 
ATOM   670  C CD  . LYS A 1 102 ? 11.913  5.629   -7.682  1.00 18.04  ? 1393 LYS A CD  1 
ATOM   671  C CE  . LYS A 1 102 ? 13.411  5.717   -7.850  1.00 18.71  ? 1393 LYS A CE  1 
ATOM   672  N NZ  . LYS A 1 102 ? 14.109  4.600   -7.180  1.00 20.14  ? 1393 LYS A NZ  1 
ATOM   673  N N   . ALA A 1 103 ? 8.127   7.978   -10.331 1.00 16.46  ? 1394 ALA A N   1 
ATOM   674  C CA  . ALA A 1 103 ? 7.984   8.200   -11.791 1.00 17.20  ? 1394 ALA A CA  1 
ATOM   675  C C   . ALA A 1 103 ? 7.626   9.665   -12.065 1.00 17.95  ? 1394 ALA A C   1 
ATOM   676  O O   . ALA A 1 103 ? 7.983   10.170  -13.146 1.00 17.86  ? 1394 ALA A O   1 
ATOM   677  C CB  . ALA A 1 103 ? 6.945   7.275   -12.364 1.00 18.50  ? 1394 ALA A CB  1 
ATOM   678  N N   . TYR A 1 104 ? 6.941   10.345  -11.142 1.00 16.67  ? 1395 TYR A N   1 
ATOM   679  C CA  . TYR A 1 104 ? 6.422   11.714  -11.387 1.00 17.08  ? 1395 TYR A CA  1 
ATOM   680  C C   . TYR A 1 104 ? 7.362   12.801  -10.845 1.00 17.55  ? 1395 TYR A C   1 
ATOM   681  O O   . TYR A 1 104 ? 7.215   13.936  -11.297 1.00 17.42  ? 1395 TYR A O   1 
ATOM   682  C CB  . TYR A 1 104 ? 4.996   11.875  -10.863 1.00 17.67  ? 1395 TYR A CB  1 
ATOM   683  C CG  . TYR A 1 104 ? 4.357   13.128  -11.399 1.00 18.05  ? 1395 TYR A CG  1 
ATOM   684  C CD1 . TYR A 1 104 ? 4.086   13.258  -12.750 1.00 18.65  ? 1395 TYR A CD1 1 
ATOM   685  C CD2 . TYR A 1 104 ? 4.105   14.209  -10.574 1.00 19.65  ? 1395 TYR A CD2 1 
ATOM   686  C CE1 . TYR A 1 104 ? 3.556   14.428  -13.267 1.00 18.12  ? 1395 TYR A CE1 1 
ATOM   687  C CE2 . TYR A 1 104 ? 3.573   15.382  -11.072 1.00 19.11  ? 1395 TYR A CE2 1 
ATOM   688  C CZ  . TYR A 1 104 ? 3.284   15.488  -12.421 1.00 18.25  ? 1395 TYR A CZ  1 
ATOM   689  O OH  . TYR A 1 104 ? 2.772   16.643  -12.925 1.00 18.60  ? 1395 TYR A OH  1 
ATOM   690  N N   . THR A 1 105 ? 8.266   12.501  -9.902  1.00 19.26  ? 1396 THR A N   1 
ATOM   691  C CA  . THR A 1 105 ? 9.147   13.498  -9.234  1.00 20.01  ? 1396 THR A CA  1 
ATOM   692  C C   . THR A 1 105 ? 10.160  14.075  -10.231 1.00 21.04  ? 1396 THR A C   1 
ATOM   693  O O   . THR A 1 105 ? 10.812  13.321  -10.958 1.00 21.48  ? 1396 THR A O   1 
ATOM   694  C CB  . THR A 1 105 ? 9.828   12.887  -8.000  1.00 20.40  ? 1396 THR A CB  1 
ATOM   695  O OG1 . THR A 1 105 ? 10.334  13.950  -7.196  1.00 19.38  ? 1396 THR A OG1 1 
ATOM   696  C CG2 . THR A 1 105 ? 10.976  11.959  -8.327  1.00 20.93  ? 1396 THR A CG2 1 
ATOM   697  N N   . PRO A 1 106 ? 10.367  15.414  -10.282 1.00 23.26  ? 1397 PRO A N   1 
ATOM   698  C CA  . PRO A 1 106 ? 11.430  15.975  -11.120 1.00 23.76  ? 1397 PRO A CA  1 
ATOM   699  C C   . PRO A 1 106 ? 12.816  15.839  -10.479 1.00 26.22  ? 1397 PRO A C   1 
ATOM   700  O O   . PRO A 1 106 ? 13.797  16.005  -11.166 1.00 23.81  ? 1397 PRO A O   1 
ATOM   701  C CB  . PRO A 1 106 ? 11.047  17.454  -11.219 1.00 25.08  ? 1397 PRO A CB  1 
ATOM   702  C CG  . PRO A 1 106 ? 10.373  17.738  -9.897  1.00 25.30  ? 1397 PRO A CG  1 
ATOM   703  C CD  . PRO A 1 106 ? 9.615   16.462  -9.570  1.00 23.12  ? 1397 PRO A CD  1 
ATOM   704  N N   . SER A 1 107 ? 12.850  15.603  -9.165  1.00 27.73  ? 1398 SER A N   1 
ATOM   705  C CA  . SER A 1 107 ? 14.084  15.479  -8.351  1.00 32.30  ? 1398 SER A CA  1 
ATOM   706  C C   . SER A 1 107 ? 13.862  14.460  -7.233  1.00 35.38  ? 1398 SER A C   1 
ATOM   707  O O   . SER A 1 107 ? 12.727  14.376  -6.724  1.00 33.59  ? 1398 SER A O   1 
ATOM   708  C CB  . SER A 1 107 ? 14.475  16.815  -7.787  1.00 35.13  ? 1398 SER A CB  1 
ATOM   709  O OG  . SER A 1 107 ? 15.061  16.664  -6.507  1.00 38.59  ? 1398 SER A OG  1 
ATOM   710  N N   . LYS A 1 108 ? 14.920  13.751  -6.834  1.00 39.00  ? 1399 LYS A N   1 
ATOM   711  C CA  . LYS A 1 108 ? 14.913  12.892  -5.621  1.00 43.62  ? 1399 LYS A CA  1 
ATOM   712  C C   . LYS A 1 108 ? 14.991  13.798  -4.383  1.00 45.38  ? 1399 LYS A C   1 
ATOM   713  O O   . LYS A 1 108 ? 14.899  13.267  -3.257  1.00 45.42  ? 1399 LYS A O   1 
ATOM   714  C CB  . LYS A 1 108 ? 16.038  11.856  -5.695  1.00 47.58  ? 1399 LYS A CB  1 
ATOM   715  C CG  . LYS A 1 108 ? 15.985  10.962  -6.931  1.00 49.41  ? 1399 LYS A CG  1 
ATOM   716  C CD  . LYS A 1 108 ? 16.713  9.642   -6.778  1.00 52.12  ? 1399 LYS A CD  1 
ATOM   717  C CE  . LYS A 1 108 ? 16.431  8.678   -7.911  1.00 53.58  ? 1399 LYS A CE  1 
ATOM   718  N NZ  . LYS A 1 108 ? 17.459  7.612   -7.995  1.00 55.31  ? 1399 LYS A NZ  1 
ATOM   719  N N   . ARG A 1 109 ? 15.146  15.111  -4.596  1.00 44.88  ? 1400 ARG A N   1 
ATOM   720  C CA  . ARG A 1 109 ? 15.018  16.171  -3.560  1.00 46.47  ? 1400 ARG A CA  1 
ATOM   721  C C   . ARG A 1 109 ? 13.710  16.939  -3.787  1.00 43.26  ? 1400 ARG A C   1 
ATOM   722  O O   . ARG A 1 109 ? 13.758  18.179  -3.962  1.00 42.56  ? 1400 ARG A O   1 
ATOM   723  C CB  . ARG A 1 109 ? 16.224  17.112  -3.618  1.00 50.70  ? 1400 ARG A CB  1 
ATOM   724  C CG  . ARG A 1 109 ? 17.574  16.407  -3.585  1.00 54.77  ? 1400 ARG A CG  1 
ATOM   725  C CD  . ARG A 1 109 ? 18.711  17.408  -3.613  1.00 58.73  ? 1400 ARG A CD  1 
ATOM   726  N NE  . ARG A 1 109 ? 18.572  18.374  -2.530  1.00 63.07  ? 1400 ARG A NE  1 
ATOM   727  C CZ  . ARG A 1 109 ? 19.179  19.554  -2.469  1.00 68.21  ? 1400 ARG A CZ  1 
ATOM   728  N NH1 . ARG A 1 109 ? 19.994  19.946  -3.437  1.00 70.59  ? 1400 ARG A NH1 1 
ATOM   729  N NH2 . ARG A 1 109 ? 18.962  20.345  -1.432  1.00 69.96  ? 1400 ARG A NH2 1 
ATOM   730  N N   . SER A 1 110 ? 12.582  16.224  -3.804  1.00 38.29  ? 1401 SER A N   1 
ATOM   731  C CA  . SER A 1 110 ? 11.212  16.802  -3.823  1.00 33.87  ? 1401 SER A CA  1 
ATOM   732  C C   . SER A 1 110 ? 10.500  16.466  -2.508  1.00 29.86  ? 1401 SER A C   1 
ATOM   733  O O   . SER A 1 110 ? 10.818  15.423  -1.896  1.00 27.04  ? 1401 SER A O   1 
ATOM   734  C CB  . SER A 1 110 ? 10.431  16.321  -5.013  1.00 36.04  ? 1401 SER A CB  1 
ATOM   735  O OG  . SER A 1 110 ? 11.111  16.649  -6.220  1.00 41.47  ? 1401 SER A OG  1 
ATOM   736  N N   . ARG A 1 111 ? 9.585   17.339  -2.081  1.00 25.88  ? 1402 ARG A N   1 
ATOM   737  C CA  . ARG A 1 111 ? 8.856   17.184  -0.799  1.00 26.07  ? 1402 ARG A CA  1 
ATOM   738  C C   . ARG A 1 111 ? 7.947   15.957  -0.885  1.00 23.27  ? 1402 ARG A C   1 
ATOM   739  O O   . ARG A 1 111 ? 7.959   15.155  0.049   1.00 20.80  ? 1402 ARG A O   1 
ATOM   740  C CB  . ARG A 1 111 ? 8.029   18.433  -0.480  1.00 26.84  ? 1402 ARG A CB  1 
ATOM   741  C CG  . ARG A 1 111 ? 7.218   18.320  0.802   1.00 27.81  ? 1402 ARG A CG  1 
ATOM   742  C CD  . ARG A 1 111 ? 8.059   18.504  2.052   1.00 28.98  ? 1402 ARG A CD  1 
ATOM   743  N NE  . ARG A 1 111 ? 7.410   17.978  3.247   1.00 31.56  ? 1402 ARG A NE  1 
ATOM   744  C CZ  . ARG A 1 111 ? 6.406   18.552  3.911   1.00 31.20  ? 1402 ARG A CZ  1 
ATOM   745  N NH1 . ARG A 1 111 ? 5.891   19.704  3.516   1.00 31.86  ? 1402 ARG A NH1 1 
ATOM   746  N NH2 . ARG A 1 111 ? 5.902   17.950  4.976   1.00 32.59  ? 1402 ARG A NH2 1 
ATOM   747  N N   . ILE A 1 112 ? 7.135   15.848  -1.928  1.00 20.47  ? 1403 ILE A N   1 
ATOM   748  C CA  . ILE A 1 112 ? 6.162   14.719  -2.056  1.00 19.21  ? 1403 ILE A CA  1 
ATOM   749  C C   . ILE A 1 112 ? 6.937   13.394  -2.190  1.00 17.39  ? 1403 ILE A C   1 
ATOM   750  O O   . ILE A 1 112 ? 6.647   12.449  -1.453  1.00 14.82  ? 1403 ILE A O   1 
ATOM   751  C CB  . ILE A 1 112 ? 5.149   14.957  -3.194  1.00 19.98  ? 1403 ILE A CB  1 
ATOM   752  C CG1 . ILE A 1 112 ? 4.241   16.150  -2.874  1.00 20.96  ? 1403 ILE A CG1 1 
ATOM   753  C CG2 . ILE A 1 112 ? 4.348   13.690  -3.461  1.00 19.84  ? 1403 ILE A CG2 1 
ATOM   754  C CD1 . ILE A 1 112 ? 3.124   16.395  -3.882  1.00 21.86  ? 1403 ILE A CD1 1 
ATOM   755  N N   . TYR A 1 113 ? 7.952   13.311  -3.054  1.00 15.12  ? 1404 TYR A N   1 
ATOM   756  C CA  . TYR A 1 113 ? 8.745   12.066  -3.203  1.00 15.38  ? 1404 TYR A CA  1 
ATOM   757  C C   . TYR A 1 113 ? 9.413   11.725  -1.873  1.00 15.19  ? 1404 TYR A C   1 
ATOM   758  O O   . TYR A 1 113 ? 9.443   10.599  -1.484  1.00 14.93  ? 1404 TYR A O   1 
ATOM   759  C CB  . TYR A 1 113 ? 9.754   12.183  -4.352  1.00 16.28  ? 1404 TYR A CB  1 
ATOM   760  C CG  . TYR A 1 113 ? 10.659  10.996  -4.494  1.00 14.89  ? 1404 TYR A CG  1 
ATOM   761  C CD1 . TYR A 1 113 ? 10.182  9.731   -4.811  1.00 18.26  ? 1404 TYR A CD1 1 
ATOM   762  C CD2 . TYR A 1 113 ? 12.043  11.129  -4.322  1.00 15.94  ? 1404 TYR A CD2 1 
ATOM   763  C CE1 . TYR A 1 113 ? 11.027  8.641   -4.947  1.00 17.83  ? 1404 TYR A CE1 1 
ATOM   764  C CE2 . TYR A 1 113 ? 12.891  10.044  -4.424  1.00 17.14  ? 1404 TYR A CE2 1 
ATOM   765  C CZ  . TYR A 1 113 ? 12.387  8.794   -4.760  1.00 16.98  ? 1404 TYR A CZ  1 
ATOM   766  O OH  . TYR A 1 113 ? 13.253  7.734   -4.867  1.00 20.08  ? 1404 TYR A OH  1 
ATOM   767  N N   A SER A 1 114 ? 10.000  12.715  -1.201  0.32 15.48  ? 1405 SER A N   1 
ATOM   768  N N   B SER A 1 114 ? 10.008  12.711  -1.209  0.32 16.02  ? 1405 SER A N   1 
ATOM   769  C CA  A SER A 1 114 ? 10.655  12.511  0.117   0.32 16.27  ? 1405 SER A CA  1 
ATOM   770  C CA  B SER A 1 114 ? 10.645  12.514  0.116   0.32 17.26  ? 1405 SER A CA  1 
ATOM   771  C C   A SER A 1 114 ? 9.660   11.928  1.136   0.32 14.82  ? 1405 SER A C   1 
ATOM   772  C C   B SER A 1 114 ? 9.653   11.921  1.129   0.32 15.25  ? 1405 SER A C   1 
ATOM   773  O O   A SER A 1 114 ? 10.036  11.025  1.900   0.32 15.11  ? 1405 SER A O   1 
ATOM   774  O O   B SER A 1 114 ? 10.030  11.014  1.887   0.32 15.33  ? 1405 SER A O   1 
ATOM   775  C CB  A SER A 1 114 ? 11.325  13.772  0.628   0.32 17.82  ? 1405 SER A CB  1 
ATOM   776  C CB  B SER A 1 114 ? 11.266  13.785  0.613   0.32 19.81  ? 1405 SER A CB  1 
ATOM   777  O OG  A SER A 1 114 ? 10.399  14.661  1.228   0.32 16.82  ? 1405 SER A OG  1 
ATOM   778  O OG  B SER A 1 114 ? 12.470  14.029  -0.097  0.32 20.89  ? 1405 SER A OG  1 
ATOM   779  N N   . MET A 1 115 ? 8.427   12.428  1.163   1.00 14.34  ? 1406 MET A N   1 
ATOM   780  C CA  . MET A 1 115 ? 7.354   11.882  2.040   1.00 14.22  ? 1406 MET A CA  1 
ATOM   781  C C   . MET A 1 115 ? 7.066   10.418  1.627   1.00 12.93  ? 1406 MET A C   1 
ATOM   782  O O   . MET A 1 115 ? 6.900   9.545   2.505   1.00 12.90  ? 1406 MET A O   1 
ATOM   783  C CB  . MET A 1 115 ? 6.100   12.725  1.943   1.00 14.08  ? 1406 MET A CB  1 
ATOM   784  C CG  . MET A 1 115 ? 6.266   14.107  2.546   1.00 15.51  ? 1406 MET A CG  1 
ATOM   785  S SD  . MET A 1 115 ? 5.018   15.247  2.029   1.00 20.81  ? 1406 MET A SD  1 
ATOM   786  C CE  . MET A 1 115 ? 3.784   14.859  3.149   1.00 18.55  ? 1406 MET A CE  1 
ATOM   787  N N   . SER A 1 116 ? 7.057   10.147  0.317   1.00 12.88  ? 1407 SER A N   1 
ATOM   788  C CA  . SER A 1 116 ? 6.807   8.794   -0.197  1.00 13.26  ? 1407 SER A CA  1 
ATOM   789  C C   . SER A 1 116 ? 7.857   7.827   0.368   1.00 12.06  ? 1407 SER A C   1 
ATOM   790  O O   . SER A 1 116 ? 7.539   6.692   0.685   1.00 12.80  ? 1407 SER A O   1 
ATOM   791  C CB  . SER A 1 116 ? 6.696   8.728   -1.752  1.00 15.00  ? 1407 SER A CB  1 
ATOM   792  O OG  . SER A 1 116 ? 7.965   8.576   -2.355  1.00 14.99  ? 1407 SER A OG  1 
ATOM   793  N N   . LEU A 1 117 ? 9.130   8.223   0.415   1.00 12.85  ? 1408 LEU A N   1 
ATOM   794  C CA  . LEU A 1 117 ? 10.198  7.295   0.819   1.00 13.76  ? 1408 LEU A CA  1 
ATOM   795  C C   . LEU A 1 117 ? 10.100  6.952   2.301   1.00 12.71  ? 1408 LEU A C   1 
ATOM   796  O O   . LEU A 1 117 ? 10.251  5.806   2.681   1.00 13.23  ? 1408 LEU A O   1 
ATOM   797  C CB  . LEU A 1 117 ? 11.577  7.868   0.528   1.00 15.34  ? 1408 LEU A CB  1 
ATOM   798  C CG  . LEU A 1 117 ? 11.949  8.031   -0.945  1.00 16.20  ? 1408 LEU A CG  1 
ATOM   799  C CD1 . LEU A 1 117 ? 13.363  8.593   -1.039  1.00 18.76  ? 1408 LEU A CD1 1 
ATOM   800  C CD2 . LEU A 1 117 ? 11.876  6.711   -1.702  1.00 18.45  ? 1408 LEU A CD2 1 
ATOM   801  N N   . ARG A 1 118 ? 9.751   7.943   3.139   1.00 12.70  ? 1409 ARG A N   1 
ATOM   802  C CA  . ARG A 1 118 ? 9.541   7.653   4.582   1.00 13.10  ? 1409 ARG A CA  1 
ATOM   803  C C   . ARG A 1 118 ? 8.296   6.769   4.735   1.00 12.49  ? 1409 ARG A C   1 
ATOM   804  O O   . ARG A 1 118 ? 8.333   5.785   5.514   1.00 12.18  ? 1409 ARG A O   1 
ATOM   805  C CB  . ARG A 1 118 ? 9.381   8.923   5.419   1.00 13.77  ? 1409 ARG A CB  1 
ATOM   806  C CG  . ARG A 1 118 ? 10.651  9.777   5.531   1.00 13.82  ? 1409 ARG A CG  1 
ATOM   807  C CD  . ARG A 1 118 ? 10.484  10.929  6.507   1.00 14.94  ? 1409 ARG A CD  1 
ATOM   808  N NE  . ARG A 1 118 ? 9.480   11.878  6.117   1.00 14.32  ? 1409 ARG A NE  1 
ATOM   809  C CZ  . ARG A 1 118 ? 9.681   13.035  5.533   1.00 16.94  ? 1409 ARG A CZ  1 
ATOM   810  N NH1 . ARG A 1 118 ? 10.892  13.432  5.247   1.00 17.86  ? 1409 ARG A NH1 1 
ATOM   811  N NH2 . ARG A 1 118 ? 8.642   13.829  5.296   1.00 18.49  ? 1409 ARG A NH2 1 
ATOM   812  N N   . LEU A 1 119 ? 7.196   7.076   4.056   1.00 12.33  ? 1410 LEU A N   1 
ATOM   813  C CA  . LEU A 1 119 ? 5.981   6.265   4.213   1.00 12.52  ? 1410 LEU A CA  1 
ATOM   814  C C   . LEU A 1 119 ? 6.188   4.826   3.715   1.00 11.60  ? 1410 LEU A C   1 
ATOM   815  O O   . LEU A 1 119 ? 5.669   3.881   4.339   1.00 11.76  ? 1410 LEU A O   1 
ATOM   816  C CB  . LEU A 1 119 ? 4.834   6.958   3.499   1.00 13.63  ? 1410 LEU A CB  1 
ATOM   817  C CG  . LEU A 1 119 ? 3.431   6.463   3.865   1.00 14.43  ? 1410 LEU A CG  1 
ATOM   818  C CD1 . LEU A 1 119 ? 3.168   6.764   5.359   1.00 16.29  ? 1410 LEU A CD1 1 
ATOM   819  C CD2 . LEU A 1 119 ? 2.343   7.133   3.010   1.00 13.12  ? 1410 LEU A CD2 1 
ATOM   820  N N   . SER A 1 120 ? 6.961   4.681   2.630   1.00 11.49  ? 1411 SER A N   1 
ATOM   821  C CA  . SER A 1 120 ? 7.290   3.346   2.108   1.00 11.98  ? 1411 SER A CA  1 
ATOM   822  C C   . SER A 1 120 ? 8.045   2.537   3.173   1.00 12.97  ? 1411 SER A C   1 
ATOM   823  O O   . SER A 1 120 ? 7.782   1.334   3.372   1.00 13.01  ? 1411 SER A O   1 
ATOM   824  C CB  . SER A 1 120 ? 8.109   3.469   0.840   1.00 12.40  ? 1411 SER A CB  1 
ATOM   825  O OG  . SER A 1 120 ? 8.587   2.202   0.358   1.00 14.54  ? 1411 SER A OG  1 
ATOM   826  N N   . ALA A 1 121 ? 9.075   3.141   3.797   1.00 12.45  ? 1412 ALA A N   1 
ATOM   827  C CA  . ALA A 1 121 ? 9.832   2.429   4.842   1.00 12.87  ? 1412 ALA A CA  1 
ATOM   828  C C   . ALA A 1 121 ? 8.908   1.968   5.964   1.00 11.46  ? 1412 ALA A C   1 
ATOM   829  O O   . ALA A 1 121 ? 9.030   0.845   6.474   1.00 13.36  ? 1412 ALA A O   1 
ATOM   830  C CB  . ALA A 1 121 ? 10.937  3.315   5.367   1.00 13.96  ? 1412 ALA A CB  1 
ATOM   831  N N   . PHE A 1 122 ? 8.013   2.875   6.382   1.00 11.62  ? 1413 PHE A N   1 
ATOM   832  C CA  . PHE A 1 122 ? 7.049   2.549   7.474   1.00 12.12  ? 1413 PHE A CA  1 
ATOM   833  C C   . PHE A 1 122 ? 6.146   1.380   7.046   1.00 12.57  ? 1413 PHE A C   1 
ATOM   834  O O   . PHE A 1 122 ? 5.918   0.418   7.773   1.00 12.37  ? 1413 PHE A O   1 
ATOM   835  C CB  . PHE A 1 122 ? 6.233   3.786   7.817   1.00 12.55  ? 1413 PHE A CB  1 
ATOM   836  C CG  . PHE A 1 122 ? 5.147   3.526   8.817   1.00 13.77  ? 1413 PHE A CG  1 
ATOM   837  C CD1 . PHE A 1 122 ? 5.412   3.475   10.182  1.00 16.90  ? 1413 PHE A CD1 1 
ATOM   838  C CD2 . PHE A 1 122 ? 3.849   3.303   8.430   1.00 14.35  ? 1413 PHE A CD2 1 
ATOM   839  C CE1 . PHE A 1 122 ? 4.413   3.236   11.110  1.00 17.37  ? 1413 PHE A CE1 1 
ATOM   840  C CE2 . PHE A 1 122 ? 2.829   3.132   9.370   1.00 16.41  ? 1413 PHE A CE2 1 
ATOM   841  C CZ  . PHE A 1 122 ? 3.115   3.079   10.721  1.00 17.86  ? 1413 PHE A CZ  1 
ATOM   842  N N   . PHE A 1 123 ? 5.596   1.467   5.822   1.00 11.74  ? 1414 PHE A N   1 
ATOM   843  C CA  . PHE A 1 123 ? 4.730   0.393   5.294   1.00 12.13  ? 1414 PHE A CA  1 
ATOM   844  C C   . PHE A 1 123 ? 5.436   -0.953  5.223   1.00 12.43  ? 1414 PHE A C   1 
ATOM   845  O O   . PHE A 1 123 ? 4.895   -1.983  5.702   1.00 12.56  ? 1414 PHE A O   1 
ATOM   846  C CB  . PHE A 1 123 ? 4.217   0.790   3.892   1.00 12.52  ? 1414 PHE A CB  1 
ATOM   847  C CG  . PHE A 1 123 ? 3.415   -0.305  3.217   1.00 12.46  ? 1414 PHE A CG  1 
ATOM   848  C CD1 . PHE A 1 123 ? 2.134   -0.648  3.635   1.00 12.48  ? 1414 PHE A CD1 1 
ATOM   849  C CD2 . PHE A 1 123 ? 4.006   -1.094  2.215   1.00 12.58  ? 1414 PHE A CD2 1 
ATOM   850  C CE1 . PHE A 1 123 ? 1.442   -1.710  3.032   1.00 13.47  ? 1414 PHE A CE1 1 
ATOM   851  C CE2 . PHE A 1 123 ? 3.301   -2.146  1.632   1.00 13.48  ? 1414 PHE A CE2 1 
ATOM   852  C CZ  . PHE A 1 123 ? 2.051   -2.443  2.050   1.00 13.85  ? 1414 PHE A CZ  1 
ATOM   853  N N   . GLU A 1 124 ? 6.643   -0.951  4.669   1.00 11.57  ? 1415 GLU A N   1 
ATOM   854  C CA  . GLU A 1 124 ? 7.404   -2.210  4.508   1.00 12.87  ? 1415 GLU A CA  1 
ATOM   855  C C   . GLU A 1 124 ? 7.739   -2.822  5.870   1.00 13.03  ? 1415 GLU A C   1 
ATOM   856  O O   . GLU A 1 124 ? 7.655   -4.049  6.040   1.00 14.82  ? 1415 GLU A O   1 
ATOM   857  C CB  . GLU A 1 124 ? 8.676   -2.003  3.694   1.00 13.31  ? 1415 GLU A CB  1 
ATOM   858  C CG  . GLU A 1 124 ? 8.386   -1.681  2.211   1.00 13.83  ? 1415 GLU A CG  1 
ATOM   859  C CD  . GLU A 1 124 ? 7.723   -2.743  1.353   1.00 15.85  ? 1415 GLU A CD  1 
ATOM   860  O OE1 . GLU A 1 124 ? 7.918   -3.937  1.688   1.00 16.96  ? 1415 GLU A OE1 1 
ATOM   861  O OE2 . GLU A 1 124 ? 7.003   -2.372  0.414   1.00 16.35  ? 1415 GLU A OE2 1 
ATOM   862  N N   . GLU A 1 125 ? 8.071   -1.984  6.857   1.00 12.99  ? 1416 GLU A N   1 
ATOM   863  C CA  . GLU A 1 125 ? 8.352   -2.484  8.222   1.00 13.62  ? 1416 GLU A CA  1 
ATOM   864  C C   . GLU A 1 125 ? 7.160   -3.224  8.809   1.00 13.34  ? 1416 GLU A C   1 
ATOM   865  O O   . GLU A 1 125 ? 7.331   -4.250  9.479   1.00 15.29  ? 1416 GLU A O   1 
ATOM   866  C CB  . GLU A 1 125 ? 8.748   -1.237  9.025   1.00 13.68  ? 1416 GLU A CB  1 
ATOM   867  C CG  . GLU A 1 125 ? 8.958   -1.446  10.534  1.00 15.20  ? 1416 GLU A CG  1 
ATOM   868  C CD  . GLU A 1 125 ? 9.349   -0.126  11.199  1.00 15.09  ? 1416 GLU A CD  1 
ATOM   869  O OE1 . GLU A 1 125 ? 10.447  0.390   10.847  1.00 16.62  ? 1416 GLU A OE1 1 
ATOM   870  O OE2 . GLU A 1 125 ? 8.511   0.447   11.925  1.00 17.62  ? 1416 GLU A OE2 1 
ATOM   871  N N   . HIS A 1 126 ? 5.953   -2.704  8.577   1.00 14.10  ? 1417 HIS A N   1 
ATOM   872  C CA  . HIS A 1 126 ? 4.683   -3.219  9.150   1.00 14.72  ? 1417 HIS A CA  1 
ATOM   873  C C   . HIS A 1 126 ? 4.127   -4.401  8.324   1.00 14.39  ? 1417 HIS A C   1 
ATOM   874  O O   . HIS A 1 126 ? 3.613   -5.349  8.941   1.00 15.81  ? 1417 HIS A O   1 
ATOM   875  C CB  . HIS A 1 126 ? 3.686   -2.056  9.339   1.00 15.49  ? 1417 HIS A CB  1 
ATOM   876  C CG  . HIS A 1 126 ? 3.996   -1.161  10.499  1.00 16.76  ? 1417 HIS A CG  1 
ATOM   877  N ND1 . HIS A 1 126 ? 5.074   -0.290  10.509  1.00 18.23  ? 1417 HIS A ND1 1 
ATOM   878  C CD2 . HIS A 1 126 ? 3.383   -1.020  11.698  1.00 17.62  ? 1417 HIS A CD2 1 
ATOM   879  C CE1 . HIS A 1 126 ? 5.108   0.334   11.681  1.00 19.27  ? 1417 HIS A CE1 1 
ATOM   880  N NE2 . HIS A 1 126 ? 4.077   -0.070  12.405  1.00 17.71  ? 1417 HIS A NE2 1 
ATOM   881  N N   . ILE A 1 127 ? 4.233   -4.384  6.985   1.00 13.47  ? 1418 ILE A N   1 
ATOM   882  C CA  . ILE A 1 127 ? 3.576   -5.413  6.134   1.00 13.42  ? 1418 ILE A CA  1 
ATOM   883  C C   . ILE A 1 127 ? 4.310   -6.755  6.182   1.00 13.25  ? 1418 ILE A C   1 
ATOM   884  O O   . ILE A 1 127 ? 3.716   -7.794  5.884   1.00 13.36  ? 1418 ILE A O   1 
ATOM   885  C CB  . ILE A 1 127 ? 3.402   -4.924  4.678   1.00 12.62  ? 1418 ILE A CB  1 
ATOM   886  C CG1 . ILE A 1 127 ? 2.249   -5.632  3.928   1.00 14.35  ? 1418 ILE A CG1 1 
ATOM   887  C CG2 . ILE A 1 127 ? 4.687   -5.018  3.903   1.00 14.21  ? 1418 ILE A CG2 1 
ATOM   888  C CD1 . ILE A 1 127 ? 0.904   -5.413  4.523   1.00 15.62  ? 1418 ILE A CD1 1 
ATOM   889  N N   A SER A 1 128 ? 5.602   -6.754  6.516   0.25 13.29  ? 1419 SER A N   1 
ATOM   890  N N   B SER A 1 128 ? 5.610   -6.719  6.498   0.25 13.55  ? 1419 SER A N   1 
ATOM   891  C CA  A SER A 1 128 ? 6.425   -7.991  6.467   0.25 13.53  ? 1419 SER A CA  1 
ATOM   892  C CA  B SER A 1 128 ? 6.484   -7.919  6.570   0.25 14.09  ? 1419 SER A CA  1 
ATOM   893  C C   A SER A 1 128 ? 5.801   -9.109  7.332   0.25 13.87  ? 1419 SER A C   1 
ATOM   894  C C   B SER A 1 128 ? 5.789   -9.067  7.324   0.25 14.22  ? 1419 SER A C   1 
ATOM   895  O O   A SER A 1 128 ? 5.717   -10.261 6.834   0.25 14.93  ? 1419 SER A O   1 
ATOM   896  O O   B SER A 1 128 ? 5.676   -10.179 6.754   0.25 15.56  ? 1419 SER A O   1 
ATOM   897  C CB  A SER A 1 128 ? 7.859   -7.679  6.828   0.25 14.42  ? 1419 SER A CB  1 
ATOM   898  C CB  B SER A 1 128 ? 7.807   -7.552  7.205   0.25 15.05  ? 1419 SER A CB  1 
ATOM   899  O OG  A SER A 1 128 ? 7.935   -7.126  8.127   0.25 15.81  ? 1419 SER A OG  1 
ATOM   900  O OG  B SER A 1 128 ? 8.598   -8.719  7.376   0.25 17.93  ? 1419 SER A OG  1 
ATOM   901  N N   . SER A 1 129 ? 5.357   -8.820  8.556   1.00 13.27  ? 1420 SER A N   1 
ATOM   902  C CA  . SER A 1 129 ? 4.783   -9.877  9.405   1.00 15.55  ? 1420 SER A CA  1 
ATOM   903  C C   . SER A 1 129 ? 3.420   -10.318 8.835   1.00 14.97  ? 1420 SER A C   1 
ATOM   904  O O   . SER A 1 129 ? 3.060   -11.489 8.960   1.00 14.49  ? 1420 SER A O   1 
ATOM   905  C CB  . SER A 1 129 ? 4.654   -9.460  10.825  1.00 18.00  ? 1420 SER A CB  1 
ATOM   906  O OG  . SER A 1 129 ? 3.848   -8.327  11.003  1.00 22.49  ? 1420 SER A OG  1 
ATOM   907  N N   . VAL A 1 130 ? 2.658   -9.373  8.268   1.00 12.45  ? 1421 VAL A N   1 
ATOM   908  C CA  . VAL A 1 130 ? 1.322   -9.737  7.707   1.00 12.82  ? 1421 VAL A CA  1 
ATOM   909  C C   . VAL A 1 130 ? 1.539   -10.750 6.592   1.00 12.95  ? 1421 VAL A C   1 
ATOM   910  O O   . VAL A 1 130 ? 0.807   -11.779 6.495   1.00 13.04  ? 1421 VAL A O   1 
ATOM   911  C CB  . VAL A 1 130 ? 0.624   -8.490  7.205   1.00 11.83  ? 1421 VAL A CB  1 
ATOM   912  C CG1 . VAL A 1 130 ? -0.709  -8.868  6.557   1.00 12.33  ? 1421 VAL A CG1 1 
ATOM   913  C CG2 . VAL A 1 130 ? 0.411   -7.488  8.322   1.00 12.79  ? 1421 VAL A CG2 1 
ATOM   914  N N   . LEU A 1 131 ? 2.469   -10.489 5.666   1.00 12.82  ? 1422 LEU A N   1 
ATOM   915  C CA  . LEU A 1 131 ? 2.738   -11.418 4.546   1.00 12.42  ? 1422 LEU A CA  1 
ATOM   916  C C   . LEU A 1 131 ? 3.261   -12.757 5.068   1.00 12.61  ? 1422 LEU A C   1 
ATOM   917  O O   . LEU A 1 131 ? 2.833   -13.798 4.590   1.00 13.14  ? 1422 LEU A O   1 
ATOM   918  C CB  . LEU A 1 131 ? 3.774   -10.811 3.586   1.00 13.30  ? 1422 LEU A CB  1 
ATOM   919  C CG  . LEU A 1 131 ? 3.314   -9.546  2.869   1.00 13.80  ? 1422 LEU A CG  1 
ATOM   920  C CD1 . LEU A 1 131 ? 4.493   -8.837  2.190   1.00 15.85  ? 1422 LEU A CD1 1 
ATOM   921  C CD2 . LEU A 1 131 ? 2.229   -9.895  1.887   1.00 15.86  ? 1422 LEU A CD2 1 
ATOM   922  N N   A SER A 1 132 ? 4.225   -12.711 5.980   0.40 12.77  ? 1423 SER A N   1 
ATOM   923  N N   B SER A 1 132 ? 4.193   -12.729 6.018   0.10 13.39  ? 1423 SER A N   1 
ATOM   924  C CA  A SER A 1 132 ? 4.812   -13.963 6.538   0.40 13.43  ? 1423 SER A CA  1 
ATOM   925  C CA  B SER A 1 132 ? 4.831   -13.964 6.548   0.10 13.94  ? 1423 SER A CA  1 
ATOM   926  C C   A SER A 1 132 ? 3.710   -14.829 7.175   0.40 12.72  ? 1423 SER A C   1 
ATOM   927  C C   B SER A 1 132 ? 3.790   -14.836 7.268   0.10 13.52  ? 1423 SER A C   1 
ATOM   928  O O   A SER A 1 132 ? 3.656   -16.052 6.897   0.40 13.46  ? 1423 SER A O   1 
ATOM   929  O O   B SER A 1 132 ? 3.855   -16.069 7.132   0.10 13.71  ? 1423 SER A O   1 
ATOM   930  C CB  A SER A 1 132 ? 5.899   -13.670 7.534   0.40 14.79  ? 1423 SER A CB  1 
ATOM   931  C CB  B SER A 1 132 ? 5.993   -13.634 7.438   0.10 14.83  ? 1423 SER A CB  1 
ATOM   932  O OG  A SER A 1 132 ? 7.014   -13.079 6.906   0.40 15.76  ? 1423 SER A OG  1 
ATOM   933  O OG  B SER A 1 132 ? 6.729   -14.808 7.733   0.10 16.53  ? 1423 SER A OG  1 
ATOM   934  N N   . ASP A 1 133 ? 2.867   -14.229 8.015   1.00 13.28  ? 1424 ASP A N   1 
ATOM   935  C CA  . ASP A 1 133 ? 1.817   -14.986 8.736   1.00 13.13  ? 1424 ASP A CA  1 
ATOM   936  C C   . ASP A 1 133 ? 0.855   -15.606 7.716   1.00 12.67  ? 1424 ASP A C   1 
ATOM   937  O O   . ASP A 1 133 ? 0.432   -16.753 7.880   1.00 13.22  ? 1424 ASP A O   1 
ATOM   938  C CB  . ASP A 1 133 ? 1.133   -14.137 9.801   1.00 14.61  ? 1424 ASP A CB  1 
ATOM   939  C CG  . ASP A 1 133 ? 1.917   -13.804 11.041  1.00 18.14  ? 1424 ASP A CG  1 
ATOM   940  O OD1 . ASP A 1 133 ? 3.060   -14.241 11.187  1.00 19.37  ? 1424 ASP A OD1 1 
ATOM   941  O OD2 . ASP A 1 133 ? 1.315   -13.119 11.881  1.00 23.08  ? 1424 ASP A OD2 1 
ATOM   942  N N   . TYR A 1 134 ? 0.458   -14.826 6.706   1.00 12.40  ? 1425 TYR A N   1 
ATOM   943  C CA  . TYR A 1 134 ? -0.509  -15.321 5.725   1.00 11.86  ? 1425 TYR A CA  1 
ATOM   944  C C   . TYR A 1 134 ? 0.090   -16.533 5.008   1.00 12.61  ? 1425 TYR A C   1 
ATOM   945  O O   . TYR A 1 134 ? -0.557  -17.553 4.800   1.00 12.90  ? 1425 TYR A O   1 
ATOM   946  C CB  . TYR A 1 134 ? -0.924  -14.222 4.729   1.00 12.12  ? 1425 TYR A CB  1 
ATOM   947  C CG  . TYR A 1 134 ? -1.792  -14.723 3.622   1.00 12.23  ? 1425 TYR A CG  1 
ATOM   948  C CD1 . TYR A 1 134 ? -3.126  -14.910 3.860   1.00 13.54  ? 1425 TYR A CD1 1 
ATOM   949  C CD2 . TYR A 1 134 ? -1.282  -15.013 2.376   1.00 14.34  ? 1425 TYR A CD2 1 
ATOM   950  C CE1 . TYR A 1 134 ? -3.969  -15.375 2.875   1.00 14.92  ? 1425 TYR A CE1 1 
ATOM   951  C CE2 . TYR A 1 134 ? -2.121  -15.431 1.374   1.00 14.45  ? 1425 TYR A CE2 1 
ATOM   952  C CZ  . TYR A 1 134 ? -3.448  -15.625 1.628   1.00 15.62  ? 1425 TYR A CZ  1 
ATOM   953  O OH  . TYR A 1 134 ? -4.272  -16.079 0.612   1.00 19.34  ? 1425 TYR A OH  1 
ATOM   954  N N   . LYS A 1 135 ? 1.332   -16.398 4.508   1.00 12.77  ? 1426 LYS A N   1 
ATOM   955  C CA  . LYS A 1 135 ? 1.933   -17.471 3.680   1.00 12.15  ? 1426 LYS A CA  1 
ATOM   956  C C   . LYS A 1 135 ? 2.143   -18.731 4.530   1.00 12.41  ? 1426 LYS A C   1 
ATOM   957  O O   . LYS A 1 135 ? 1.907   -19.816 4.045   1.00 12.94  ? 1426 LYS A O   1 
ATOM   958  C CB  . LYS A 1 135 ? 3.239   -16.977 3.044   1.00 13.67  ? 1426 LYS A CB  1 
ATOM   959  C CG  . LYS A 1 135 ? 3.011   -15.843 2.024   1.00 14.28  ? 1426 LYS A CG  1 
ATOM   960  C CD  . LYS A 1 135 ? 4.313   -15.317 1.409   1.00 16.48  ? 1426 LYS A CD  1 
ATOM   961  C CE  . LYS A 1 135 ? 4.045   -14.325 0.298   1.00 20.07  ? 1426 LYS A CE  1 
ATOM   962  N NZ  . LYS A 1 135 ? 5.287   -13.979 -0.458  1.00 25.24  ? 1426 LYS A NZ  1 
ATOM   963  N N   A SER A 1 136 ? 2.505   -18.534 5.793   0.40 12.82  ? 1427 SER A N   1 
ATOM   964  N N   B SER A 1 136 ? 2.471   -18.577 5.811   0.10 12.77  ? 1427 SER A N   1 
ATOM   965  C CA  A SER A 1 136 ? 2.619   -19.636 6.793   0.40 13.50  ? 1427 SER A CA  1 
ATOM   966  C CA  B SER A 1 136 ? 2.648   -19.732 6.731   0.10 13.01  ? 1427 SER A CA  1 
ATOM   967  C C   A SER A 1 136 ? 1.271   -20.354 6.959   0.40 13.46  ? 1427 SER A C   1 
ATOM   968  C C   B SER A 1 136 ? 1.288   -20.360 7.094   0.10 13.32  ? 1427 SER A C   1 
ATOM   969  O O   A SER A 1 136 ? 1.218   -21.599 6.915   0.40 12.79  ? 1427 SER A O   1 
ATOM   970  O O   B SER A 1 136 ? 1.256   -21.584 7.317   0.10 13.66  ? 1427 SER A O   1 
ATOM   971  C CB  A SER A 1 136 ? 3.130   -19.114 8.100   0.40 14.76  ? 1427 SER A CB  1 
ATOM   972  C CB  B SER A 1 136 ? 3.467   -19.351 7.933   0.10 13.01  ? 1427 SER A CB  1 
ATOM   973  O OG  A SER A 1 136 ? 2.982   -20.092 9.131   0.40 18.56  ? 1427 SER A OG  1 
ATOM   974  O OG  B SER A 1 136 ? 2.756   -18.473 8.787   0.10 13.53  ? 1427 SER A OG  1 
ATOM   975  N N   . ALA A 1 137 ? 0.196   -19.581 7.130   1.00 13.54  ? 1428 ALA A N   1 
ATOM   976  C CA  . ALA A 1 137 ? -1.177  -20.124 7.263   1.00 13.19  ? 1428 ALA A CA  1 
ATOM   977  C C   . ALA A 1 137 ? -1.552  -20.912 6.041   1.00 14.38  ? 1428 ALA A C   1 
ATOM   978  O O   . ALA A 1 137 ? -2.138  -22.011 6.181   1.00 15.26  ? 1428 ALA A O   1 
ATOM   979  C CB  . ALA A 1 137 ? -2.160  -19.009 7.486   1.00 15.34  ? 1428 ALA A CB  1 
ATOM   980  N N   . LEU A 1 138 ? -1.257  -20.460 4.825   1.00 13.65  ? 1429 LEU A N   1 
ATOM   981  C CA  . LEU A 1 138 ? -1.622  -21.205 3.627   1.00 15.48  ? 1429 LEU A CA  1 
ATOM   982  C C   . LEU A 1 138 ? -0.825  -22.512 3.584   1.00 14.18  ? 1429 LEU A C   1 
ATOM   983  O O   . LEU A 1 138 ? -1.376  -23.539 3.178   1.00 15.38  ? 1429 LEU A O   1 
ATOM   984  C CB  . LEU A 1 138 ? -1.366  -20.344 2.400   1.00 21.11  ? 1429 LEU A CB  1 
ATOM   985  C CG  . LEU A 1 138 ? -2.498  -20.147 1.428   1.00 26.85  ? 1429 LEU A CG  1 
ATOM   986  C CD1 . LEU A 1 138 ? -3.831  -19.822 2.064   1.00 24.82  ? 1429 LEU A CD1 1 
ATOM   987  C CD2 . LEU A 1 138 ? -2.059  -19.084 0.447   1.00 24.54  ? 1429 LEU A CD2 1 
ATOM   988  N N   . ARG A 1 139 ? 0.469   -22.453 3.929   1.00 13.00  ? 1430 ARG A N   1 
ATOM   989  C CA  . ARG A 1 139 ? 1.282   -23.667 3.903   1.00 13.31  ? 1430 ARG A CA  1 
ATOM   990  C C   . ARG A 1 139 ? 0.675   -24.665 4.915   1.00 13.24  ? 1430 ARG A C   1 
ATOM   991  O O   . ARG A 1 139 ? 0.626   -25.877 4.600   1.00 14.56  ? 1430 ARG A O   1 
ATOM   992  C CB  . ARG A 1 139 ? 2.750   -23.386 4.227   1.00 13.38  ? 1430 ARG A CB  1 
ATOM   993  C CG  . ARG A 1 139 ? 3.484   -22.604 3.141   1.00 13.48  ? 1430 ARG A CG  1 
ATOM   994  C CD  . ARG A 1 139 ? 4.974   -22.545 3.413   1.00 13.90  ? 1430 ARG A CD  1 
ATOM   995  N NE  . ARG A 1 139 ? 5.365   -21.769 4.547   1.00 14.24  ? 1430 ARG A NE  1 
ATOM   996  C CZ  . ARG A 1 139 ? 5.723   -20.474 4.586   1.00 13.24  ? 1430 ARG A CZ  1 
ATOM   997  N NH1 . ARG A 1 139 ? 5.614   -19.727 3.490   1.00 14.85  ? 1430 ARG A NH1 1 
ATOM   998  N NH2 . ARG A 1 139 ? 6.165   -19.909 5.697   1.00 14.55  ? 1430 ARG A NH2 1 
ATOM   999  N N   . PHE A 1 140 ? 0.288   -24.205 6.118   1.00 12.38  ? 1431 PHE A N   1 
ATOM   1000 C CA  . PHE A 1 140 ? -0.284  -25.108 7.126   1.00 13.10  ? 1431 PHE A CA  1 
ATOM   1001 C C   . PHE A 1 140 ? -1.566  -25.758 6.581   1.00 13.43  ? 1431 PHE A C   1 
ATOM   1002 O O   . PHE A 1 140 ? -1.819  -26.950 6.745   1.00 15.04  ? 1431 PHE A O   1 
ATOM   1003 C CB  . PHE A 1 140 ? -0.502  -24.390 8.447   1.00 13.49  ? 1431 PHE A CB  1 
ATOM   1004 C CG  . PHE A 1 140 ? -0.915  -25.305 9.574   1.00 15.04  ? 1431 PHE A CG  1 
ATOM   1005 C CD1 . PHE A 1 140 ? 0.045   -26.058 10.252  1.00 17.86  ? 1431 PHE A CD1 1 
ATOM   1006 C CD2 . PHE A 1 140 ? -2.238  -25.431 9.953   1.00 15.97  ? 1431 PHE A CD2 1 
ATOM   1007 C CE1 . PHE A 1 140 ? -0.318  -26.909 11.296  1.00 18.18  ? 1431 PHE A CE1 1 
ATOM   1008 C CE2 . PHE A 1 140 ? -2.600  -26.279 10.994  1.00 17.57  ? 1431 PHE A CE2 1 
ATOM   1009 C CZ  . PHE A 1 140 ? -1.635  -27.006 11.652  1.00 17.30  ? 1431 PHE A CZ  1 
ATOM   1010 N N   . HIS A 1 141 ? -2.379  -24.975 5.876   1.00 14.42  ? 1432 HIS A N   1 
ATOM   1011 C CA  . HIS A 1 141 ? -3.665  -25.490 5.329   1.00 14.75  ? 1432 HIS A CA  1 
ATOM   1012 C C   . HIS A 1 141 ? -3.400  -26.609 4.340   1.00 18.13  ? 1432 HIS A C   1 
ATOM   1013 O O   . HIS A 1 141 ? -4.231  -27.578 4.269   1.00 19.66  ? 1432 HIS A O   1 
ATOM   1014 C CB  . HIS A 1 141 ? -4.404  -24.332 4.675   1.00 16.38  ? 1432 HIS A CB  1 
ATOM   1015 C CG  . HIS A 1 141 ? -5.810  -24.690 4.309   1.00 15.95  ? 1432 HIS A CG  1 
ATOM   1016 N ND1 . HIS A 1 141 ? -6.792  -24.854 5.271   1.00 15.30  ? 1432 HIS A ND1 1 
ATOM   1017 C CD2 . HIS A 1 141 ? -6.370  -24.940 3.107   1.00 18.21  ? 1432 HIS A CD2 1 
ATOM   1018 C CE1 . HIS A 1 141 ? -7.945  -25.160 4.650   1.00 15.43  ? 1432 HIS A CE1 1 
ATOM   1019 N NE2 . HIS A 1 141 ? -7.721  -25.191 3.327   1.00 16.90  ? 1432 HIS A NE2 1 
ATOM   1020 N N   . LYS A 1 142 ? -2.314  -26.526 3.587   1.00 20.14  ? 1433 LYS A N   1 
ATOM   1021 C CA  . LYS A 1 142 ? -1.951  -27.538 2.558   1.00 23.16  ? 1433 LYS A CA  1 
ATOM   1022 C C   . LYS A 1 142 ? -0.999  -28.615 3.128   1.00 26.53  ? 1433 LYS A C   1 
ATOM   1023 O O   . LYS A 1 142 ? -0.516  -29.435 2.314   1.00 33.21  ? 1433 LYS A O   1 
ATOM   1024 C CB  . LYS A 1 142 ? -1.458  -26.738 1.341   1.00 29.87  ? 1433 LYS A CB  1 
ATOM   1025 C CG  . LYS A 1 142 ? -2.482  -25.717 0.857   1.00 31.63  ? 1433 LYS A CG  1 
ATOM   1026 C CD  . LYS A 1 142 ? -1.989  -24.554 0.041   1.00 40.55  ? 1433 LYS A CD  1 
ATOM   1027 C CE  . LYS A 1 142 ? -2.880  -23.343 0.227   1.00 44.53  ? 1433 LYS A CE  1 
ATOM   1028 N NZ  . LYS A 1 142 ? -4.218  -23.513 -0.390  1.00 52.23  ? 1433 LYS A NZ  1 
ATOM   1029 N N   . ARG A 1 143 ? -0.755  -28.708 4.436   1.00 24.43  ? 1434 ARG A N   1 
ATOM   1030 C CA  . ARG A 1 143 ? 0.321   -29.538 5.060   1.00 26.53  ? 1434 ARG A CA  1 
ATOM   1031 C C   . ARG A 1 143 ? 0.174   -31.052 4.841   1.00 33.94  ? 1434 ARG A C   1 
ATOM   1032 O O   . ARG A 1 143 ? 1.211   -31.753 4.924   1.00 35.40  ? 1434 ARG A O   1 
ATOM   1033 C CB  . ARG A 1 143 ? 0.477   -29.294 6.556   1.00 25.08  ? 1434 ARG A CB  1 
ATOM   1034 C CG  . ARG A 1 143 ? -0.684  -29.795 7.392   1.00 22.22  ? 1434 ARG A CG  1 
ATOM   1035 C CD  . ARG A 1 143 ? -0.633  -29.281 8.795   1.00 23.93  ? 1434 ARG A CD  1 
ATOM   1036 N NE  . ARG A 1 143 ? -1.747  -29.813 9.574   1.00 22.99  ? 1434 ARG A NE  1 
ATOM   1037 C CZ  . ARG A 1 143 ? -2.992  -29.415 9.529   1.00 22.66  ? 1434 ARG A CZ  1 
ATOM   1038 N NH1 . ARG A 1 143 ? -3.352  -28.446 8.700   1.00 18.31  ? 1434 ARG A NH1 1 
ATOM   1039 N NH2 . ARG A 1 143 ? -3.912  -29.987 10.302  1.00 25.54  ? 1434 ARG A NH2 1 
ATOM   1040 N N   . ASN A 1 144 ? -1.055  -31.559 4.732   1.00 30.29  ? 1435 ASN A N   1 
ATOM   1041 C CA  . ASN A 1 144 ? -1.344  -33.003 4.502   1.00 31.45  ? 1435 ASN A CA  1 
ATOM   1042 C C   . ASN A 1 144 ? -1.868  -33.158 3.072   1.00 33.34  ? 1435 ASN A C   1 
ATOM   1043 O O   . ASN A 1 144 ? -2.728  -32.328 2.697   1.00 35.04  ? 1435 ASN A O   1 
ATOM   1044 C CB  . ASN A 1 144 ? -2.352  -33.581 5.505   1.00 29.94  ? 1435 ASN A CB  1 
ATOM   1045 C CG  . ASN A 1 144 ? -1.906  -33.514 6.952   1.00 29.08  ? 1435 ASN A CG  1 
ATOM   1046 O OD1 . ASN A 1 144 ? -0.878  -34.072 7.331   1.00 28.62  ? 1435 ASN A OD1 1 
ATOM   1047 N ND2 . ASN A 1 144 ? -2.693  -32.845 7.780   1.00 27.05  ? 1435 ASN A ND2 1 
HETATM 1048 N N1  . ZK6 B 2 .   ? -2.303  14.514  -4.778  0.64 44.29  ? 1901 ZK6 A N1  1 
HETATM 1049 N N3  . ZK6 B 2 .   ? 2.099   13.304  -6.710  0.64 36.88  ? 1901 ZK6 A N3  1 
HETATM 1050 C C4  . ZK6 B 2 .   ? -4.574  16.568  -2.713  0.64 48.82  ? 1901 ZK6 A C4  1 
HETATM 1051 C C5  . ZK6 B 2 .   ? -5.789  16.312  -3.303  0.64 47.43  ? 1901 ZK6 A C5  1 
HETATM 1052 C C6  . ZK6 B 2 .   ? -5.856  15.462  -4.386  0.64 47.53  ? 1901 ZK6 A C6  1 
HETATM 1053 C C7  . ZK6 B 2 .   ? -4.709  14.860  -4.882  0.64 46.71  ? 1901 ZK6 A C7  1 
HETATM 1054 C C8  . ZK6 B 2 .   ? 0.378   13.610  -5.027  0.64 38.73  ? 1901 ZK6 A C8  1 
HETATM 1055 C C10 . ZK6 B 2 .   ? 1.465   14.295  -7.585  0.64 38.03  ? 1901 ZK6 A C10 1 
HETATM 1056 C C13 . ZK6 B 2 .   ? 4.469   13.951  -6.893  0.64 30.90  ? 1901 ZK6 A C13 1 
HETATM 1057 C C15 . ZK6 B 2 .   ? 6.369   15.074  -7.185  0.64 29.27  ? 1901 ZK6 A C15 1 
HETATM 1058 C C1  . ZK6 B 2 .   ? -1.511  15.107  -5.727  0.64 43.25  ? 1901 ZK6 A C1  1 
HETATM 1059 C C11 . ZK6 B 2 .   ? 0.719   15.317  -6.748  0.64 39.17  ? 1901 ZK6 A C11 1 
HETATM 1060 C C12 . ZK6 B 2 .   ? 3.408   13.001  -6.617  0.64 33.02  ? 1901 ZK6 A C12 1 
HETATM 1061 C C14 . ZK6 B 2 .   ? 5.817   13.812  -6.871  0.64 30.41  ? 1901 ZK6 A C14 1 
HETATM 1062 C C16 . ZK6 B 2 .   ? 5.301   15.924  -7.383  0.64 31.54  ? 1901 ZK6 A C16 1 
HETATM 1063 C C2  . ZK6 B 2 .   ? -3.484  15.107  -4.280  0.64 45.91  ? 1901 ZK6 A C2  1 
HETATM 1064 C C3  . ZK6 B 2 .   ? -3.419  15.973  -3.200  0.64 47.72  ? 1901 ZK6 A C3  1 
HETATM 1065 C C9  . ZK6 B 2 .   ? 1.108   12.607  -5.893  0.64 38.53  ? 1901 ZK6 A C9  1 
HETATM 1066 N N2  . ZK6 B 2 .   ? -0.221  14.677  -5.827  0.64 39.73  ? 1901 ZK6 A N2  1 
HETATM 1067 O O1  . ZK6 B 2 .   ? -1.961  16.005  -6.443  0.64 40.76  ? 1901 ZK6 A O1  1 
HETATM 1068 O O2  . ZK6 B 2 .   ? 3.742   11.893  -6.208  0.64 32.50  ? 1901 ZK6 A O2  1 
HETATM 1069 O O3  . ZK6 B 2 .   ? 4.133   15.243  -7.197  0.64 29.77  ? 1901 ZK6 A O3  1 
HETATM 1070 O O   . HOH C 3 .   ? 4.826   0.273   -4.149  1.00 114.72 ? 2001 HOH A O   1 
HETATM 1071 O O   . HOH C 3 .   ? -2.659  13.474  -20.385 1.00 36.13  ? 2002 HOH A O   1 
HETATM 1072 O O   . HOH C 3 .   ? 16.154  15.748  -11.243 1.00 22.92  ? 2003 HOH A O   1 
HETATM 1073 O O   . HOH C 3 .   ? -8.790  -18.863 -4.904  1.00 36.21  ? 2004 HOH A O   1 
HETATM 1074 O O   . HOH C 3 .   ? -8.472  13.894  -5.988  1.00 36.47  ? 2005 HOH A O   1 
HETATM 1075 O O   . HOH C 3 .   ? 3.455   15.377  -21.348 1.00 28.23  ? 2006 HOH A O   1 
HETATM 1076 O O   . HOH C 3 .   ? 4.670   -21.829 9.769   1.00 25.67  ? 2007 HOH A O   1 
HETATM 1077 O O   . HOH C 3 .   ? -2.636  10.729  -4.639  0.64 19.43  ? 2008 HOH A O   1 
HETATM 1078 O O   . HOH C 3 .   ? 9.319   9.104   -15.003 1.00 27.44  ? 2009 HOH A O   1 
HETATM 1079 O O   . HOH C 3 .   ? -4.775  -31.666 6.939   1.00 44.38  ? 2010 HOH A O   1 
HETATM 1080 O O   . HOH C 3 .   ? 4.996   16.031  -18.840 0.64 28.66  ? 2011 HOH A O   1 
HETATM 1081 O O   . HOH C 3 .   ? -6.595  -28.275 4.916   1.00 36.90  ? 2012 HOH A O   1 
HETATM 1082 O O   . HOH C 3 .   ? 2.350   10.007  -8.018  0.64 15.21  ? 2013 HOH A O   1 
HETATM 1083 O O   . HOH C 3 .   ? 15.702  11.640  -1.449  0.64 25.77  ? 2014 HOH A O   1 
HETATM 1084 O O   . HOH C 3 .   ? 9.404   15.853  3.269   1.00 33.70  ? 2015 HOH A O   1 
HETATM 1085 O O   . HOH C 3 .   ? -6.423  -3.873  -7.141  1.00 32.48  ? 2016 HOH A O   1 
HETATM 1086 O O   . HOH C 3 .   ? -2.756  16.070  -1.031  1.00 39.25  ? 2017 HOH A O   1 
HETATM 1087 O O   . HOH C 3 .   ? 16.502  5.994   -6.213  1.00 38.76  ? 2018 HOH A O   1 
HETATM 1088 O O   . HOH C 3 .   ? -18.142 -3.809  1.860   1.00 47.13  ? 2019 HOH A O   1 
HETATM 1089 O O   . HOH C 3 .   ? -10.653 -1.203  4.303   1.00 25.99  ? 2020 HOH A O   1 
HETATM 1090 O O   . HOH C 3 .   ? -2.947  13.871  -17.754 1.00 38.43  ? 2021 HOH A O   1 
HETATM 1091 O O   . HOH C 3 .   ? 7.155   -12.865 0.979   1.00 38.30  ? 2022 HOH A O   1 
HETATM 1092 O O   . HOH C 3 .   ? 3.429   -17.056 13.447  1.00 41.51  ? 2023 HOH A O   1 
HETATM 1093 O O   . HOH C 3 .   ? 8.615   6.408   -3.914  1.00 17.62  ? 2024 HOH A O   1 
HETATM 1094 O O   . HOH C 3 .   ? 15.734  7.825   -4.040  1.00 35.76  ? 2025 HOH A O   1 
HETATM 1095 O O   . HOH C 3 .   ? -6.098  3.120   -11.270 1.00 28.48  ? 2026 HOH A O   1 
HETATM 1096 O O   . HOH C 3 .   ? 2.575   -24.957 15.349  1.00 32.10  ? 2027 HOH A O   1 
HETATM 1097 O O   . HOH C 3 .   ? -1.009  8.486   -5.186  1.00 22.17  ? 2028 HOH A O   1 
HETATM 1098 O O   . HOH C 3 .   ? 6.962   0.081   -0.546  1.00 18.01  ? 2029 HOH A O   1 
HETATM 1099 O O   . HOH C 3 .   ? 0.034   18.751  -4.755  0.64 29.84  ? 2030 HOH A O   1 
HETATM 1100 O O   . HOH C 3 .   ? 4.670   3.186   -11.205 1.00 19.42  ? 2031 HOH A O   1 
HETATM 1101 O O   . HOH C 3 .   ? -2.327  -13.615 -4.250  1.00 28.52  ? 2032 HOH A O   1 
HETATM 1102 O O   . HOH C 3 .   ? -9.545  4.759   -7.817  1.00 32.78  ? 2033 HOH A O   1 
HETATM 1103 O O   . HOH C 3 .   ? 11.450  10.918  -11.971 1.00 23.82  ? 2034 HOH A O   1 
HETATM 1104 O O   . HOH C 3 .   ? -6.886  -14.562 14.329  1.00 34.52  ? 2035 HOH A O   1 
HETATM 1105 O O   . HOH C 3 .   ? 1.492   -32.939 7.902   1.00 40.49  ? 2036 HOH A O   1 
HETATM 1106 O O   . HOH C 3 .   ? 8.271   -1.147  14.083  1.00 27.45  ? 2037 HOH A O   1 
HETATM 1107 O O   . HOH C 3 .   ? 2.437   -5.454  11.365  1.00 29.80  ? 2038 HOH A O   1 
HETATM 1108 O O   . HOH C 3 .   ? 12.498  -1.101  9.917   1.00 22.48  ? 2039 HOH A O   1 
HETATM 1109 O O   . HOH C 3 .   ? 5.350   15.350  6.421   1.00 44.15  ? 2040 HOH A O   1 
HETATM 1110 O O   . HOH C 3 .   ? -0.953  7.545   -8.352  0.64 14.66  ? 2041 HOH A O   1 
HETATM 1111 O O   . HOH C 3 .   ? 5.548   -15.153 10.608  1.00 31.65  ? 2042 HOH A O   1 
HETATM 1112 O O   . HOH C 3 .   ? -15.638 -6.831  2.885   1.00 16.87  ? 2043 HOH A O   1 
HETATM 1113 O O   . HOH C 3 .   ? 5.113   -0.706  -8.501  1.00 18.42  ? 2044 HOH A O   1 
HETATM 1114 O O   . HOH C 3 .   ? -5.971  -24.515 7.839   1.00 14.19  ? 2045 HOH A O   1 
HETATM 1115 O O   . HOH C 3 .   ? 7.894   11.094  9.120   1.00 23.64  ? 2046 HOH A O   1 
HETATM 1116 O O   . HOH C 3 .   ? 8.234   -5.657  3.770   1.00 17.17  ? 2047 HOH A O   1 
HETATM 1117 O O   . HOH C 3 .   ? -1.937  18.837  3.393   1.00 41.23  ? 2048 HOH A O   1 
HETATM 1118 O O   . HOH C 3 .   ? -18.422 -5.560  -2.315  1.00 27.60  ? 2049 HOH A O   1 
HETATM 1119 O O   . HOH C 3 .   ? 8.726   3.154   11.615  1.00 16.19  ? 2050 HOH A O   1 
HETATM 1120 O O   . HOH C 3 .   ? -12.680 -7.095  8.133   1.00 29.80  ? 2051 HOH A O   1 
HETATM 1121 O O   . HOH C 3 .   ? -4.292  -10.257 14.001  1.00 47.92  ? 2052 HOH A O   1 
HETATM 1122 O O   . HOH C 3 .   ? -5.460  6.937   -7.748  1.00 17.78  ? 2053 HOH A O   1 
HETATM 1123 O O   . HOH C 3 .   ? -3.852  2.930   -18.419 1.00 45.17  ? 2054 HOH A O   1 
HETATM 1124 O O   . HOH C 3 .   ? -1.071  -2.971  -8.996  1.00 28.20  ? 2055 HOH A O   1 
HETATM 1125 O O   . HOH C 3 .   ? -16.787 -4.646  -6.092  1.00 32.29  ? 2056 HOH A O   1 
HETATM 1126 O O   . HOH C 3 .   ? -1.674  -4.198  11.507  1.00 25.67  ? 2057 HOH A O   1 
HETATM 1127 O O   . HOH C 3 .   ? -6.922  -16.702 1.066   1.00 34.36  ? 2058 HOH A O   1 
HETATM 1128 O O   . HOH C 3 .   ? -4.024  -22.589 8.189   1.00 16.14  ? 2059 HOH A O   1 
HETATM 1129 O O   . HOH C 3 .   ? 8.340   -11.583 8.810   1.00 20.66  ? 2060 HOH A O   1 
HETATM 1130 O O   . HOH C 3 .   ? -12.965 -4.545  -8.266  0.64 21.58  ? 2061 HOH A O   1 
HETATM 1131 O O   . HOH C 3 .   ? -3.363  -16.718 -1.922  1.00 26.33  ? 2062 HOH A O   1 
HETATM 1132 O O   . HOH C 3 .   ? -1.834  13.440  11.487  1.00 29.44  ? 2063 HOH A O   1 
HETATM 1133 O O   . HOH C 3 .   ? 7.487   -10.855 4.770   1.00 20.97  ? 2064 HOH A O   1 
HETATM 1134 O O   . HOH C 3 .   ? -9.261  -10.327 9.301   1.00 14.13  ? 2065 HOH A O   1 
HETATM 1135 O O   . HOH C 3 .   ? 4.660   -12.417 -2.668  1.00 31.53  ? 2066 HOH A O   1 
HETATM 1136 O O   . HOH C 3 .   ? 5.446   -23.499 6.724   1.00 18.80  ? 2067 HOH A O   1 
HETATM 1137 O O   . HOH C 3 .   ? -7.963  -6.282  -6.634  1.00 23.43  ? 2068 HOH A O   1 
HETATM 1138 O O   . HOH C 3 .   ? -2.546  14.163  9.072   1.00 40.35  ? 2069 HOH A O   1 
HETATM 1139 O O   . HOH C 3 .   ? -4.818  17.223  -18.686 1.00 30.67  ? 2070 HOH A O   1 
HETATM 1140 O O   . HOH C 3 .   ? -2.294  6.779   -19.062 1.00 36.37  ? 2071 HOH A O   1 
HETATM 1141 O O   . HOH C 3 .   ? 1.941   -19.805 1.253   1.00 19.35  ? 2072 HOH A O   1 
HETATM 1142 O O   . HOH C 3 .   ? 10.189  2.505   -1.909  1.00 28.12  ? 2073 HOH A O   1 
HETATM 1143 O O   . HOH C 3 .   ? -8.769  -1.616  -7.105  1.00 27.64  ? 2074 HOH A O   1 
HETATM 1144 O O   . HOH C 3 .   ? 2.521   -27.239 3.060   1.00 29.74  ? 2075 HOH A O   1 
HETATM 1145 O O   . HOH C 3 .   ? 2.969   -8.302  -3.730  1.00 21.62  ? 2076 HOH A O   1 
HETATM 1146 O O   . HOH C 3 .   ? 9.887   -5.325  9.906   1.00 27.81  ? 2077 HOH A O   1 
HETATM 1147 O O   . HOH C 3 .   ? 3.119   -23.538 8.083   1.00 16.50  ? 2078 HOH A O   1 
HETATM 1148 O O   . HOH C 3 .   ? 18.890  16.721  -0.283  1.00 45.39  ? 2079 HOH A O   1 
HETATM 1149 O O   . HOH C 3 .   ? 7.388   0.711   -5.200  1.00 15.70  ? 2080 HOH A O   1 
HETATM 1150 O O   . HOH C 3 .   ? 1.342   16.452  5.375   1.00 26.17  ? 2081 HOH A O   1 
HETATM 1151 O O   . HOH C 3 .   ? -14.608 -9.666  5.582   1.00 18.85  ? 2082 HOH A O   1 
HETATM 1152 O O   . HOH C 3 .   ? 6.166   -6.638  10.410  1.00 21.37  ? 2083 HOH A O   1 
HETATM 1153 O O   . HOH C 3 .   ? 3.370   -2.647  -7.768  1.00 16.62  ? 2084 HOH A O   1 
HETATM 1154 O O   . HOH C 3 .   ? -1.526  -12.328 8.163   1.00 13.73  ? 2085 HOH A O   1 
HETATM 1155 O O   . HOH C 3 .   ? 12.099  3.988   1.567   1.00 25.84  ? 2086 HOH A O   1 
HETATM 1156 O O   . HOH C 3 .   ? 11.496  -0.481  6.111   1.00 22.94  ? 2087 HOH A O   1 
HETATM 1157 O O   . HOH C 3 .   ? 8.590   -8.910  10.216  1.00 28.40  ? 2088 HOH A O   1 
HETATM 1158 O O   . HOH C 3 .   ? -3.087  -5.748  -6.803  1.00 22.36  ? 2089 HOH A O   1 
HETATM 1159 O O   . HOH C 3 .   ? -6.589  -10.106 12.311  1.00 22.70  ? 2090 HOH A O   1 
HETATM 1160 O O   . HOH C 3 .   ? -6.616  6.861   10.865  1.00 21.54  ? 2091 HOH A O   1 
HETATM 1161 O O   . HOH C 3 .   ? -2.286  -15.699 10.388  1.00 18.55  ? 2092 HOH A O   1 
HETATM 1162 O O   . HOH C 3 .   ? 12.784  10.757  2.593   1.00 19.64  ? 2093 HOH A O   1 
HETATM 1163 O O   . HOH C 3 .   ? -3.734  -30.230 5.190   1.00 36.27  ? 2094 HOH A O   1 
HETATM 1164 O O   . HOH C 3 .   ? -1.421  16.649  11.680  1.00 25.76  ? 2095 HOH A O   1 
HETATM 1165 O O   . HOH C 3 .   ? 8.916   6.438   8.246   1.00 18.90  ? 2096 HOH A O   1 
HETATM 1166 O O   . HOH C 3 .   ? -6.075  11.206  7.546   0.64 23.02  ? 2097 HOH A O   1 
HETATM 1167 O O   . HOH C 3 .   ? -10.565 -7.567  0.300   1.00 13.67  ? 2098 HOH A O   1 
HETATM 1168 O O   . HOH C 3 .   ? 10.979  1.224   1.634   1.00 21.59  ? 2099 HOH A O   1 
HETATM 1169 O O   . HOH C 3 .   ? 2.759   11.975  11.483  1.00 34.76  ? 2100 HOH A O   1 
HETATM 1170 O O   . HOH C 3 .   ? 9.044   4.360   -10.496 1.00 24.67  ? 2101 HOH A O   1 
HETATM 1171 O O   . HOH C 3 .   ? -11.798 -2.485  15.355  1.00 44.62  ? 2102 HOH A O   1 
HETATM 1172 O O   . HOH C 3 .   ? 13.449  12.089  5.045   1.00 18.51  ? 2103 HOH A O   1 
HETATM 1173 O O   . HOH C 3 .   ? 1.495   3.494   -13.270 1.00 18.70  ? 2104 HOH A O   1 
HETATM 1174 O O   . HOH C 3 .   ? -8.556  1.188   7.292   1.00 28.26  ? 2105 HOH A O   1 
HETATM 1175 O O   . HOH C 3 .   ? 6.395   8.033   7.299   1.00 22.06  ? 2106 HOH A O   1 
HETATM 1176 O O   . HOH C 3 .   ? 4.502   -6.386  -4.822  1.00 17.49  ? 2107 HOH A O   1 
HETATM 1177 O O   . HOH C 3 .   ? -13.956 -2.272  -5.355  1.00 47.92  ? 2108 HOH A O   1 
HETATM 1178 O O   . HOH C 3 .   ? 11.330  -9.740  7.478   1.00 40.84  ? 2109 HOH A O   1 
HETATM 1179 O O   . HOH C 3 .   ? -1.587  -13.471 11.893  1.00 19.24  ? 2110 HOH A O   1 
HETATM 1180 O O   . HOH C 3 .   ? -3.680  8.919   -8.312  1.00 18.88  ? 2111 HOH A O   1 
HETATM 1181 O O   . HOH C 3 .   ? 10.411  -5.596  7.825   1.00 33.81  ? 2112 HOH A O   1 
HETATM 1182 O O   . HOH C 3 .   ? -5.898  -27.018 8.914   1.00 22.81  ? 2113 HOH A O   1 
HETATM 1183 O O   . HOH C 3 .   ? -9.324  -13.488 10.777  1.00 19.50  ? 2114 HOH A O   1 
HETATM 1184 O O   . HOH C 3 .   ? -5.610  21.787  -15.982 0.64 37.10  ? 2115 HOH A O   1 
HETATM 1185 O O   . HOH C 3 .   ? -4.022  -2.068  -9.685  1.00 39.38  ? 2116 HOH A O   1 
HETATM 1186 O O   . HOH C 3 .   ? -9.059  -14.117 3.451   1.00 21.07  ? 2117 HOH A O   1 
HETATM 1187 O O   . HOH C 3 .   ? -4.712  1.291   13.605  1.00 29.78  ? 2118 HOH A O   1 
HETATM 1188 O O   . HOH C 3 .   ? 4.269   11.037  8.991   0.64 20.64  ? 2119 HOH A O   1 
HETATM 1189 O O   . HOH C 3 .   ? -10.359 -2.668  11.722  1.00 37.61  ? 2120 HOH A O   1 
HETATM 1190 O O   . HOH C 3 .   ? -9.917  -17.204 2.803   1.00 22.60  ? 2121 HOH A O   1 
HETATM 1191 O O   . HOH C 3 .   ? 3.125   -7.467  -11.225 1.00 30.92  ? 2122 HOH A O   1 
HETATM 1192 O O   . HOH C 3 .   ? 4.604   -20.215 0.754   1.00 20.24  ? 2123 HOH A O   1 
HETATM 1193 O O   . HOH C 3 .   ? 1.294   8.184   -6.094  0.64 15.76  ? 2124 HOH A O   1 
HETATM 1194 O O   . HOH C 3 .   ? 0.660   6.505   12.576  1.00 32.16  ? 2125 HOH A O   1 
HETATM 1195 O O   . HOH C 3 .   ? -4.677  -14.199 -5.717  1.00 28.63  ? 2126 HOH A O   1 
HETATM 1196 O O   . HOH C 3 .   ? -3.671  -14.120 7.404   1.00 13.25  ? 2127 HOH A O   1 
HETATM 1197 O O   . HOH C 3 .   ? -11.213 9.110   -3.245  0.64 30.16  ? 2128 HOH A O   1 
HETATM 1198 O O   . HOH C 3 .   ? -10.869 6.407   -4.219  1.00 33.36  ? 2129 HOH A O   1 
HETATM 1199 O O   . HOH C 3 .   ? -10.000 -12.224 5.282   1.00 16.48  ? 2130 HOH A O   1 
HETATM 1200 O O   . HOH C 3 .   ? 13.021  4.693   -4.358  1.00 26.74  ? 2131 HOH A O   1 
HETATM 1201 O O   . HOH C 3 .   ? 3.120   18.040  6.163   1.00 38.22  ? 2132 HOH A O   1 
HETATM 1202 O O   . HOH C 3 .   ? -8.358  14.734  -10.523 1.00 34.55  ? 2133 HOH A O   1 
HETATM 1203 O O   . HOH C 3 .   ? 6.947   17.933  -4.141  1.00 20.92  ? 2134 HOH A O   1 
HETATM 1204 O O   . HOH C 3 .   ? -8.094  17.903  -4.925  0.64 35.78  ? 2135 HOH A O   1 
HETATM 1205 O O   . HOH C 3 .   ? -4.317  13.244  -1.419  0.64 20.18  ? 2136 HOH A O   1 
HETATM 1206 O O   . HOH C 3 .   ? -11.593 4.729   1.303   1.00 33.38  ? 2137 HOH A O   1 
HETATM 1207 O O   . HOH C 3 .   ? -9.760  8.336   7.041   1.00 33.15  ? 2138 HOH A O   1 
HETATM 1208 O O   . HOH C 3 .   ? -5.002  10.438  -10.497 1.00 25.76  ? 2139 HOH A O   1 
HETATM 1209 O O   . HOH C 3 .   ? -3.317  -16.857 13.476  1.00 26.03  ? 2140 HOH A O   1 
HETATM 1210 O O   . HOH C 3 .   ? -10.617 6.620   2.967   1.00 39.14  ? 2141 HOH A O   1 
HETATM 1211 O O   . HOH C 3 .   ? -6.763  14.437  4.767   1.00 30.82  ? 2142 HOH A O   1 
HETATM 1212 O O   . HOH C 3 .   ? 8.008   -8.521  0.422   1.00 25.79  ? 2143 HOH A O   1 
HETATM 1213 O O   . HOH C 3 .   ? 3.301   4.345   -15.261 1.00 28.17  ? 2144 HOH A O   1 
HETATM 1214 O O   . HOH C 3 .   ? 0.974   -9.934  11.163  1.00 32.48  ? 2145 HOH A O   1 
HETATM 1215 O O   . HOH C 3 .   ? 10.074  19.609  -7.187  1.00 41.39  ? 2146 HOH A O   1 
HETATM 1216 O O   . HOH C 3 .   ? 5.916   -17.270 9.804   1.00 41.85  ? 2147 HOH A O   1 
HETATM 1217 O O   . HOH C 3 .   ? 10.483  -9.341  4.638   1.00 47.75  ? 2148 HOH A O   1 
HETATM 1218 O O   . HOH C 3 .   ? 7.990   -5.036  -4.427  1.00 157.37 ? 2149 HOH A O   1 
HETATM 1219 O O   . HOH C 3 .   ? 14.720  11.580  1.010   1.00 26.11  ? 2150 HOH A O   1 
HETATM 1220 O O   . HOH C 3 .   ? 9.209   2.652   -5.920  1.00 18.99  ? 2151 HOH A O   1 
HETATM 1221 O O   . HOH C 3 .   ? -12.454 -3.507  17.824  1.00 27.21  ? 2152 HOH A O   1 
HETATM 1222 O O   . HOH C 3 .   ? 4.142   -9.525  -1.620  1.00 28.19  ? 2153 HOH A O   1 
HETATM 1223 O O   . HOH C 3 .   ? 0.010   -10.149 -5.936  1.00 29.10  ? 2154 HOH A O   1 
HETATM 1224 O O   . HOH C 3 .   ? 11.241  -3.530  6.197   1.00 36.79  ? 2155 HOH A O   1 
HETATM 1225 O O   . HOH C 3 .   ? 2.711   -26.385 7.678   1.00 16.59  ? 2156 HOH A O   1 
HETATM 1226 O O   . HOH C 3 .   ? -4.705  4.915   13.868  1.00 42.84  ? 2157 HOH A O   1 
HETATM 1227 O O   . HOH C 3 .   ? 0.777   -22.203 0.221   1.00 31.91  ? 2158 HOH A O   1 
HETATM 1228 O O   . HOH C 3 .   ? 13.074  6.383   5.067   1.00 26.64  ? 2159 HOH A O   1 
HETATM 1229 O O   . HOH C 3 .   ? -5.669  13.395  8.984   1.00 30.60  ? 2160 HOH A O   1 
HETATM 1230 O O   . HOH C 3 .   ? 3.936   -27.504 5.485   1.00 35.40  ? 2161 HOH A O   1 
HETATM 1231 O O   . HOH C 3 .   ? -8.885  4.316   14.107  1.00 30.61  ? 2162 HOH A O   1 
HETATM 1232 O O   . HOH C 3 .   ? 5.682   13.148  9.830   1.00 42.17  ? 2163 HOH A O   1 
HETATM 1233 O O   . HOH C 3 .   ? 3.172   -16.909 -1.811  1.00 48.60  ? 2164 HOH A O   1 
HETATM 1234 O O   . HOH C 3 .   ? 11.004  5.788   -11.814 1.00 28.54  ? 2165 HOH A O   1 
HETATM 1235 O O   . HOH C 3 .   ? -7.197  15.069  7.367   1.00 31.03  ? 2166 HOH A O   1 
HETATM 1236 O O   . HOH C 3 .   ? 1.777   0.672   -13.696 1.00 37.67  ? 2167 HOH A O   1 
HETATM 1237 O O   . HOH C 3 .   ? 8.479   -0.137  -2.834  1.00 23.04  ? 2168 HOH A O   1 
HETATM 1238 O O   . HOH C 3 .   ? 3.220   0.778   -21.930 0.64 39.97  ? 2169 HOH A O   1 
HETATM 1239 O O   . HOH C 3 .   ? 7.784   -13.447 11.352  1.00 27.58  ? 2170 HOH A O   1 
HETATM 1240 O O   . HOH C 3 .   ? 3.135   -4.642  -11.983 1.00 32.38  ? 2171 HOH A O   1 
HETATM 1241 O O   . HOH C 3 .   ? 5.952   -7.600  14.411  1.00 38.32  ? 2172 HOH A O   1 
HETATM 1242 O O   . HOH C 3 .   ? 8.155   -8.437  3.315   1.00 19.58  ? 2173 HOH A O   1 
HETATM 1243 O O   . HOH C 3 .   ? 10.265  4.200   -3.883  1.00 16.98  ? 2174 HOH A O   1 
HETATM 1244 O O   . HOH C 3 .   ? -2.759  -0.263  14.829  1.00 41.81  ? 2175 HOH A O   1 
HETATM 1245 O O   . HOH C 3 .   ? -7.594  6.740   -9.555  1.00 31.06  ? 2176 HOH A O   1 
HETATM 1246 O O   . HOH C 3 .   ? -8.963  0.598   15.453  1.00 44.68  ? 2177 HOH A O   1 
HETATM 1247 O O   . HOH C 3 .   ? 13.951  8.071   3.179   1.00 38.71  ? 2178 HOH A O   1 
HETATM 1248 O O   . HOH C 3 .   ? -9.085  -10.945 12.115  1.00 24.00  ? 2179 HOH A O   1 
HETATM 1249 O O   . HOH C 3 .   ? 16.802  9.552   -2.442  1.00 35.81  ? 2180 HOH A O   1 
HETATM 1250 O O   . HOH C 3 .   ? -11.812 -9.601  8.645   1.00 21.27  ? 2181 HOH A O   1 
HETATM 1251 O O   . HOH C 3 .   ? 1.695   -2.972  -10.055 1.00 27.10  ? 2182 HOH A O   1 
HETATM 1252 O O   . HOH C 3 .   ? 14.918  4.563   -2.439  1.00 37.75  ? 2183 HOH A O   1 
HETATM 1253 O O   . HOH C 3 .   ? 0.947   -3.026  11.486  1.00 34.72  ? 2184 HOH A O   1 
HETATM 1254 O O   . HOH C 3 .   ? -0.040  -12.547 -5.494  1.00 43.24  ? 2185 HOH A O   1 
HETATM 1255 O O   . HOH C 3 .   ? 12.446  -2.236  7.585   1.00 32.77  ? 2186 HOH A O   1 
HETATM 1256 O O   . HOH C 3 .   ? -12.316 -12.672 6.050   0.50 74.20  ? 2187 HOH A O   1 
HETATM 1257 O O   . HOH C 3 .   ? 2.051   -24.635 0.211   1.00 43.55  ? 2188 HOH A O   1 
HETATM 1258 O O   . HOH C 3 .   ? -6.454  9.560   12.582  1.00 31.21  ? 2189 HOH A O   1 
HETATM 1259 O O   . HOH C 3 .   ? 12.048  -0.501  3.116   1.00 31.32  ? 2190 HOH A O   1 
HETATM 1260 O O   . HOH C 3 .   ? 2.872   8.581   12.955  1.00 38.35  ? 2191 HOH A O   1 
HETATM 1261 O O   . HOH C 3 .   ? -8.408  0.041   -8.761  1.00 35.66  ? 2192 HOH A O   1 
HETATM 1262 O O   . HOH C 3 .   ? -7.173  9.218   -11.301 0.64 31.11  ? 2193 HOH A O   1 
HETATM 1263 O O   . HOH C 3 .   ? 8.089   -9.153  13.101  1.00 42.12  ? 2194 HOH A O   1 
HETATM 1264 O O   . HOH C 3 .   ? 5.368   -22.428 -0.476  1.00 35.79  ? 2195 HOH A O   1 
HETATM 1265 O O   . HOH C 3 .   ? -10.614 11.388  -8.604  0.64 35.41  ? 2196 HOH A O   1 
HETATM 1266 O O   . HOH C 3 .   ? -10.495 -3.298  19.561  1.00 28.11  ? 2197 HOH A O   1 
HETATM 1267 O O   . HOH C 3 .   ? 14.415  4.341   0.327   1.00 38.63  ? 2198 HOH A O   1 
# 
